data_4BVW
# 
_entry.id   4BVW 
# 
_audit_conform.dict_name       mmcif_pdbx.dic 
_audit_conform.dict_version    5.397 
_audit_conform.dict_location   http://mmcif.pdb.org/dictionaries/ascii/mmcif_pdbx.dic 
# 
loop_
_database_2.database_id 
_database_2.database_code 
_database_2.pdbx_database_accession 
_database_2.pdbx_DOI 
PDB   4BVW         pdb_00004bvw 10.2210/pdb4bvw/pdb 
PDBE  EBI-57517    ?            ?                   
WWPDB D_1290057517 ?            ?                   
# 
loop_
_pdbx_audit_revision_history.ordinal 
_pdbx_audit_revision_history.data_content_type 
_pdbx_audit_revision_history.major_revision 
_pdbx_audit_revision_history.minor_revision 
_pdbx_audit_revision_history.revision_date 
1 'Structure model' 1 0 2014-07-16 
2 'Structure model' 1 1 2023-12-20 
3 'Structure model' 1 2 2024-10-23 
# 
_pdbx_audit_revision_details.ordinal             1 
_pdbx_audit_revision_details.revision_ordinal    1 
_pdbx_audit_revision_details.data_content_type   'Structure model' 
_pdbx_audit_revision_details.provider            repository 
_pdbx_audit_revision_details.type                'Initial release' 
_pdbx_audit_revision_details.description         ? 
_pdbx_audit_revision_details.details             ? 
# 
loop_
_pdbx_audit_revision_group.ordinal 
_pdbx_audit_revision_group.revision_ordinal 
_pdbx_audit_revision_group.data_content_type 
_pdbx_audit_revision_group.group 
1 2 'Structure model' 'Data collection'        
2 2 'Structure model' 'Database references'    
3 2 'Structure model' 'Derived calculations'   
4 2 'Structure model' Other                    
5 2 'Structure model' 'Refinement description' 
6 3 'Structure model' 'Structure summary'      
# 
loop_
_pdbx_audit_revision_category.ordinal 
_pdbx_audit_revision_category.revision_ordinal 
_pdbx_audit_revision_category.data_content_type 
_pdbx_audit_revision_category.category 
1 2 'Structure model' chem_comp_atom                
2 2 'Structure model' chem_comp_bond                
3 2 'Structure model' database_2                    
4 2 'Structure model' pdbx_database_status          
5 2 'Structure model' pdbx_initial_refinement_model 
6 2 'Structure model' struct_site                   
7 3 'Structure model' pdbx_entry_details            
8 3 'Structure model' pdbx_modification_feature     
# 
loop_
_pdbx_audit_revision_item.ordinal 
_pdbx_audit_revision_item.revision_ordinal 
_pdbx_audit_revision_item.data_content_type 
_pdbx_audit_revision_item.item 
1 2 'Structure model' '_database_2.pdbx_DOI'                         
2 2 'Structure model' '_database_2.pdbx_database_accession'          
3 2 'Structure model' '_pdbx_database_status.status_code_sf'         
4 2 'Structure model' '_struct_site.pdbx_auth_asym_id'               
5 2 'Structure model' '_struct_site.pdbx_auth_comp_id'               
6 2 'Structure model' '_struct_site.pdbx_auth_seq_id'                
7 3 'Structure model' '_pdbx_entry_details.has_protein_modification' 
# 
_pdbx_database_status.status_code                     REL 
_pdbx_database_status.entry_id                        4BVW 
_pdbx_database_status.deposit_site                    PDBE 
_pdbx_database_status.process_site                    PDBE 
_pdbx_database_status.SG_entry                        . 
_pdbx_database_status.recvd_initial_deposition_date   2013-06-28 
_pdbx_database_status.pdb_format_compatible           Y 
_pdbx_database_status.status_code_sf                  REL 
_pdbx_database_status.status_code_mr                  ? 
_pdbx_database_status.status_code_cs                  ? 
_pdbx_database_status.methods_development_category    ? 
_pdbx_database_status.status_code_nmr_data            ? 
# 
loop_
_pdbx_database_related.db_name 
_pdbx_database_related.db_id 
_pdbx_database_related.content_type 
_pdbx_database_related.details 
PDB 4BV5 unspecified 'IDENTIFICATION OF SMALL MOLECULE INHIBITORS SELECTIVE FOR APO(A) KRINGLES KIV-7, KIV-10 AND KV.' 
PDB 4BV7 unspecified 'IDENTIFICATION OF SMALL MOLECULE INHIBITORS SELECTIVE FOR APO(A) KRINGLES KIV-7, KIV-10 AND KV.' 
PDB 4BVC unspecified 'IDENTIFICATION OF SMALL MOLECULE INHIBITORS SELECTIVE FOR APO(A) KRINGLES KIV-7, KIV-10 AND KV.' 
PDB 4BVD unspecified 'IDENTIFICATION OF SMALL MOLECULE INHIBITORS SELECTIVE FOR APO(A) KRINGLES KIV-7, KIV-10 AND KV.' 
PDB 4BVV unspecified 'IDENTIFICATION OF SMALL MOLECULE INHIBITORS SELECTIVE FOR APO(A) KRINGLES KIV-7, KIV-10 AND KV.' 
# 
loop_
_audit_author.name 
_audit_author.pdbx_ordinal 
'Sandmark, J.'           1  
'Althage, M.'            2  
'Andersson, G.M.K.'      3  
'Antonsson, T.'          4  
'Blaho, S.'              5  
'Bodin, C.'              6  
'Bostrom, J.'            7  
'Chen, Y.'               8  
'Dahlen, A.'             9  
'Eriksson, P.O.'         10 
'Evertsson, E.'          11 
'Fex, T.'                12 
'Fjellstrom, O.'         13 
'Gustafsson, D.'         14 
'Hallberg, C.'           15 
'Hicks, R.'              16 
'Jarkvist, E.'           17 
'Johansson, C.'          18 
'Kalies, I.'             19 
'Kang, D.'               20 
'Svalstedt Karlsson, B.' 21 
'Kartberg, F.'           22 
'Legnehed, A.'           23 
'Lindqvist, A.M.'        24 
'Martinsson, S.A.'       25 
'Moberg, A.'             26 
'Petersson, A.U.'        27 
'Ridderstrom, M.'        28 
'Thelin, A.'             29 
'Tigerstrom, A.'         30 
'Vinblad, J.'            31 
'Xu, B.'                 32 
'Knecht, W.'             33 
# 
_citation.id                        primary 
_citation.title                     
'Small Molecules Used to Decipher the Pathophysiological Roles of the Kringle Domains Kiv-7, - 10 and Kv of Apolipoprotein(A)' 
_citation.journal_abbrev            'To be Published' 
_citation.journal_volume            ? 
_citation.page_first                ? 
_citation.page_last                 ? 
_citation.year                      ? 
_citation.journal_id_ASTM           ? 
_citation.country                   ? 
_citation.journal_id_ISSN           ? 
_citation.journal_id_CSD            0353 
_citation.book_publisher            ? 
_citation.pdbx_database_id_PubMed   ? 
_citation.pdbx_database_id_DOI      ? 
# 
loop_
_citation_author.citation_id 
_citation_author.name 
_citation_author.ordinal 
_citation_author.identifier_ORCID 
primary 'Sandmark, J.'           1  ? 
primary 'Althage, M.'            2  ? 
primary 'Andersson, G.M.K.'      3  ? 
primary 'Antonsson, T.'          4  ? 
primary 'Blaho, S.'              5  ? 
primary 'Bodin, C.'              6  ? 
primary 'Bostrom, J.'            7  ? 
primary 'Chen, Y.'               8  ? 
primary 'Dahlen, A.'             9  ? 
primary 'Eriksson, P.O.'         10 ? 
primary 'Evertsson, E.'          11 ? 
primary 'Fex, T.'                12 ? 
primary 'Fjellstrom, O.'         13 ? 
primary 'Gustafsson, D.'         14 ? 
primary 'Hallberg, C.'           15 ? 
primary 'Hicks, R.'              16 ? 
primary 'Jarkvist, E.'           17 ? 
primary 'Johansson, C.'          18 ? 
primary 'Kalies, I.'             19 ? 
primary 'Kang, D.'               20 ? 
primary 'Svalstedt Karlsson, B.' 21 ? 
primary 'Kartberg, F.'           22 ? 
primary 'Legnehed, A.'           23 ? 
primary 'Lindqvist, A.M.'        24 ? 
primary 'Martinsson, S.A.'       25 ? 
primary 'Moberg, A.'             26 ? 
primary 'Petersson, A.U.'        27 ? 
primary 'Ridderstrom, M.'        28 ? 
primary 'Thelin, A.'             29 ? 
primary 'Tigerstrom, A.'         30 ? 
primary 'Vinblad, J.'            31 ? 
primary 'Xu, B.'                 32 ? 
primary 'Knecht, W.'             33 ? 
# 
loop_
_entity.id 
_entity.type 
_entity.src_method 
_entity.pdbx_description 
_entity.formula_weight 
_entity.pdbx_number_of_molecules 
_entity.pdbx_ec 
_entity.pdbx_mutation 
_entity.pdbx_fragment 
_entity.details 
1 polymer     man 'APOLIPOPROTEIN(A)'                                11296.453 2   3.4.21.- YES 
'KRINGLE DOMAIN IV-7, RESIDUES 3781-3859' ? 
2 non-polymer syn 'CHLORIDE ION'                                     35.453    4   ?        ?   ? ? 
3 non-polymer syn '1,2,3,4-tetrahydroisoquinoline-6-carboxylic acid' 177.200   2   ?        ?   ? ? 
4 non-polymer syn 1,2-ETHANEDIOL                                     62.068    1   ?        ?   ? ? 
5 water       nat water                                              18.015    112 ?        ?   ? ? 
# 
_entity_name_com.entity_id   1 
_entity_name_com.name        'APO(A), LP(A), APOLIPOPROTEIN A' 
# 
_entity_poly.entity_id                      1 
_entity_poly.type                           'polypeptide(L)' 
_entity_poly.nstd_linkage                   no 
_entity_poly.nstd_monomer                   no 
_entity_poly.pdbx_seq_one_letter_code       
;SIAAKEEGVSLEKRSIARSDCYHGDGQSYRGSFSTTVTGRTCQSWSSMTPHWHQRTTEYYPNGGLTRNYCRNPDAEIRPW
CYTMDPSVRWEYCALTQC
;
_entity_poly.pdbx_seq_one_letter_code_can   
;SIAAKEEGVSLEKRSIARSDCYHGDGQSYRGSFSTTVTGRTCQSWSSMTPHWHQRTTEYYPNGGLTRNYCRNPDAEIRPW
CYTMDPSVRWEYCALTQC
;
_entity_poly.pdbx_strand_id                 A,B 
_entity_poly.pdbx_target_identifier         ? 
# 
loop_
_pdbx_entity_nonpoly.entity_id 
_pdbx_entity_nonpoly.name 
_pdbx_entity_nonpoly.comp_id 
2 'CHLORIDE ION'                                     CL  
3 '1,2,3,4-tetrahydroisoquinoline-6-carboxylic acid' HKY 
4 1,2-ETHANEDIOL                                     EDO 
5 water                                              HOH 
# 
loop_
_entity_poly_seq.entity_id 
_entity_poly_seq.num 
_entity_poly_seq.mon_id 
_entity_poly_seq.hetero 
1 1  SER n 
1 2  ILE n 
1 3  ALA n 
1 4  ALA n 
1 5  LYS n 
1 6  GLU n 
1 7  GLU n 
1 8  GLY n 
1 9  VAL n 
1 10 SER n 
1 11 LEU n 
1 12 GLU n 
1 13 LYS n 
1 14 ARG n 
1 15 SER n 
1 16 ILE n 
1 17 ALA n 
1 18 ARG n 
1 19 SER n 
1 20 ASP n 
1 21 CYS n 
1 22 TYR n 
1 23 HIS n 
1 24 GLY n 
1 25 ASP n 
1 26 GLY n 
1 27 GLN n 
1 28 SER n 
1 29 TYR n 
1 30 ARG n 
1 31 GLY n 
1 32 SER n 
1 33 PHE n 
1 34 SER n 
1 35 THR n 
1 36 THR n 
1 37 VAL n 
1 38 THR n 
1 39 GLY n 
1 40 ARG n 
1 41 THR n 
1 42 CYS n 
1 43 GLN n 
1 44 SER n 
1 45 TRP n 
1 46 SER n 
1 47 SER n 
1 48 MET n 
1 49 THR n 
1 50 PRO n 
1 51 HIS n 
1 52 TRP n 
1 53 HIS n 
1 54 GLN n 
1 55 ARG n 
1 56 THR n 
1 57 THR n 
1 58 GLU n 
1 59 TYR n 
1 60 TYR n 
1 61 PRO n 
1 62 ASN n 
1 63 GLY n 
1 64 GLY n 
1 65 LEU n 
1 66 THR n 
1 67 ARG n 
1 68 ASN n 
1 69 TYR n 
1 70 CYS n 
1 71 ARG n 
1 72 ASN n 
1 73 PRO n 
1 74 ASP n 
1 75 ALA n 
1 76 GLU n 
1 77 ILE n 
1 78 ARG n 
1 79 PRO n 
1 80 TRP n 
1 81 CYS n 
1 82 TYR n 
1 83 THR n 
1 84 MET n 
1 85 ASP n 
1 86 PRO n 
1 87 SER n 
1 88 VAL n 
1 89 ARG n 
1 90 TRP n 
1 91 GLU n 
1 92 TYR n 
1 93 CYS n 
1 94 ALA n 
1 95 LEU n 
1 96 THR n 
1 97 GLN n 
1 98 CYS n 
# 
_entity_src_gen.entity_id                          1 
_entity_src_gen.pdbx_src_id                        1 
_entity_src_gen.pdbx_alt_source_flag               sample 
_entity_src_gen.pdbx_seq_type                      ? 
_entity_src_gen.pdbx_beg_seq_num                   ? 
_entity_src_gen.pdbx_end_seq_num                   ? 
_entity_src_gen.gene_src_common_name               HUMAN 
_entity_src_gen.gene_src_genus                     ? 
_entity_src_gen.pdbx_gene_src_gene                 ? 
_entity_src_gen.gene_src_species                   ? 
_entity_src_gen.gene_src_strain                    ? 
_entity_src_gen.gene_src_tissue                    ? 
_entity_src_gen.gene_src_tissue_fraction           ? 
_entity_src_gen.gene_src_details                   ? 
_entity_src_gen.pdbx_gene_src_fragment             ? 
_entity_src_gen.pdbx_gene_src_scientific_name      'HOMO SAPIENS' 
_entity_src_gen.pdbx_gene_src_ncbi_taxonomy_id     9606 
_entity_src_gen.pdbx_gene_src_variant              ? 
_entity_src_gen.pdbx_gene_src_cell_line            ? 
_entity_src_gen.pdbx_gene_src_atcc                 ? 
_entity_src_gen.pdbx_gene_src_organ                ? 
_entity_src_gen.pdbx_gene_src_organelle            ? 
_entity_src_gen.pdbx_gene_src_cell                 ? 
_entity_src_gen.pdbx_gene_src_cellular_location    ? 
_entity_src_gen.host_org_common_name               ? 
_entity_src_gen.pdbx_host_org_scientific_name      'KOMAGATAELLA PASTORIS' 
_entity_src_gen.pdbx_host_org_ncbi_taxonomy_id     4922 
_entity_src_gen.host_org_genus                     ? 
_entity_src_gen.pdbx_host_org_gene                 ? 
_entity_src_gen.pdbx_host_org_organ                ? 
_entity_src_gen.host_org_species                   ? 
_entity_src_gen.pdbx_host_org_tissue               ? 
_entity_src_gen.pdbx_host_org_tissue_fraction      ? 
_entity_src_gen.pdbx_host_org_strain               X-33 
_entity_src_gen.pdbx_host_org_variant              ? 
_entity_src_gen.pdbx_host_org_cell_line            ? 
_entity_src_gen.pdbx_host_org_atcc                 ? 
_entity_src_gen.pdbx_host_org_culture_collection   ? 
_entity_src_gen.pdbx_host_org_cell                 ? 
_entity_src_gen.pdbx_host_org_organelle            ? 
_entity_src_gen.pdbx_host_org_cellular_location    ? 
_entity_src_gen.pdbx_host_org_vector_type          ? 
_entity_src_gen.pdbx_host_org_vector               ? 
_entity_src_gen.host_org_details                   ? 
_entity_src_gen.expression_system_id               ? 
_entity_src_gen.plasmid_name                       PPICZALPHAC 
_entity_src_gen.plasmid_details                    ? 
_entity_src_gen.pdbx_description                   ? 
# 
loop_
_chem_comp.id 
_chem_comp.type 
_chem_comp.mon_nstd_flag 
_chem_comp.name 
_chem_comp.pdbx_synonyms 
_chem_comp.formula 
_chem_comp.formula_weight 
ALA 'L-peptide linking' y ALANINE                                            ?                 'C3 H7 N O2'     89.093  
ARG 'L-peptide linking' y ARGININE                                           ?                 'C6 H15 N4 O2 1' 175.209 
ASN 'L-peptide linking' y ASPARAGINE                                         ?                 'C4 H8 N2 O3'    132.118 
ASP 'L-peptide linking' y 'ASPARTIC ACID'                                    ?                 'C4 H7 N O4'     133.103 
CL  non-polymer         . 'CHLORIDE ION'                                     ?                 'Cl -1'          35.453  
CYS 'L-peptide linking' y CYSTEINE                                           ?                 'C3 H7 N O2 S'   121.158 
EDO non-polymer         . 1,2-ETHANEDIOL                                     'ETHYLENE GLYCOL' 'C2 H6 O2'       62.068  
GLN 'L-peptide linking' y GLUTAMINE                                          ?                 'C5 H10 N2 O3'   146.144 
GLU 'L-peptide linking' y 'GLUTAMIC ACID'                                    ?                 'C5 H9 N O4'     147.129 
GLY 'peptide linking'   y GLYCINE                                            ?                 'C2 H5 N O2'     75.067  
HIS 'L-peptide linking' y HISTIDINE                                          ?                 'C6 H10 N3 O2 1' 156.162 
HKY non-polymer         . '1,2,3,4-tetrahydroisoquinoline-6-carboxylic acid' ?                 'C10 H11 N O2'   177.200 
HOH non-polymer         . WATER                                              ?                 'H2 O'           18.015  
ILE 'L-peptide linking' y ISOLEUCINE                                         ?                 'C6 H13 N O2'    131.173 
LEU 'L-peptide linking' y LEUCINE                                            ?                 'C6 H13 N O2'    131.173 
LYS 'L-peptide linking' y LYSINE                                             ?                 'C6 H15 N2 O2 1' 147.195 
MET 'L-peptide linking' y METHIONINE                                         ?                 'C5 H11 N O2 S'  149.211 
PHE 'L-peptide linking' y PHENYLALANINE                                      ?                 'C9 H11 N O2'    165.189 
PRO 'L-peptide linking' y PROLINE                                            ?                 'C5 H9 N O2'     115.130 
SER 'L-peptide linking' y SERINE                                             ?                 'C3 H7 N O3'     105.093 
THR 'L-peptide linking' y THREONINE                                          ?                 'C4 H9 N O3'     119.119 
TRP 'L-peptide linking' y TRYPTOPHAN                                         ?                 'C11 H12 N2 O2'  204.225 
TYR 'L-peptide linking' y TYROSINE                                           ?                 'C9 H11 N O3'    181.189 
VAL 'L-peptide linking' y VALINE                                             ?                 'C5 H11 N O2'    117.146 
# 
loop_
_pdbx_poly_seq_scheme.asym_id 
_pdbx_poly_seq_scheme.entity_id 
_pdbx_poly_seq_scheme.seq_id 
_pdbx_poly_seq_scheme.mon_id 
_pdbx_poly_seq_scheme.ndb_seq_num 
_pdbx_poly_seq_scheme.pdb_seq_num 
_pdbx_poly_seq_scheme.auth_seq_num 
_pdbx_poly_seq_scheme.pdb_mon_id 
_pdbx_poly_seq_scheme.auth_mon_id 
_pdbx_poly_seq_scheme.pdb_strand_id 
_pdbx_poly_seq_scheme.pdb_ins_code 
_pdbx_poly_seq_scheme.hetero 
A 1 1  SER 1  -19 ?  ?   ?   A . n 
A 1 2  ILE 2  -18 ?  ?   ?   A . n 
A 1 3  ALA 3  -17 ?  ?   ?   A . n 
A 1 4  ALA 4  -16 ?  ?   ?   A . n 
A 1 5  LYS 5  -15 ?  ?   ?   A . n 
A 1 6  GLU 6  -14 ?  ?   ?   A . n 
A 1 7  GLU 7  -13 ?  ?   ?   A . n 
A 1 8  GLY 8  -12 ?  ?   ?   A . n 
A 1 9  VAL 9  -11 ?  ?   ?   A . n 
A 1 10 SER 10 -10 ?  ?   ?   A . n 
A 1 11 LEU 11 -9  ?  ?   ?   A . n 
A 1 12 GLU 12 -8  ?  ?   ?   A . n 
A 1 13 LYS 13 -7  ?  ?   ?   A . n 
A 1 14 ARG 14 -6  ?  ?   ?   A . n 
A 1 15 SER 15 -5  ?  ?   ?   A . n 
A 1 16 ILE 16 -4  ?  ?   ?   A . n 
A 1 17 ALA 17 -3  ?  ?   ?   A . n 
A 1 18 ARG 18 -2  ?  ?   ?   A . n 
A 1 19 SER 19 -1  ?  ?   ?   A . n 
A 1 20 ASP 20 0   0  ASP ASP A . n 
A 1 21 CYS 21 1   1  CYS CYS A . n 
A 1 22 TYR 22 2   2  TYR TYR A . n 
A 1 23 HIS 23 3   3  HIS HIS A . n 
A 1 24 GLY 24 4   4  GLY GLY A . n 
A 1 25 ASP 25 5   5  ASP ASP A . n 
A 1 26 GLY 26 6   6  GLY GLY A . n 
A 1 27 GLN 27 7   7  GLN GLN A . n 
A 1 28 SER 28 8   8  SER SER A . n 
A 1 29 TYR 29 9   9  TYR TYR A . n 
A 1 30 ARG 30 10  10 ARG ARG A . n 
A 1 31 GLY 31 11  11 GLY GLY A . n 
A 1 32 SER 32 12  12 SER SER A . n 
A 1 33 PHE 33 13  13 PHE PHE A . n 
A 1 34 SER 34 14  14 SER SER A . n 
A 1 35 THR 35 15  15 THR THR A . n 
A 1 36 THR 36 16  16 THR THR A . n 
A 1 37 VAL 37 17  17 VAL VAL A . n 
A 1 38 THR 38 18  18 THR THR A . n 
A 1 39 GLY 39 19  19 GLY GLY A . n 
A 1 40 ARG 40 20  20 ARG ARG A . n 
A 1 41 THR 41 21  21 THR THR A . n 
A 1 42 CYS 42 22  22 CYS CYS A . n 
A 1 43 GLN 43 23  23 GLN GLN A . n 
A 1 44 SER 44 24  24 SER SER A . n 
A 1 45 TRP 45 25  25 TRP TRP A . n 
A 1 46 SER 46 26  26 SER SER A . n 
A 1 47 SER 47 27  27 SER SER A . n 
A 1 48 MET 48 28  28 MET MET A . n 
A 1 49 THR 49 29  29 THR THR A . n 
A 1 50 PRO 50 30  30 PRO PRO A . n 
A 1 51 HIS 51 31  31 HIS HIS A . n 
A 1 52 TRP 52 32  32 TRP TRP A . n 
A 1 53 HIS 53 33  33 HIS HIS A . n 
A 1 54 GLN 54 34  34 GLN GLN A . n 
A 1 55 ARG 55 35  35 ARG ARG A . n 
A 1 56 THR 56 36  36 THR THR A . n 
A 1 57 THR 57 37  37 THR THR A . n 
A 1 58 GLU 58 38  38 GLU GLU A . n 
A 1 59 TYR 59 39  39 TYR TYR A . n 
A 1 60 TYR 60 40  40 TYR TYR A . n 
A 1 61 PRO 61 41  41 PRO PRO A . n 
A 1 62 ASN 62 42  42 ASN ASN A . n 
A 1 63 GLY 63 43  43 GLY GLY A . n 
A 1 64 GLY 64 44  44 GLY GLY A . n 
A 1 65 LEU 65 45  45 LEU LEU A . n 
A 1 66 THR 66 46  46 THR THR A . n 
A 1 67 ARG 67 47  47 ARG ARG A . n 
A 1 68 ASN 68 48  48 ASN ASN A . n 
A 1 69 TYR 69 49  49 TYR TYR A . n 
A 1 70 CYS 70 50  50 CYS CYS A . n 
A 1 71 ARG 71 51  51 ARG ARG A . n 
A 1 72 ASN 72 52  52 ASN ASN A . n 
A 1 73 PRO 73 53  53 PRO PRO A . n 
A 1 74 ASP 74 54  54 ASP ASP A . n 
A 1 75 ALA 75 55  55 ALA ALA A . n 
A 1 76 GLU 76 56  56 GLU GLU A . n 
A 1 77 ILE 77 57  57 ILE ILE A . n 
A 1 78 ARG 78 58  58 ARG ARG A . n 
A 1 79 PRO 79 59  59 PRO PRO A . n 
A 1 80 TRP 80 60  60 TRP TRP A . n 
A 1 81 CYS 81 61  61 CYS CYS A . n 
A 1 82 TYR 82 62  62 TYR TYR A . n 
A 1 83 THR 83 63  63 THR THR A . n 
A 1 84 MET 84 64  64 MET MET A . n 
A 1 85 ASP 85 65  65 ASP ASP A . n 
A 1 86 PRO 86 66  66 PRO PRO A . n 
A 1 87 SER 87 67  67 SER SER A . n 
A 1 88 VAL 88 68  68 VAL VAL A . n 
A 1 89 ARG 89 69  69 ARG ARG A . n 
A 1 90 TRP 90 70  70 TRP TRP A . n 
A 1 91 GLU 91 71  71 GLU GLU A . n 
A 1 92 TYR 92 72  72 TYR TYR A . n 
A 1 93 CYS 93 73  73 CYS CYS A . n 
A 1 94 ALA 94 74  74 ALA ALA A . n 
A 1 95 LEU 95 75  75 LEU LEU A . n 
A 1 96 THR 96 76  76 THR THR A . n 
A 1 97 GLN 97 77  77 GLN GLN A . n 
A 1 98 CYS 98 78  78 CYS CYS A . n 
B 1 1  SER 1  -19 ?  ?   ?   B . n 
B 1 2  ILE 2  -18 ?  ?   ?   B . n 
B 1 3  ALA 3  -17 ?  ?   ?   B . n 
B 1 4  ALA 4  -16 ?  ?   ?   B . n 
B 1 5  LYS 5  -15 ?  ?   ?   B . n 
B 1 6  GLU 6  -14 ?  ?   ?   B . n 
B 1 7  GLU 7  -13 ?  ?   ?   B . n 
B 1 8  GLY 8  -12 ?  ?   ?   B . n 
B 1 9  VAL 9  -11 ?  ?   ?   B . n 
B 1 10 SER 10 -10 ?  ?   ?   B . n 
B 1 11 LEU 11 -9  ?  ?   ?   B . n 
B 1 12 GLU 12 -8  ?  ?   ?   B . n 
B 1 13 LYS 13 -7  ?  ?   ?   B . n 
B 1 14 ARG 14 -6  ?  ?   ?   B . n 
B 1 15 SER 15 -5  ?  ?   ?   B . n 
B 1 16 ILE 16 -4  ?  ?   ?   B . n 
B 1 17 ALA 17 -3  ?  ?   ?   B . n 
B 1 18 ARG 18 -2  ?  ?   ?   B . n 
B 1 19 SER 19 -1  ?  ?   ?   B . n 
B 1 20 ASP 20 0   0  ASP ASP B . n 
B 1 21 CYS 21 1   1  CYS CYS B . n 
B 1 22 TYR 22 2   2  TYR TYR B . n 
B 1 23 HIS 23 3   3  HIS HIS B . n 
B 1 24 GLY 24 4   4  GLY GLY B . n 
B 1 25 ASP 25 5   5  ASP ASP B . n 
B 1 26 GLY 26 6   6  GLY GLY B . n 
B 1 27 GLN 27 7   7  GLN GLN B . n 
B 1 28 SER 28 8   8  SER SER B . n 
B 1 29 TYR 29 9   9  TYR TYR B . n 
B 1 30 ARG 30 10  10 ARG ARG B . n 
B 1 31 GLY 31 11  11 GLY GLY B . n 
B 1 32 SER 32 12  12 SER SER B . n 
B 1 33 PHE 33 13  13 PHE PHE B . n 
B 1 34 SER 34 14  14 SER SER B . n 
B 1 35 THR 35 15  15 THR THR B . n 
B 1 36 THR 36 16  16 THR THR B . n 
B 1 37 VAL 37 17  17 VAL VAL B . n 
B 1 38 THR 38 18  18 THR THR B . n 
B 1 39 GLY 39 19  19 GLY GLY B . n 
B 1 40 ARG 40 20  20 ARG ARG B . n 
B 1 41 THR 41 21  21 THR THR B . n 
B 1 42 CYS 42 22  22 CYS CYS B . n 
B 1 43 GLN 43 23  23 GLN GLN B . n 
B 1 44 SER 44 24  24 SER SER B . n 
B 1 45 TRP 45 25  25 TRP TRP B . n 
B 1 46 SER 46 26  26 SER SER B . n 
B 1 47 SER 47 27  27 SER SER B . n 
B 1 48 MET 48 28  28 MET MET B . n 
B 1 49 THR 49 29  29 THR THR B . n 
B 1 50 PRO 50 30  30 PRO PRO B . n 
B 1 51 HIS 51 31  31 HIS HIS B . n 
B 1 52 TRP 52 32  32 TRP TRP B . n 
B 1 53 HIS 53 33  33 HIS HIS B . n 
B 1 54 GLN 54 34  34 GLN GLN B . n 
B 1 55 ARG 55 35  35 ARG ARG B . n 
B 1 56 THR 56 36  36 THR THR B . n 
B 1 57 THR 57 37  37 THR THR B . n 
B 1 58 GLU 58 38  38 GLU GLU B . n 
B 1 59 TYR 59 39  39 TYR TYR B . n 
B 1 60 TYR 60 40  40 TYR TYR B . n 
B 1 61 PRO 61 41  41 PRO PRO B . n 
B 1 62 ASN 62 42  42 ASN ASN B . n 
B 1 63 GLY 63 43  43 GLY GLY B . n 
B 1 64 GLY 64 44  44 GLY GLY B . n 
B 1 65 LEU 65 45  45 LEU LEU B . n 
B 1 66 THR 66 46  46 THR THR B . n 
B 1 67 ARG 67 47  47 ARG ARG B . n 
B 1 68 ASN 68 48  48 ASN ASN B . n 
B 1 69 TYR 69 49  49 TYR TYR B . n 
B 1 70 CYS 70 50  50 CYS CYS B . n 
B 1 71 ARG 71 51  51 ARG ARG B . n 
B 1 72 ASN 72 52  52 ASN ASN B . n 
B 1 73 PRO 73 53  53 PRO PRO B . n 
B 1 74 ASP 74 54  54 ASP ASP B . n 
B 1 75 ALA 75 55  55 ALA ALA B . n 
B 1 76 GLU 76 56  56 GLU GLU B . n 
B 1 77 ILE 77 57  57 ILE ILE B . n 
B 1 78 ARG 78 58  58 ARG ARG B . n 
B 1 79 PRO 79 59  59 PRO PRO B . n 
B 1 80 TRP 80 60  60 TRP TRP B . n 
B 1 81 CYS 81 61  61 CYS CYS B . n 
B 1 82 TYR 82 62  62 TYR TYR B . n 
B 1 83 THR 83 63  63 THR THR B . n 
B 1 84 MET 84 64  64 MET MET B . n 
B 1 85 ASP 85 65  65 ASP ASP B . n 
B 1 86 PRO 86 66  66 PRO PRO B . n 
B 1 87 SER 87 67  67 SER SER B . n 
B 1 88 VAL 88 68  68 VAL VAL B . n 
B 1 89 ARG 89 69  69 ARG ARG B . n 
B 1 90 TRP 90 70  70 TRP TRP B . n 
B 1 91 GLU 91 71  71 GLU GLU B . n 
B 1 92 TYR 92 72  72 TYR TYR B . n 
B 1 93 CYS 93 73  73 CYS CYS B . n 
B 1 94 ALA 94 74  74 ALA ALA B . n 
B 1 95 LEU 95 75  75 LEU LEU B . n 
B 1 96 THR 96 76  76 THR THR B . n 
B 1 97 GLN 97 77  77 GLN GLN B . n 
B 1 98 CYS 98 78  78 CYS CYS B . n 
# 
loop_
_pdbx_nonpoly_scheme.asym_id 
_pdbx_nonpoly_scheme.entity_id 
_pdbx_nonpoly_scheme.mon_id 
_pdbx_nonpoly_scheme.ndb_seq_num 
_pdbx_nonpoly_scheme.pdb_seq_num 
_pdbx_nonpoly_scheme.auth_seq_num 
_pdbx_nonpoly_scheme.pdb_mon_id 
_pdbx_nonpoly_scheme.auth_mon_id 
_pdbx_nonpoly_scheme.pdb_strand_id 
_pdbx_nonpoly_scheme.pdb_ins_code 
C 2 CL  1  1079 1079 CL  CL  A . 
D 3 HKY 1  1080 1080 HKY HKY A . 
E 2 CL  1  1081 1081 CL  CL  A . 
F 2 CL  1  1079 1079 CL  CL  B . 
G 2 CL  1  1080 1080 CL  CL  B . 
H 4 EDO 1  1081 1081 EDO EDO B . 
I 3 HKY 1  1082 1082 HKY HKY B . 
J 5 HOH 1  2001 2001 HOH HOH A . 
J 5 HOH 2  2002 2002 HOH HOH A . 
J 5 HOH 3  2003 2003 HOH HOH A . 
J 5 HOH 4  2004 2004 HOH HOH A . 
J 5 HOH 5  2005 2005 HOH HOH A . 
J 5 HOH 6  2006 2006 HOH HOH A . 
J 5 HOH 7  2007 2007 HOH HOH A . 
J 5 HOH 8  2008 2008 HOH HOH A . 
J 5 HOH 9  2009 2009 HOH HOH A . 
J 5 HOH 10 2010 2010 HOH HOH A . 
J 5 HOH 11 2011 2011 HOH HOH A . 
J 5 HOH 12 2012 2012 HOH HOH A . 
J 5 HOH 13 2013 2013 HOH HOH A . 
J 5 HOH 14 2014 2014 HOH HOH A . 
J 5 HOH 15 2015 2015 HOH HOH A . 
J 5 HOH 16 2016 2016 HOH HOH A . 
J 5 HOH 17 2017 2017 HOH HOH A . 
J 5 HOH 18 2018 2018 HOH HOH A . 
J 5 HOH 19 2019 2019 HOH HOH A . 
J 5 HOH 20 2020 2020 HOH HOH A . 
J 5 HOH 21 2021 2021 HOH HOH A . 
J 5 HOH 22 2022 2022 HOH HOH A . 
J 5 HOH 23 2023 2023 HOH HOH A . 
J 5 HOH 24 2024 2024 HOH HOH A . 
J 5 HOH 25 2025 2025 HOH HOH A . 
J 5 HOH 26 2026 2026 HOH HOH A . 
J 5 HOH 27 2027 2027 HOH HOH A . 
J 5 HOH 28 2028 2028 HOH HOH A . 
J 5 HOH 29 2029 2029 HOH HOH A . 
J 5 HOH 30 2030 2030 HOH HOH A . 
J 5 HOH 31 2031 2031 HOH HOH A . 
J 5 HOH 32 2032 2032 HOH HOH A . 
J 5 HOH 33 2033 2033 HOH HOH A . 
J 5 HOH 34 2034 2034 HOH HOH A . 
J 5 HOH 35 2035 2035 HOH HOH A . 
J 5 HOH 36 2036 2036 HOH HOH A . 
J 5 HOH 37 2037 2037 HOH HOH A . 
J 5 HOH 38 2038 2038 HOH HOH A . 
J 5 HOH 39 2039 2039 HOH HOH A . 
J 5 HOH 40 2040 2040 HOH HOH A . 
J 5 HOH 41 2041 2041 HOH HOH A . 
J 5 HOH 42 2042 2042 HOH HOH A . 
J 5 HOH 43 2043 2043 HOH HOH A . 
J 5 HOH 44 2044 2044 HOH HOH A . 
J 5 HOH 45 2045 2045 HOH HOH A . 
J 5 HOH 46 2046 2046 HOH HOH A . 
J 5 HOH 47 2047 2047 HOH HOH A . 
J 5 HOH 48 2048 2048 HOH HOH A . 
J 5 HOH 49 2049 2049 HOH HOH A . 
J 5 HOH 50 2050 2050 HOH HOH A . 
J 5 HOH 51 2051 2051 HOH HOH A . 
J 5 HOH 52 2052 2052 HOH HOH A . 
J 5 HOH 53 2053 2053 HOH HOH A . 
J 5 HOH 54 2054 2054 HOH HOH A . 
J 5 HOH 55 2055 2055 HOH HOH A . 
J 5 HOH 56 2056 2056 HOH HOH A . 
J 5 HOH 57 2057 2057 HOH HOH A . 
K 5 HOH 1  2001 2001 HOH HOH B . 
K 5 HOH 2  2002 2002 HOH HOH B . 
K 5 HOH 3  2003 2003 HOH HOH B . 
K 5 HOH 4  2004 2004 HOH HOH B . 
K 5 HOH 5  2005 2005 HOH HOH B . 
K 5 HOH 6  2006 2006 HOH HOH B . 
K 5 HOH 7  2007 2007 HOH HOH B . 
K 5 HOH 8  2008 2008 HOH HOH B . 
K 5 HOH 9  2009 2009 HOH HOH B . 
K 5 HOH 10 2010 2010 HOH HOH B . 
K 5 HOH 11 2011 2011 HOH HOH B . 
K 5 HOH 12 2012 2012 HOH HOH B . 
K 5 HOH 13 2013 2013 HOH HOH B . 
K 5 HOH 14 2014 2014 HOH HOH B . 
K 5 HOH 15 2015 2015 HOH HOH B . 
K 5 HOH 16 2016 2016 HOH HOH B . 
K 5 HOH 17 2017 2017 HOH HOH B . 
K 5 HOH 18 2018 2018 HOH HOH B . 
K 5 HOH 19 2019 2019 HOH HOH B . 
K 5 HOH 20 2020 2020 HOH HOH B . 
K 5 HOH 21 2021 2021 HOH HOH B . 
K 5 HOH 22 2022 2022 HOH HOH B . 
K 5 HOH 23 2023 2023 HOH HOH B . 
K 5 HOH 24 2024 2024 HOH HOH B . 
K 5 HOH 25 2025 2025 HOH HOH B . 
K 5 HOH 26 2026 2026 HOH HOH B . 
K 5 HOH 27 2027 2027 HOH HOH B . 
K 5 HOH 28 2028 2028 HOH HOH B . 
K 5 HOH 29 2029 2029 HOH HOH B . 
K 5 HOH 30 2030 2030 HOH HOH B . 
K 5 HOH 31 2031 2031 HOH HOH B . 
K 5 HOH 32 2032 2032 HOH HOH B . 
K 5 HOH 33 2033 2033 HOH HOH B . 
K 5 HOH 34 2034 2034 HOH HOH B . 
K 5 HOH 35 2035 2035 HOH HOH B . 
K 5 HOH 36 2036 2036 HOH HOH B . 
K 5 HOH 37 2037 2037 HOH HOH B . 
K 5 HOH 38 2038 2038 HOH HOH B . 
K 5 HOH 39 2039 2039 HOH HOH B . 
K 5 HOH 40 2040 2040 HOH HOH B . 
K 5 HOH 41 2041 2041 HOH HOH B . 
K 5 HOH 42 2042 2042 HOH HOH B . 
K 5 HOH 43 2043 2043 HOH HOH B . 
K 5 HOH 44 2044 2044 HOH HOH B . 
K 5 HOH 45 2045 2045 HOH HOH B . 
K 5 HOH 46 2046 2046 HOH HOH B . 
K 5 HOH 47 2047 2047 HOH HOH B . 
K 5 HOH 48 2048 2048 HOH HOH B . 
K 5 HOH 49 2049 2049 HOH HOH B . 
K 5 HOH 50 2050 2050 HOH HOH B . 
K 5 HOH 51 2051 2051 HOH HOH B . 
K 5 HOH 52 2052 2052 HOH HOH B . 
K 5 HOH 53 2053 2053 HOH HOH B . 
K 5 HOH 54 2054 2054 HOH HOH B . 
K 5 HOH 55 2055 2055 HOH HOH B . 
# 
loop_
_software.name 
_software.classification 
_software.version 
_software.citation_id 
_software.pdbx_ordinal 
REFMAC refinement       5.7.0029 ? 1 
MOSFLM 'data reduction' .        ? 2 
SCALA  'data scaling'   .        ? 3 
PHASER phasing          .        ? 4 
# 
_cell.entry_id           4BVW 
_cell.length_a           34.554 
_cell.length_b           34.129 
_cell.length_c           67.241 
_cell.angle_alpha        90.00 
_cell.angle_beta         92.76 
_cell.angle_gamma        90.00 
_cell.Z_PDB              4 
_cell.pdbx_unique_axis   ? 
# 
_symmetry.entry_id                         4BVW 
_symmetry.space_group_name_H-M             'P 1 21 1' 
_symmetry.pdbx_full_space_group_name_H-M   ? 
_symmetry.cell_setting                     ? 
_symmetry.Int_Tables_number                4 
# 
_exptl.entry_id          4BVW 
_exptl.method            'X-RAY DIFFRACTION' 
_exptl.crystals_number   1 
# 
_exptl_crystal.id                    1 
_exptl_crystal.density_meas          ? 
_exptl_crystal.density_Matthews      2.3 
_exptl_crystal.density_percent_sol   46 
_exptl_crystal.description           NONE 
# 
_exptl_crystal_grow.crystal_id      1 
_exptl_crystal_grow.method          ? 
_exptl_crystal_grow.temp            ? 
_exptl_crystal_grow.temp_details    ? 
_exptl_crystal_grow.pH              ? 
_exptl_crystal_grow.pdbx_pH_range   ? 
_exptl_crystal_grow.pdbx_details    '19% PEG 6000, 0.1 M NAOAC, 12% ETHYLENE GLYCOL, 1M LISO4' 
# 
_diffrn.id                     1 
_diffrn.ambient_temp           100 
_diffrn.ambient_temp_details   ? 
_diffrn.crystal_id             1 
# 
_diffrn_detector.diffrn_id              1 
_diffrn_detector.detector               CCD 
_diffrn_detector.type                   'ADSC CCD' 
_diffrn_detector.pdbx_collection_date   2011-06-20 
_diffrn_detector.details                ? 
# 
_diffrn_radiation.diffrn_id                        1 
_diffrn_radiation.wavelength_id                    1 
_diffrn_radiation.pdbx_monochromatic_or_laue_m_l   M 
_diffrn_radiation.monochromator                    ? 
_diffrn_radiation.pdbx_diffrn_protocol             'SINGLE WAVELENGTH' 
_diffrn_radiation.pdbx_scattering_type             x-ray 
# 
_diffrn_radiation_wavelength.id           1 
_diffrn_radiation_wavelength.wavelength   0.873 
_diffrn_radiation_wavelength.wt           1.0 
# 
_diffrn_source.diffrn_id                   1 
_diffrn_source.source                      SYNCHROTRON 
_diffrn_source.type                        'ESRF BEAMLINE ID23-2' 
_diffrn_source.pdbx_synchrotron_site       ESRF 
_diffrn_source.pdbx_synchrotron_beamline   ID23-2 
_diffrn_source.pdbx_wavelength             0.873 
_diffrn_source.pdbx_wavelength_list        ? 
# 
_reflns.pdbx_diffrn_id               1 
_reflns.pdbx_ordinal                 1 
_reflns.entry_id                     4BVW 
_reflns.observed_criterion_sigma_I   2.0 
_reflns.observed_criterion_sigma_F   ? 
_reflns.d_resolution_low             30.00 
_reflns.d_resolution_high            2.00 
_reflns.number_obs                   10414 
_reflns.number_all                   ? 
_reflns.percent_possible_obs         96.1 
_reflns.pdbx_Rmerge_I_obs            0.13 
_reflns.pdbx_Rsym_value              ? 
_reflns.pdbx_netI_over_sigmaI        6.60 
_reflns.B_iso_Wilson_estimate        ? 
_reflns.pdbx_redundancy              3.1 
# 
_reflns_shell.pdbx_diffrn_id         1 
_reflns_shell.pdbx_ordinal           1 
_reflns_shell.d_res_high             2.00 
_reflns_shell.d_res_low              2.05 
_reflns_shell.percent_possible_all   94.6 
_reflns_shell.Rmerge_I_obs           0.53 
_reflns_shell.pdbx_Rsym_value        ? 
_reflns_shell.meanI_over_sigI_obs    1.90 
_reflns_shell.pdbx_redundancy        3.0 
# 
_refine.pdbx_refine_id                           'X-RAY DIFFRACTION' 
_refine.entry_id                                 4BVW 
_refine.pdbx_diffrn_id                           1 
_refine.pdbx_TLS_residual_ADP_flag               ? 
_refine.ls_number_reflns_obs                     9329 
_refine.ls_number_reflns_all                     ? 
_refine.pdbx_ls_sigma_I                          ? 
_refine.pdbx_ls_sigma_F                          . 
_refine.pdbx_data_cutoff_high_absF               ? 
_refine.pdbx_data_cutoff_low_absF                ? 
_refine.pdbx_data_cutoff_high_rms_absF           ? 
_refine.ls_d_res_low                             24.68 
_refine.ls_d_res_high                            2.00 
_refine.ls_percent_reflns_obs                    90.54 
_refine.ls_R_factor_obs                          0.19399 
_refine.ls_R_factor_all                          ? 
_refine.ls_R_factor_R_work                       0.19155 
_refine.ls_R_factor_R_free                       0.24412 
_refine.ls_R_factor_R_free_error                 ? 
_refine.ls_R_factor_R_free_error_details         ? 
_refine.ls_percent_reflns_R_free                 4.8 
_refine.ls_number_reflns_R_free                  467 
_refine.ls_number_parameters                     ? 
_refine.ls_number_restraints                     ? 
_refine.occupancy_min                            ? 
_refine.occupancy_max                            ? 
_refine.correlation_coeff_Fo_to_Fc               0.956 
_refine.correlation_coeff_Fo_to_Fc_free          0.919 
_refine.B_iso_mean                               17.229 
_refine.aniso_B[1][1]                            -1.47 
_refine.aniso_B[2][2]                            -0.00 
_refine.aniso_B[3][3]                            1.48 
_refine.aniso_B[1][2]                            0.00 
_refine.aniso_B[1][3]                            -0.40 
_refine.aniso_B[2][3]                            0.00 
_refine.solvent_model_details                    MASK 
_refine.solvent_model_param_ksol                 ? 
_refine.solvent_model_param_bsol                 ? 
_refine.pdbx_solvent_vdw_probe_radii             1.20 
_refine.pdbx_solvent_ion_probe_radii             0.80 
_refine.pdbx_solvent_shrinkage_radii             0.80 
_refine.pdbx_ls_cross_valid_method               THROUGHOUT 
_refine.details                                  
;HYDROGENS HAVE BEEN ADDED IN THE RIDING POSITIONS. THE N-TERMINAL EXTENSION ORIGINATING FROM THE EXPRESSION VECTOR WAS NOT MODELLED.
;
_refine.pdbx_starting_model                      'PDB ENTRY 1I71' 
_refine.pdbx_method_to_determine_struct          'MOLECULAR REPLACEMENT' 
_refine.pdbx_isotropic_thermal_model             ? 
_refine.pdbx_stereochemistry_target_values       'MAXIMUM LIKELIHOOD' 
_refine.pdbx_stereochem_target_val_spec_case     ? 
_refine.pdbx_R_Free_selection_details            RANDOM 
_refine.pdbx_overall_ESU_R                       0.260 
_refine.pdbx_overall_ESU_R_Free                  0.203 
_refine.overall_SU_ML                            ? 
_refine.pdbx_overall_phase_error                 ? 
_refine.overall_SU_B                             ? 
_refine.overall_SU_R_Cruickshank_DPI             ? 
_refine.pdbx_overall_SU_R_free_Cruickshank_DPI   ? 
_refine.pdbx_overall_SU_R_Blow_DPI               ? 
_refine.pdbx_overall_SU_R_free_Blow_DPI          ? 
# 
_refine_hist.pdbx_refine_id                   'X-RAY DIFFRACTION' 
_refine_hist.cycle_id                         LAST 
_refine_hist.pdbx_number_atoms_protein        1296 
_refine_hist.pdbx_number_atoms_nucleic_acid   0 
_refine_hist.pdbx_number_atoms_ligand         34 
_refine_hist.number_atoms_solvent             112 
_refine_hist.number_atoms_total               1442 
_refine_hist.d_res_high                       2.00 
_refine_hist.d_res_low                        24.68 
# 
loop_
_refine_ls_restr.type 
_refine_ls_restr.dev_ideal 
_refine_ls_restr.dev_ideal_target 
_refine_ls_restr.weight 
_refine_ls_restr.number 
_refine_ls_restr.pdbx_refine_id 
_refine_ls_restr.pdbx_restraint_function 
r_bond_refined_d             0.009  0.019  ? 1397 'X-RAY DIFFRACTION' ? 
r_bond_other_d               0.000  0.020  ? 1120 'X-RAY DIFFRACTION' ? 
r_angle_refined_deg          1.236  1.927  ? 1910 'X-RAY DIFFRACTION' ? 
r_angle_other_deg            3.735  3.009  ? 2562 'X-RAY DIFFRACTION' ? 
r_dihedral_angle_1_deg       5.675  5.000  ? 158  'X-RAY DIFFRACTION' ? 
r_dihedral_angle_2_deg       31.042 21.944 ? 72   'X-RAY DIFFRACTION' ? 
r_dihedral_angle_3_deg       11.814 15.000 ? 189  'X-RAY DIFFRACTION' ? 
r_dihedral_angle_4_deg       12.651 15.000 ? 14   'X-RAY DIFFRACTION' ? 
r_chiral_restr               0.074  0.200  ? 177  'X-RAY DIFFRACTION' ? 
r_gen_planes_refined         0.006  0.021  ? 1645 'X-RAY DIFFRACTION' ? 
r_gen_planes_other           0.007  0.020  ? 369  'X-RAY DIFFRACTION' ? 
r_nbd_refined                ?      ?      ? ?    'X-RAY DIFFRACTION' ? 
r_nbd_other                  ?      ?      ? ?    'X-RAY DIFFRACTION' ? 
r_nbtor_refined              ?      ?      ? ?    'X-RAY DIFFRACTION' ? 
r_nbtor_other                ?      ?      ? ?    'X-RAY DIFFRACTION' ? 
r_xyhbond_nbd_refined        ?      ?      ? ?    'X-RAY DIFFRACTION' ? 
r_xyhbond_nbd_other          ?      ?      ? ?    'X-RAY DIFFRACTION' ? 
r_metal_ion_refined          ?      ?      ? ?    'X-RAY DIFFRACTION' ? 
r_metal_ion_other            ?      ?      ? ?    'X-RAY DIFFRACTION' ? 
r_symmetry_vdw_refined       ?      ?      ? ?    'X-RAY DIFFRACTION' ? 
r_symmetry_vdw_other         ?      ?      ? ?    'X-RAY DIFFRACTION' ? 
r_symmetry_hbond_refined     ?      ?      ? ?    'X-RAY DIFFRACTION' ? 
r_symmetry_hbond_other       ?      ?      ? ?    'X-RAY DIFFRACTION' ? 
r_symmetry_metal_ion_refined ?      ?      ? ?    'X-RAY DIFFRACTION' ? 
r_symmetry_metal_ion_other   ?      ?      ? ?    'X-RAY DIFFRACTION' ? 
r_mcbond_it                  ?      ?      ? ?    'X-RAY DIFFRACTION' ? 
r_mcbond_other               ?      ?      ? ?    'X-RAY DIFFRACTION' ? 
r_mcangle_it                 ?      ?      ? ?    'X-RAY DIFFRACTION' ? 
r_mcangle_other              ?      ?      ? ?    'X-RAY DIFFRACTION' ? 
r_scbond_it                  ?      ?      ? ?    'X-RAY DIFFRACTION' ? 
r_scbond_other               ?      ?      ? ?    'X-RAY DIFFRACTION' ? 
r_scangle_it                 ?      ?      ? ?    'X-RAY DIFFRACTION' ? 
r_scangle_other              ?      ?      ? ?    'X-RAY DIFFRACTION' ? 
r_long_range_B_refined       ?      ?      ? ?    'X-RAY DIFFRACTION' ? 
r_long_range_B_other         ?      ?      ? ?    'X-RAY DIFFRACTION' ? 
r_rigid_bond_restr           ?      ?      ? ?    'X-RAY DIFFRACTION' ? 
r_sphericity_free            ?      ?      ? ?    'X-RAY DIFFRACTION' ? 
r_sphericity_bonded          ?      ?      ? ?    'X-RAY DIFFRACTION' ? 
# 
_refine_ls_shell.pdbx_refine_id                   'X-RAY DIFFRACTION' 
_refine_ls_shell.pdbx_total_number_of_bins_used   20 
_refine_ls_shell.d_res_high                       2.000 
_refine_ls_shell.d_res_low                        2.052 
_refine_ls_shell.number_reflns_R_work             620 
_refine_ls_shell.R_factor_R_work                  0.285 
_refine_ls_shell.percent_reflns_obs               82.80 
_refine_ls_shell.R_factor_R_free                  0.227 
_refine_ls_shell.R_factor_R_free_error            ? 
_refine_ls_shell.percent_reflns_R_free            ? 
_refine_ls_shell.number_reflns_R_free             25 
_refine_ls_shell.number_reflns_all                ? 
_refine_ls_shell.R_factor_all                     ? 
# 
_struct_ncs_oper.id             1 
_struct_ncs_oper.code           given 
_struct_ncs_oper.details        ? 
_struct_ncs_oper.matrix[1][1]   -0.98902205 
_struct_ncs_oper.matrix[1][2]   -0.14698802 
_struct_ncs_oper.matrix[1][3]   -0.01752700 
_struct_ncs_oper.matrix[2][1]   -0.14799620 
_struct_ncs_oper.matrix[2][2]   0.97936020 
_struct_ncs_oper.matrix[2][3]   0.13775531 
_struct_ncs_oper.matrix[3][1]   -0.00308706 
_struct_ncs_oper.matrix[3][2]   0.13883158 
_struct_ncs_oper.matrix[3][3]   -0.99033814 
_struct_ncs_oper.vector[1]      0.65023 
_struct_ncs_oper.vector[2]      -10.66078 
_struct_ncs_oper.vector[3]      -0.93008 
# 
_struct.entry_id                  4BVW 
_struct.title                     'Identification of small molecule inhibitors selective for apo(a) kringles KIV-7, KIV-10 and KV.' 
_struct.pdbx_model_details        ? 
_struct.pdbx_CASP_flag            ? 
_struct.pdbx_model_type_details   ? 
# 
_struct_keywords.entry_id        4BVW 
_struct_keywords.pdbx_keywords   HYDROLASE 
_struct_keywords.text            'HYDROLASE, CARDIOVASCULAR DISEASE, DRUG DISCOVERY, OPTICAL BIOSENSORS' 
# 
loop_
_struct_asym.id 
_struct_asym.pdbx_blank_PDB_chainid_flag 
_struct_asym.pdbx_modified 
_struct_asym.entity_id 
_struct_asym.details 
A N N 1 ? 
B N N 1 ? 
C N N 2 ? 
D N N 3 ? 
E N N 2 ? 
F N N 2 ? 
G N N 2 ? 
H N N 4 ? 
I N N 3 ? 
J N N 5 ? 
K N N 5 ? 
# 
_struct_ref.id                         1 
_struct_ref.db_name                    UNP 
_struct_ref.db_code                    APOA_HUMAN 
_struct_ref.entity_id                  1 
_struct_ref.pdbx_seq_one_letter_code   ? 
_struct_ref.pdbx_align_begin           ? 
_struct_ref.pdbx_db_accession          P08519 
_struct_ref.pdbx_db_isoform            ? 
# 
loop_
_struct_ref_seq.align_id 
_struct_ref_seq.ref_id 
_struct_ref_seq.pdbx_PDB_id_code 
_struct_ref_seq.pdbx_strand_id 
_struct_ref_seq.seq_align_beg 
_struct_ref_seq.pdbx_seq_align_beg_ins_code 
_struct_ref_seq.seq_align_end 
_struct_ref_seq.pdbx_seq_align_end_ins_code 
_struct_ref_seq.pdbx_db_accession 
_struct_ref_seq.db_align_beg 
_struct_ref_seq.pdbx_db_align_beg_ins_code 
_struct_ref_seq.db_align_end 
_struct_ref_seq.pdbx_db_align_end_ins_code 
_struct_ref_seq.pdbx_auth_seq_align_beg 
_struct_ref_seq.pdbx_auth_seq_align_end 
1 1 4BVW A 20 ? 98 ? P08519 3781 ? 3859 ? 0 78 
2 1 4BVW B 20 ? 98 ? P08519 3781 ? 3859 ? 0 78 
# 
loop_
_struct_ref_seq_dif.align_id 
_struct_ref_seq_dif.pdbx_pdb_id_code 
_struct_ref_seq_dif.mon_id 
_struct_ref_seq_dif.pdbx_pdb_strand_id 
_struct_ref_seq_dif.seq_num 
_struct_ref_seq_dif.pdbx_pdb_ins_code 
_struct_ref_seq_dif.pdbx_seq_db_name 
_struct_ref_seq_dif.pdbx_seq_db_accession_code 
_struct_ref_seq_dif.db_mon_id 
_struct_ref_seq_dif.pdbx_seq_db_seq_num 
_struct_ref_seq_dif.details 
_struct_ref_seq_dif.pdbx_auth_seq_num 
_struct_ref_seq_dif.pdbx_ordinal 
1 4BVW SER A 1  ? UNP P08519 ?   ?    'expression tag'      -19 1  
1 4BVW ILE A 2  ? UNP P08519 ?   ?    'expression tag'      -18 2  
1 4BVW ALA A 3  ? UNP P08519 ?   ?    'expression tag'      -17 3  
1 4BVW ALA A 4  ? UNP P08519 ?   ?    'expression tag'      -16 4  
1 4BVW LYS A 5  ? UNP P08519 ?   ?    'expression tag'      -15 5  
1 4BVW GLU A 6  ? UNP P08519 ?   ?    'expression tag'      -14 6  
1 4BVW GLU A 7  ? UNP P08519 ?   ?    'expression tag'      -13 7  
1 4BVW GLY A 8  ? UNP P08519 ?   ?    'expression tag'      -12 8  
1 4BVW VAL A 9  ? UNP P08519 ?   ?    'expression tag'      -11 9  
1 4BVW SER A 10 ? UNP P08519 ?   ?    'expression tag'      -10 10 
1 4BVW LEU A 11 ? UNP P08519 ?   ?    'expression tag'      -9  11 
1 4BVW GLU A 12 ? UNP P08519 ?   ?    'expression tag'      -8  12 
1 4BVW LYS A 13 ? UNP P08519 ?   ?    'expression tag'      -7  13 
1 4BVW ARG A 14 ? UNP P08519 ?   ?    'expression tag'      -6  14 
1 4BVW SER A 15 ? UNP P08519 ?   ?    'expression tag'      -5  15 
1 4BVW ILE A 16 ? UNP P08519 ?   ?    'expression tag'      -4  16 
1 4BVW ALA A 17 ? UNP P08519 ?   ?    'expression tag'      -3  17 
1 4BVW ARG A 18 ? UNP P08519 ?   ?    'expression tag'      -2  18 
1 4BVW SER A 19 ? UNP P08519 ?   ?    'expression tag'      -1  19 
1 4BVW ALA A 94 ? UNP P08519 ASN 3855 'engineered mutation' 74  20 
2 4BVW SER B 1  ? UNP P08519 ?   ?    'expression tag'      -19 21 
2 4BVW ILE B 2  ? UNP P08519 ?   ?    'expression tag'      -18 22 
2 4BVW ALA B 3  ? UNP P08519 ?   ?    'expression tag'      -17 23 
2 4BVW ALA B 4  ? UNP P08519 ?   ?    'expression tag'      -16 24 
2 4BVW LYS B 5  ? UNP P08519 ?   ?    'expression tag'      -15 25 
2 4BVW GLU B 6  ? UNP P08519 ?   ?    'expression tag'      -14 26 
2 4BVW GLU B 7  ? UNP P08519 ?   ?    'expression tag'      -13 27 
2 4BVW GLY B 8  ? UNP P08519 ?   ?    'expression tag'      -12 28 
2 4BVW VAL B 9  ? UNP P08519 ?   ?    'expression tag'      -11 29 
2 4BVW SER B 10 ? UNP P08519 ?   ?    'expression tag'      -10 30 
2 4BVW LEU B 11 ? UNP P08519 ?   ?    'expression tag'      -9  31 
2 4BVW GLU B 12 ? UNP P08519 ?   ?    'expression tag'      -8  32 
2 4BVW LYS B 13 ? UNP P08519 ?   ?    'expression tag'      -7  33 
2 4BVW ARG B 14 ? UNP P08519 ?   ?    'expression tag'      -6  34 
2 4BVW SER B 15 ? UNP P08519 ?   ?    'expression tag'      -5  35 
2 4BVW ILE B 16 ? UNP P08519 ?   ?    'expression tag'      -4  36 
2 4BVW ALA B 17 ? UNP P08519 ?   ?    'expression tag'      -3  37 
2 4BVW ARG B 18 ? UNP P08519 ?   ?    'expression tag'      -2  38 
2 4BVW SER B 19 ? UNP P08519 ?   ?    'expression tag'      -1  39 
2 4BVW ALA B 94 ? UNP P08519 ASN 3855 'engineered mutation' 74  40 
# 
loop_
_pdbx_struct_assembly.id 
_pdbx_struct_assembly.details 
_pdbx_struct_assembly.method_details 
_pdbx_struct_assembly.oligomeric_details 
_pdbx_struct_assembly.oligomeric_count 
1 author_and_software_defined_assembly PISA monomeric 1 
2 author_and_software_defined_assembly PISA monomeric 1 
# 
loop_
_pdbx_struct_assembly_gen.assembly_id 
_pdbx_struct_assembly_gen.oper_expression 
_pdbx_struct_assembly_gen.asym_id_list 
1 1 A,C,D,E,J   
2 1 B,F,G,H,I,K 
# 
_pdbx_struct_oper_list.id                   1 
_pdbx_struct_oper_list.type                 'identity operation' 
_pdbx_struct_oper_list.name                 1_555 
_pdbx_struct_oper_list.symmetry_operation   x,y,z 
_pdbx_struct_oper_list.matrix[1][1]         1.0000000000 
_pdbx_struct_oper_list.matrix[1][2]         0.0000000000 
_pdbx_struct_oper_list.matrix[1][3]         0.0000000000 
_pdbx_struct_oper_list.vector[1]            0.0000000000 
_pdbx_struct_oper_list.matrix[2][1]         0.0000000000 
_pdbx_struct_oper_list.matrix[2][2]         1.0000000000 
_pdbx_struct_oper_list.matrix[2][3]         0.0000000000 
_pdbx_struct_oper_list.vector[2]            0.0000000000 
_pdbx_struct_oper_list.matrix[3][1]         0.0000000000 
_pdbx_struct_oper_list.matrix[3][2]         0.0000000000 
_pdbx_struct_oper_list.matrix[3][3]         1.0000000000 
_pdbx_struct_oper_list.vector[3]            0.0000000000 
# 
_struct_biol.id   1 
# 
loop_
_struct_conn.id 
_struct_conn.conn_type_id 
_struct_conn.pdbx_leaving_atom_flag 
_struct_conn.pdbx_PDB_id 
_struct_conn.ptnr1_label_asym_id 
_struct_conn.ptnr1_label_comp_id 
_struct_conn.ptnr1_label_seq_id 
_struct_conn.ptnr1_label_atom_id 
_struct_conn.pdbx_ptnr1_label_alt_id 
_struct_conn.pdbx_ptnr1_PDB_ins_code 
_struct_conn.pdbx_ptnr1_standard_comp_id 
_struct_conn.ptnr1_symmetry 
_struct_conn.ptnr2_label_asym_id 
_struct_conn.ptnr2_label_comp_id 
_struct_conn.ptnr2_label_seq_id 
_struct_conn.ptnr2_label_atom_id 
_struct_conn.pdbx_ptnr2_label_alt_id 
_struct_conn.pdbx_ptnr2_PDB_ins_code 
_struct_conn.ptnr1_auth_asym_id 
_struct_conn.ptnr1_auth_comp_id 
_struct_conn.ptnr1_auth_seq_id 
_struct_conn.ptnr2_auth_asym_id 
_struct_conn.ptnr2_auth_comp_id 
_struct_conn.ptnr2_auth_seq_id 
_struct_conn.ptnr2_symmetry 
_struct_conn.pdbx_ptnr3_label_atom_id 
_struct_conn.pdbx_ptnr3_label_seq_id 
_struct_conn.pdbx_ptnr3_label_comp_id 
_struct_conn.pdbx_ptnr3_label_asym_id 
_struct_conn.pdbx_ptnr3_label_alt_id 
_struct_conn.pdbx_ptnr3_PDB_ins_code 
_struct_conn.details 
_struct_conn.pdbx_dist_value 
_struct_conn.pdbx_value_order 
_struct_conn.pdbx_role 
disulf1 disulf ? ? A CYS 21 SG ? ? ? 1_555 A CYS 98 SG ? ? A CYS 1  A CYS 78 1_555 ? ? ? ? ? ? ? 2.017 ? ? 
disulf2 disulf ? ? A CYS 42 SG ? ? ? 1_555 A CYS 81 SG ? ? A CYS 22 A CYS 61 1_555 ? ? ? ? ? ? ? 2.006 ? ? 
disulf3 disulf ? ? A CYS 70 SG ? ? ? 1_555 A CYS 93 SG ? ? A CYS 50 A CYS 73 1_555 ? ? ? ? ? ? ? 1.996 ? ? 
disulf4 disulf ? ? B CYS 21 SG ? ? ? 1_555 B CYS 98 SG ? ? B CYS 1  B CYS 78 1_555 ? ? ? ? ? ? ? 2.030 ? ? 
disulf5 disulf ? ? B CYS 42 SG ? ? ? 1_555 B CYS 81 SG ? ? B CYS 22 B CYS 61 1_555 ? ? ? ? ? ? ? 2.020 ? ? 
disulf6 disulf ? ? B CYS 70 SG ? ? ? 1_555 B CYS 93 SG ? ? B CYS 50 B CYS 73 1_555 ? ? ? ? ? ? ? 2.000 ? ? 
# 
_struct_conn_type.id          disulf 
_struct_conn_type.criteria    ? 
_struct_conn_type.reference   ? 
# 
loop_
_pdbx_modification_feature.ordinal 
_pdbx_modification_feature.label_comp_id 
_pdbx_modification_feature.label_asym_id 
_pdbx_modification_feature.label_seq_id 
_pdbx_modification_feature.label_alt_id 
_pdbx_modification_feature.modified_residue_label_comp_id 
_pdbx_modification_feature.modified_residue_label_asym_id 
_pdbx_modification_feature.modified_residue_label_seq_id 
_pdbx_modification_feature.modified_residue_label_alt_id 
_pdbx_modification_feature.auth_comp_id 
_pdbx_modification_feature.auth_asym_id 
_pdbx_modification_feature.auth_seq_id 
_pdbx_modification_feature.PDB_ins_code 
_pdbx_modification_feature.symmetry 
_pdbx_modification_feature.modified_residue_auth_comp_id 
_pdbx_modification_feature.modified_residue_auth_asym_id 
_pdbx_modification_feature.modified_residue_auth_seq_id 
_pdbx_modification_feature.modified_residue_PDB_ins_code 
_pdbx_modification_feature.modified_residue_symmetry 
_pdbx_modification_feature.comp_id_linking_atom 
_pdbx_modification_feature.modified_residue_id_linking_atom 
_pdbx_modification_feature.modified_residue_id 
_pdbx_modification_feature.ref_pcm_id 
_pdbx_modification_feature.ref_comp_id 
_pdbx_modification_feature.type 
_pdbx_modification_feature.category 
1 CYS A 21 ? CYS A 98 ? CYS A 1  ? 1_555 CYS A 78 ? 1_555 SG SG . . . None 'Disulfide bridge' 
2 CYS A 42 ? CYS A 81 ? CYS A 22 ? 1_555 CYS A 61 ? 1_555 SG SG . . . None 'Disulfide bridge' 
3 CYS A 70 ? CYS A 93 ? CYS A 50 ? 1_555 CYS A 73 ? 1_555 SG SG . . . None 'Disulfide bridge' 
4 CYS B 21 ? CYS B 98 ? CYS B 1  ? 1_555 CYS B 78 ? 1_555 SG SG . . . None 'Disulfide bridge' 
5 CYS B 42 ? CYS B 81 ? CYS B 22 ? 1_555 CYS B 61 ? 1_555 SG SG . . . None 'Disulfide bridge' 
6 CYS B 70 ? CYS B 93 ? CYS B 50 ? 1_555 CYS B 73 ? 1_555 SG SG . . . None 'Disulfide bridge' 
# 
loop_
_struct_mon_prot_cis.pdbx_id 
_struct_mon_prot_cis.label_comp_id 
_struct_mon_prot_cis.label_seq_id 
_struct_mon_prot_cis.label_asym_id 
_struct_mon_prot_cis.label_alt_id 
_struct_mon_prot_cis.pdbx_PDB_ins_code 
_struct_mon_prot_cis.auth_comp_id 
_struct_mon_prot_cis.auth_seq_id 
_struct_mon_prot_cis.auth_asym_id 
_struct_mon_prot_cis.pdbx_label_comp_id_2 
_struct_mon_prot_cis.pdbx_label_seq_id_2 
_struct_mon_prot_cis.pdbx_label_asym_id_2 
_struct_mon_prot_cis.pdbx_PDB_ins_code_2 
_struct_mon_prot_cis.pdbx_auth_comp_id_2 
_struct_mon_prot_cis.pdbx_auth_seq_id_2 
_struct_mon_prot_cis.pdbx_auth_asym_id_2 
_struct_mon_prot_cis.pdbx_PDB_model_num 
_struct_mon_prot_cis.pdbx_omega_angle 
1 THR 49 A . ? THR 29 A PRO 50 A ? PRO 30 A 1 1.67 
2 THR 49 B . ? THR 29 B PRO 50 B ? PRO 30 B 1 1.30 
# 
loop_
_struct_sheet.id 
_struct_sheet.type 
_struct_sheet.number_strands 
_struct_sheet.details 
AA ? 2 ? 
AB ? 2 ? 
BA ? 2 ? 
BB ? 2 ? 
# 
loop_
_struct_sheet_order.sheet_id 
_struct_sheet_order.range_id_1 
_struct_sheet_order.range_id_2 
_struct_sheet_order.offset 
_struct_sheet_order.sense 
AA 1 2 ? parallel      
AB 1 2 ? anti-parallel 
BA 1 2 ? parallel      
BB 1 2 ? anti-parallel 
# 
loop_
_struct_sheet_range.sheet_id 
_struct_sheet_range.id 
_struct_sheet_range.beg_label_comp_id 
_struct_sheet_range.beg_label_asym_id 
_struct_sheet_range.beg_label_seq_id 
_struct_sheet_range.pdbx_beg_PDB_ins_code 
_struct_sheet_range.end_label_comp_id 
_struct_sheet_range.end_label_asym_id 
_struct_sheet_range.end_label_seq_id 
_struct_sheet_range.pdbx_end_PDB_ins_code 
_struct_sheet_range.beg_auth_comp_id 
_struct_sheet_range.beg_auth_asym_id 
_struct_sheet_range.beg_auth_seq_id 
_struct_sheet_range.end_auth_comp_id 
_struct_sheet_range.end_auth_asym_id 
_struct_sheet_range.end_auth_seq_id 
AA 1 CYS A 21 ? TYR A 22 ? CYS A 1  TYR A 2  
AA 2 THR A 96 ? GLN A 97 ? THR A 76 GLN A 77 
AB 1 TRP A 80 ? TYR A 82 ? TRP A 60 TYR A 62 
AB 2 TRP A 90 ? TYR A 92 ? TRP A 70 TYR A 72 
BA 1 CYS B 21 ? TYR B 22 ? CYS B 1  TYR B 2  
BA 2 THR B 96 ? GLN B 97 ? THR B 76 GLN B 77 
BB 1 TRP B 80 ? TYR B 82 ? TRP B 60 TYR B 62 
BB 2 TRP B 90 ? TYR B 92 ? TRP B 70 TYR B 72 
# 
loop_
_pdbx_struct_sheet_hbond.sheet_id 
_pdbx_struct_sheet_hbond.range_id_1 
_pdbx_struct_sheet_hbond.range_id_2 
_pdbx_struct_sheet_hbond.range_1_label_atom_id 
_pdbx_struct_sheet_hbond.range_1_label_comp_id 
_pdbx_struct_sheet_hbond.range_1_label_asym_id 
_pdbx_struct_sheet_hbond.range_1_label_seq_id 
_pdbx_struct_sheet_hbond.range_1_PDB_ins_code 
_pdbx_struct_sheet_hbond.range_1_auth_atom_id 
_pdbx_struct_sheet_hbond.range_1_auth_comp_id 
_pdbx_struct_sheet_hbond.range_1_auth_asym_id 
_pdbx_struct_sheet_hbond.range_1_auth_seq_id 
_pdbx_struct_sheet_hbond.range_2_label_atom_id 
_pdbx_struct_sheet_hbond.range_2_label_comp_id 
_pdbx_struct_sheet_hbond.range_2_label_asym_id 
_pdbx_struct_sheet_hbond.range_2_label_seq_id 
_pdbx_struct_sheet_hbond.range_2_PDB_ins_code 
_pdbx_struct_sheet_hbond.range_2_auth_atom_id 
_pdbx_struct_sheet_hbond.range_2_auth_comp_id 
_pdbx_struct_sheet_hbond.range_2_auth_asym_id 
_pdbx_struct_sheet_hbond.range_2_auth_seq_id 
AA 1 2 N TYR A 22 ? N TYR A 2  O THR A 96 ? O THR A 76 
AB 1 2 N CYS A 81 ? N CYS A 61 O GLU A 91 ? O GLU A 71 
BA 1 2 N TYR B 22 ? N TYR B 2  O THR B 96 ? O THR B 76 
BB 1 2 N CYS B 81 ? N CYS B 61 O GLU B 91 ? O GLU B 71 
# 
loop_
_struct_site.id 
_struct_site.pdbx_evidence_code 
_struct_site.pdbx_auth_asym_id 
_struct_site.pdbx_auth_comp_id 
_struct_site.pdbx_auth_seq_id 
_struct_site.pdbx_auth_ins_code 
_struct_site.pdbx_num_residues 
_struct_site.details 
AC1 Software A CL  1079 ? 4 'BINDING SITE FOR RESIDUE CL A 1079'  
AC2 Software B CL  1079 ? 4 'BINDING SITE FOR RESIDUE CL B 1079'  
AC3 Software A CL  1081 ? 2 'BINDING SITE FOR RESIDUE CL A 1081'  
AC4 Software B CL  1080 ? 2 'BINDING SITE FOR RESIDUE CL B 1080'  
AC5 Software B EDO 1081 ? 4 'BINDING SITE FOR RESIDUE EDO B 1081' 
AC6 Software A HKY 1080 ? 8 'BINDING SITE FOR RESIDUE HKY A 1080' 
AC7 Software B HKY 1082 ? 7 'BINDING SITE FOR RESIDUE HKY B 1082' 
# 
loop_
_struct_site_gen.id 
_struct_site_gen.site_id 
_struct_site_gen.pdbx_num_res 
_struct_site_gen.label_comp_id 
_struct_site_gen.label_asym_id 
_struct_site_gen.label_seq_id 
_struct_site_gen.pdbx_auth_ins_code 
_struct_site_gen.auth_comp_id 
_struct_site_gen.auth_asym_id 
_struct_site_gen.auth_seq_id 
_struct_site_gen.label_atom_id 
_struct_site_gen.label_alt_id 
_struct_site_gen.symmetry 
_struct_site_gen.details 
1  AC1 4 HIS A 23 ? HIS A 3    . ? 1_555 ? 
2  AC1 4 SER A 28 ? SER A 8    . ? 1_555 ? 
3  AC1 4 TYR A 29 ? TYR A 9    . ? 1_555 ? 
4  AC1 4 HOH J .  ? HOH A 2002 . ? 1_555 ? 
5  AC2 4 TYR B 60 ? TYR B 40   . ? 1_555 ? 
6  AC2 4 PRO B 61 ? PRO B 41   . ? 1_555 ? 
7  AC2 4 ASN B 62 ? ASN B 42   . ? 1_555 ? 
8  AC2 4 GLY B 63 ? GLY B 43   . ? 1_555 ? 
9  AC3 2 ARG A 55 ? ARG A 35   . ? 1_555 ? 
10 AC3 2 HKY D .  ? HKY A 1080 . ? 1_555 ? 
11 AC4 2 TYR B 22 ? TYR B 2    . ? 1_555 ? 
12 AC4 2 GLN B 97 ? GLN B 77   . ? 1_555 ? 
13 AC5 4 ARG A 40 ? ARG A 20   . ? 1_555 ? 
14 AC5 4 TYR B 22 ? TYR B 2    . ? 1_555 ? 
15 AC5 4 ILE B 77 ? ILE B 57   . ? 1_555 ? 
16 AC5 4 GLN B 97 ? GLN B 77   . ? 1_555 ? 
17 AC6 8 ASP A 74 ? ASP A 54   . ? 1_555 ? 
18 AC6 8 GLU A 76 ? GLU A 56   . ? 1_555 ? 
19 AC6 8 TRP A 80 ? TRP A 60   . ? 1_555 ? 
20 AC6 8 TYR A 82 ? TYR A 62   . ? 1_555 ? 
21 AC6 8 ARG A 89 ? ARG A 69   . ? 1_555 ? 
22 AC6 8 TRP A 90 ? TRP A 70   . ? 1_555 ? 
23 AC6 8 CL  E .  ? CL  A 1081 . ? 1_555 ? 
24 AC6 8 HOH J .  ? HOH A 2054 . ? 1_555 ? 
25 AC7 7 ASP B 74 ? ASP B 54   . ? 1_555 ? 
26 AC7 7 GLU B 76 ? GLU B 56   . ? 1_555 ? 
27 AC7 7 TRP B 80 ? TRP B 60   . ? 1_555 ? 
28 AC7 7 TYR B 82 ? TYR B 62   . ? 1_555 ? 
29 AC7 7 ARG B 89 ? ARG B 69   . ? 1_555 ? 
30 AC7 7 TRP B 90 ? TRP B 70   . ? 1_555 ? 
31 AC7 7 HOH K .  ? HOH B 2051 . ? 1_555 ? 
# 
_pdbx_entry_details.entry_id                   4BVW 
_pdbx_entry_details.compound_details           ? 
_pdbx_entry_details.source_details             ? 
_pdbx_entry_details.nonpolymer_details         ? 
_pdbx_entry_details.sequence_details           
;N74A MUTATION. N-TERMINAL EXTENSION, PART OF THE ALPHA
MATING FACTOR FROM THE EXPRESSION VECTOR, NOT VISIBLE IN
ELECTRON DENSITY.
;
_pdbx_entry_details.has_ligand_of_interest     ? 
_pdbx_entry_details.has_protein_modification   Y 
# 
loop_
_pdbx_validate_torsion.id 
_pdbx_validate_torsion.PDB_model_num 
_pdbx_validate_torsion.auth_comp_id 
_pdbx_validate_torsion.auth_asym_id 
_pdbx_validate_torsion.auth_seq_id 
_pdbx_validate_torsion.PDB_ins_code 
_pdbx_validate_torsion.label_alt_id 
_pdbx_validate_torsion.phi 
_pdbx_validate_torsion.psi 
1 1 SER A 14 ? ? -148.58 37.86   
2 1 ARG A 47 ? ? 42.05   -130.28 
3 1 ALA A 74 ? ? -76.06  46.35   
4 1 SER B 14 ? ? -148.70 34.74   
5 1 ARG B 47 ? ? 40.02   -129.24 
6 1 ALA B 74 ? ? -77.83  49.31   
# 
loop_
_pdbx_unobs_or_zero_occ_residues.id 
_pdbx_unobs_or_zero_occ_residues.PDB_model_num 
_pdbx_unobs_or_zero_occ_residues.polymer_flag 
_pdbx_unobs_or_zero_occ_residues.occupancy_flag 
_pdbx_unobs_or_zero_occ_residues.auth_asym_id 
_pdbx_unobs_or_zero_occ_residues.auth_comp_id 
_pdbx_unobs_or_zero_occ_residues.auth_seq_id 
_pdbx_unobs_or_zero_occ_residues.PDB_ins_code 
_pdbx_unobs_or_zero_occ_residues.label_asym_id 
_pdbx_unobs_or_zero_occ_residues.label_comp_id 
_pdbx_unobs_or_zero_occ_residues.label_seq_id 
1  1 Y 1 A SER -19 ? A SER 1  
2  1 Y 1 A ILE -18 ? A ILE 2  
3  1 Y 1 A ALA -17 ? A ALA 3  
4  1 Y 1 A ALA -16 ? A ALA 4  
5  1 Y 1 A LYS -15 ? A LYS 5  
6  1 Y 1 A GLU -14 ? A GLU 6  
7  1 Y 1 A GLU -13 ? A GLU 7  
8  1 Y 1 A GLY -12 ? A GLY 8  
9  1 Y 1 A VAL -11 ? A VAL 9  
10 1 Y 1 A SER -10 ? A SER 10 
11 1 Y 1 A LEU -9  ? A LEU 11 
12 1 Y 1 A GLU -8  ? A GLU 12 
13 1 Y 1 A LYS -7  ? A LYS 13 
14 1 Y 1 A ARG -6  ? A ARG 14 
15 1 Y 1 A SER -5  ? A SER 15 
16 1 Y 1 A ILE -4  ? A ILE 16 
17 1 Y 1 A ALA -3  ? A ALA 17 
18 1 Y 1 A ARG -2  ? A ARG 18 
19 1 Y 1 A SER -1  ? A SER 19 
20 1 Y 1 B SER -19 ? B SER 1  
21 1 Y 1 B ILE -18 ? B ILE 2  
22 1 Y 1 B ALA -17 ? B ALA 3  
23 1 Y 1 B ALA -16 ? B ALA 4  
24 1 Y 1 B LYS -15 ? B LYS 5  
25 1 Y 1 B GLU -14 ? B GLU 6  
26 1 Y 1 B GLU -13 ? B GLU 7  
27 1 Y 1 B GLY -12 ? B GLY 8  
28 1 Y 1 B VAL -11 ? B VAL 9  
29 1 Y 1 B SER -10 ? B SER 10 
30 1 Y 1 B LEU -9  ? B LEU 11 
31 1 Y 1 B GLU -8  ? B GLU 12 
32 1 Y 1 B LYS -7  ? B LYS 13 
33 1 Y 1 B ARG -6  ? B ARG 14 
34 1 Y 1 B SER -5  ? B SER 15 
35 1 Y 1 B ILE -4  ? B ILE 16 
36 1 Y 1 B ALA -3  ? B ALA 17 
37 1 Y 1 B ARG -2  ? B ARG 18 
38 1 Y 1 B SER -1  ? B SER 19 
# 
loop_
_chem_comp_atom.comp_id 
_chem_comp_atom.atom_id 
_chem_comp_atom.type_symbol 
_chem_comp_atom.pdbx_aromatic_flag 
_chem_comp_atom.pdbx_stereo_config 
_chem_comp_atom.pdbx_ordinal 
ALA N    N  N N 1   
ALA CA   C  N S 2   
ALA C    C  N N 3   
ALA O    O  N N 4   
ALA CB   C  N N 5   
ALA OXT  O  N N 6   
ALA H    H  N N 7   
ALA H2   H  N N 8   
ALA HA   H  N N 9   
ALA HB1  H  N N 10  
ALA HB2  H  N N 11  
ALA HB3  H  N N 12  
ALA HXT  H  N N 13  
ARG N    N  N N 14  
ARG CA   C  N S 15  
ARG C    C  N N 16  
ARG O    O  N N 17  
ARG CB   C  N N 18  
ARG CG   C  N N 19  
ARG CD   C  N N 20  
ARG NE   N  N N 21  
ARG CZ   C  N N 22  
ARG NH1  N  N N 23  
ARG NH2  N  N N 24  
ARG OXT  O  N N 25  
ARG H    H  N N 26  
ARG H2   H  N N 27  
ARG HA   H  N N 28  
ARG HB2  H  N N 29  
ARG HB3  H  N N 30  
ARG HG2  H  N N 31  
ARG HG3  H  N N 32  
ARG HD2  H  N N 33  
ARG HD3  H  N N 34  
ARG HE   H  N N 35  
ARG HH11 H  N N 36  
ARG HH12 H  N N 37  
ARG HH21 H  N N 38  
ARG HH22 H  N N 39  
ARG HXT  H  N N 40  
ASN N    N  N N 41  
ASN CA   C  N S 42  
ASN C    C  N N 43  
ASN O    O  N N 44  
ASN CB   C  N N 45  
ASN CG   C  N N 46  
ASN OD1  O  N N 47  
ASN ND2  N  N N 48  
ASN OXT  O  N N 49  
ASN H    H  N N 50  
ASN H2   H  N N 51  
ASN HA   H  N N 52  
ASN HB2  H  N N 53  
ASN HB3  H  N N 54  
ASN HD21 H  N N 55  
ASN HD22 H  N N 56  
ASN HXT  H  N N 57  
ASP N    N  N N 58  
ASP CA   C  N S 59  
ASP C    C  N N 60  
ASP O    O  N N 61  
ASP CB   C  N N 62  
ASP CG   C  N N 63  
ASP OD1  O  N N 64  
ASP OD2  O  N N 65  
ASP OXT  O  N N 66  
ASP H    H  N N 67  
ASP H2   H  N N 68  
ASP HA   H  N N 69  
ASP HB2  H  N N 70  
ASP HB3  H  N N 71  
ASP HD2  H  N N 72  
ASP HXT  H  N N 73  
CL  CL   CL N N 74  
CYS N    N  N N 75  
CYS CA   C  N R 76  
CYS C    C  N N 77  
CYS O    O  N N 78  
CYS CB   C  N N 79  
CYS SG   S  N N 80  
CYS OXT  O  N N 81  
CYS H    H  N N 82  
CYS H2   H  N N 83  
CYS HA   H  N N 84  
CYS HB2  H  N N 85  
CYS HB3  H  N N 86  
CYS HG   H  N N 87  
CYS HXT  H  N N 88  
EDO C1   C  N N 89  
EDO O1   O  N N 90  
EDO C2   C  N N 91  
EDO O2   O  N N 92  
EDO H11  H  N N 93  
EDO H12  H  N N 94  
EDO HO1  H  N N 95  
EDO H21  H  N N 96  
EDO H22  H  N N 97  
EDO HO2  H  N N 98  
GLN N    N  N N 99  
GLN CA   C  N S 100 
GLN C    C  N N 101 
GLN O    O  N N 102 
GLN CB   C  N N 103 
GLN CG   C  N N 104 
GLN CD   C  N N 105 
GLN OE1  O  N N 106 
GLN NE2  N  N N 107 
GLN OXT  O  N N 108 
GLN H    H  N N 109 
GLN H2   H  N N 110 
GLN HA   H  N N 111 
GLN HB2  H  N N 112 
GLN HB3  H  N N 113 
GLN HG2  H  N N 114 
GLN HG3  H  N N 115 
GLN HE21 H  N N 116 
GLN HE22 H  N N 117 
GLN HXT  H  N N 118 
GLU N    N  N N 119 
GLU CA   C  N S 120 
GLU C    C  N N 121 
GLU O    O  N N 122 
GLU CB   C  N N 123 
GLU CG   C  N N 124 
GLU CD   C  N N 125 
GLU OE1  O  N N 126 
GLU OE2  O  N N 127 
GLU OXT  O  N N 128 
GLU H    H  N N 129 
GLU H2   H  N N 130 
GLU HA   H  N N 131 
GLU HB2  H  N N 132 
GLU HB3  H  N N 133 
GLU HG2  H  N N 134 
GLU HG3  H  N N 135 
GLU HE2  H  N N 136 
GLU HXT  H  N N 137 
GLY N    N  N N 138 
GLY CA   C  N N 139 
GLY C    C  N N 140 
GLY O    O  N N 141 
GLY OXT  O  N N 142 
GLY H    H  N N 143 
GLY H2   H  N N 144 
GLY HA2  H  N N 145 
GLY HA3  H  N N 146 
GLY HXT  H  N N 147 
HIS N    N  N N 148 
HIS CA   C  N S 149 
HIS C    C  N N 150 
HIS O    O  N N 151 
HIS CB   C  N N 152 
HIS CG   C  Y N 153 
HIS ND1  N  Y N 154 
HIS CD2  C  Y N 155 
HIS CE1  C  Y N 156 
HIS NE2  N  Y N 157 
HIS OXT  O  N N 158 
HIS H    H  N N 159 
HIS H2   H  N N 160 
HIS HA   H  N N 161 
HIS HB2  H  N N 162 
HIS HB3  H  N N 163 
HIS HD1  H  N N 164 
HIS HD2  H  N N 165 
HIS HE1  H  N N 166 
HIS HE2  H  N N 167 
HIS HXT  H  N N 168 
HKY C1   C  Y N 169 
HKY C2   C  Y N 170 
HKY C3   C  Y N 171 
HKY C4   C  Y N 172 
HKY C5   C  Y N 173 
HKY C6   C  Y N 174 
HKY C7   C  N N 175 
HKY C8   C  N N 176 
HKY C9   C  N N 177 
HKY C10  C  N N 178 
HKY N11  N  N N 179 
HKY O12  O  N N 180 
HKY O13  O  N N 181 
HKY H1   H  N N 182 
HKY H2   H  N N 183 
HKY H3   H  N N 184 
HKY H91C H  N N 185 
HKY H92C H  N N 186 
HKY H81C H  N N 187 
HKY H82C H  N N 188 
HKY H13  H  N N 189 
HKY H101 H  N N 190 
HKY H102 H  N N 191 
HKY H11  H  N N 192 
HOH O    O  N N 193 
HOH H1   H  N N 194 
HOH H2   H  N N 195 
ILE N    N  N N 196 
ILE CA   C  N S 197 
ILE C    C  N N 198 
ILE O    O  N N 199 
ILE CB   C  N S 200 
ILE CG1  C  N N 201 
ILE CG2  C  N N 202 
ILE CD1  C  N N 203 
ILE OXT  O  N N 204 
ILE H    H  N N 205 
ILE H2   H  N N 206 
ILE HA   H  N N 207 
ILE HB   H  N N 208 
ILE HG12 H  N N 209 
ILE HG13 H  N N 210 
ILE HG21 H  N N 211 
ILE HG22 H  N N 212 
ILE HG23 H  N N 213 
ILE HD11 H  N N 214 
ILE HD12 H  N N 215 
ILE HD13 H  N N 216 
ILE HXT  H  N N 217 
LEU N    N  N N 218 
LEU CA   C  N S 219 
LEU C    C  N N 220 
LEU O    O  N N 221 
LEU CB   C  N N 222 
LEU CG   C  N N 223 
LEU CD1  C  N N 224 
LEU CD2  C  N N 225 
LEU OXT  O  N N 226 
LEU H    H  N N 227 
LEU H2   H  N N 228 
LEU HA   H  N N 229 
LEU HB2  H  N N 230 
LEU HB3  H  N N 231 
LEU HG   H  N N 232 
LEU HD11 H  N N 233 
LEU HD12 H  N N 234 
LEU HD13 H  N N 235 
LEU HD21 H  N N 236 
LEU HD22 H  N N 237 
LEU HD23 H  N N 238 
LEU HXT  H  N N 239 
LYS N    N  N N 240 
LYS CA   C  N S 241 
LYS C    C  N N 242 
LYS O    O  N N 243 
LYS CB   C  N N 244 
LYS CG   C  N N 245 
LYS CD   C  N N 246 
LYS CE   C  N N 247 
LYS NZ   N  N N 248 
LYS OXT  O  N N 249 
LYS H    H  N N 250 
LYS H2   H  N N 251 
LYS HA   H  N N 252 
LYS HB2  H  N N 253 
LYS HB3  H  N N 254 
LYS HG2  H  N N 255 
LYS HG3  H  N N 256 
LYS HD2  H  N N 257 
LYS HD3  H  N N 258 
LYS HE2  H  N N 259 
LYS HE3  H  N N 260 
LYS HZ1  H  N N 261 
LYS HZ2  H  N N 262 
LYS HZ3  H  N N 263 
LYS HXT  H  N N 264 
MET N    N  N N 265 
MET CA   C  N S 266 
MET C    C  N N 267 
MET O    O  N N 268 
MET CB   C  N N 269 
MET CG   C  N N 270 
MET SD   S  N N 271 
MET CE   C  N N 272 
MET OXT  O  N N 273 
MET H    H  N N 274 
MET H2   H  N N 275 
MET HA   H  N N 276 
MET HB2  H  N N 277 
MET HB3  H  N N 278 
MET HG2  H  N N 279 
MET HG3  H  N N 280 
MET HE1  H  N N 281 
MET HE2  H  N N 282 
MET HE3  H  N N 283 
MET HXT  H  N N 284 
PHE N    N  N N 285 
PHE CA   C  N S 286 
PHE C    C  N N 287 
PHE O    O  N N 288 
PHE CB   C  N N 289 
PHE CG   C  Y N 290 
PHE CD1  C  Y N 291 
PHE CD2  C  Y N 292 
PHE CE1  C  Y N 293 
PHE CE2  C  Y N 294 
PHE CZ   C  Y N 295 
PHE OXT  O  N N 296 
PHE H    H  N N 297 
PHE H2   H  N N 298 
PHE HA   H  N N 299 
PHE HB2  H  N N 300 
PHE HB3  H  N N 301 
PHE HD1  H  N N 302 
PHE HD2  H  N N 303 
PHE HE1  H  N N 304 
PHE HE2  H  N N 305 
PHE HZ   H  N N 306 
PHE HXT  H  N N 307 
PRO N    N  N N 308 
PRO CA   C  N S 309 
PRO C    C  N N 310 
PRO O    O  N N 311 
PRO CB   C  N N 312 
PRO CG   C  N N 313 
PRO CD   C  N N 314 
PRO OXT  O  N N 315 
PRO H    H  N N 316 
PRO HA   H  N N 317 
PRO HB2  H  N N 318 
PRO HB3  H  N N 319 
PRO HG2  H  N N 320 
PRO HG3  H  N N 321 
PRO HD2  H  N N 322 
PRO HD3  H  N N 323 
PRO HXT  H  N N 324 
SER N    N  N N 325 
SER CA   C  N S 326 
SER C    C  N N 327 
SER O    O  N N 328 
SER CB   C  N N 329 
SER OG   O  N N 330 
SER OXT  O  N N 331 
SER H    H  N N 332 
SER H2   H  N N 333 
SER HA   H  N N 334 
SER HB2  H  N N 335 
SER HB3  H  N N 336 
SER HG   H  N N 337 
SER HXT  H  N N 338 
THR N    N  N N 339 
THR CA   C  N S 340 
THR C    C  N N 341 
THR O    O  N N 342 
THR CB   C  N R 343 
THR OG1  O  N N 344 
THR CG2  C  N N 345 
THR OXT  O  N N 346 
THR H    H  N N 347 
THR H2   H  N N 348 
THR HA   H  N N 349 
THR HB   H  N N 350 
THR HG1  H  N N 351 
THR HG21 H  N N 352 
THR HG22 H  N N 353 
THR HG23 H  N N 354 
THR HXT  H  N N 355 
TRP N    N  N N 356 
TRP CA   C  N S 357 
TRP C    C  N N 358 
TRP O    O  N N 359 
TRP CB   C  N N 360 
TRP CG   C  Y N 361 
TRP CD1  C  Y N 362 
TRP CD2  C  Y N 363 
TRP NE1  N  Y N 364 
TRP CE2  C  Y N 365 
TRP CE3  C  Y N 366 
TRP CZ2  C  Y N 367 
TRP CZ3  C  Y N 368 
TRP CH2  C  Y N 369 
TRP OXT  O  N N 370 
TRP H    H  N N 371 
TRP H2   H  N N 372 
TRP HA   H  N N 373 
TRP HB2  H  N N 374 
TRP HB3  H  N N 375 
TRP HD1  H  N N 376 
TRP HE1  H  N N 377 
TRP HE3  H  N N 378 
TRP HZ2  H  N N 379 
TRP HZ3  H  N N 380 
TRP HH2  H  N N 381 
TRP HXT  H  N N 382 
TYR N    N  N N 383 
TYR CA   C  N S 384 
TYR C    C  N N 385 
TYR O    O  N N 386 
TYR CB   C  N N 387 
TYR CG   C  Y N 388 
TYR CD1  C  Y N 389 
TYR CD2  C  Y N 390 
TYR CE1  C  Y N 391 
TYR CE2  C  Y N 392 
TYR CZ   C  Y N 393 
TYR OH   O  N N 394 
TYR OXT  O  N N 395 
TYR H    H  N N 396 
TYR H2   H  N N 397 
TYR HA   H  N N 398 
TYR HB2  H  N N 399 
TYR HB3  H  N N 400 
TYR HD1  H  N N 401 
TYR HD2  H  N N 402 
TYR HE1  H  N N 403 
TYR HE2  H  N N 404 
TYR HH   H  N N 405 
TYR HXT  H  N N 406 
VAL N    N  N N 407 
VAL CA   C  N S 408 
VAL C    C  N N 409 
VAL O    O  N N 410 
VAL CB   C  N N 411 
VAL CG1  C  N N 412 
VAL CG2  C  N N 413 
VAL OXT  O  N N 414 
VAL H    H  N N 415 
VAL H2   H  N N 416 
VAL HA   H  N N 417 
VAL HB   H  N N 418 
VAL HG11 H  N N 419 
VAL HG12 H  N N 420 
VAL HG13 H  N N 421 
VAL HG21 H  N N 422 
VAL HG22 H  N N 423 
VAL HG23 H  N N 424 
VAL HXT  H  N N 425 
# 
loop_
_chem_comp_bond.comp_id 
_chem_comp_bond.atom_id_1 
_chem_comp_bond.atom_id_2 
_chem_comp_bond.value_order 
_chem_comp_bond.pdbx_aromatic_flag 
_chem_comp_bond.pdbx_stereo_config 
_chem_comp_bond.pdbx_ordinal 
ALA N   CA   sing N N 1   
ALA N   H    sing N N 2   
ALA N   H2   sing N N 3   
ALA CA  C    sing N N 4   
ALA CA  CB   sing N N 5   
ALA CA  HA   sing N N 6   
ALA C   O    doub N N 7   
ALA C   OXT  sing N N 8   
ALA CB  HB1  sing N N 9   
ALA CB  HB2  sing N N 10  
ALA CB  HB3  sing N N 11  
ALA OXT HXT  sing N N 12  
ARG N   CA   sing N N 13  
ARG N   H    sing N N 14  
ARG N   H2   sing N N 15  
ARG CA  C    sing N N 16  
ARG CA  CB   sing N N 17  
ARG CA  HA   sing N N 18  
ARG C   O    doub N N 19  
ARG C   OXT  sing N N 20  
ARG CB  CG   sing N N 21  
ARG CB  HB2  sing N N 22  
ARG CB  HB3  sing N N 23  
ARG CG  CD   sing N N 24  
ARG CG  HG2  sing N N 25  
ARG CG  HG3  sing N N 26  
ARG CD  NE   sing N N 27  
ARG CD  HD2  sing N N 28  
ARG CD  HD3  sing N N 29  
ARG NE  CZ   sing N N 30  
ARG NE  HE   sing N N 31  
ARG CZ  NH1  sing N N 32  
ARG CZ  NH2  doub N N 33  
ARG NH1 HH11 sing N N 34  
ARG NH1 HH12 sing N N 35  
ARG NH2 HH21 sing N N 36  
ARG NH2 HH22 sing N N 37  
ARG OXT HXT  sing N N 38  
ASN N   CA   sing N N 39  
ASN N   H    sing N N 40  
ASN N   H2   sing N N 41  
ASN CA  C    sing N N 42  
ASN CA  CB   sing N N 43  
ASN CA  HA   sing N N 44  
ASN C   O    doub N N 45  
ASN C   OXT  sing N N 46  
ASN CB  CG   sing N N 47  
ASN CB  HB2  sing N N 48  
ASN CB  HB3  sing N N 49  
ASN CG  OD1  doub N N 50  
ASN CG  ND2  sing N N 51  
ASN ND2 HD21 sing N N 52  
ASN ND2 HD22 sing N N 53  
ASN OXT HXT  sing N N 54  
ASP N   CA   sing N N 55  
ASP N   H    sing N N 56  
ASP N   H2   sing N N 57  
ASP CA  C    sing N N 58  
ASP CA  CB   sing N N 59  
ASP CA  HA   sing N N 60  
ASP C   O    doub N N 61  
ASP C   OXT  sing N N 62  
ASP CB  CG   sing N N 63  
ASP CB  HB2  sing N N 64  
ASP CB  HB3  sing N N 65  
ASP CG  OD1  doub N N 66  
ASP CG  OD2  sing N N 67  
ASP OD2 HD2  sing N N 68  
ASP OXT HXT  sing N N 69  
CYS N   CA   sing N N 70  
CYS N   H    sing N N 71  
CYS N   H2   sing N N 72  
CYS CA  C    sing N N 73  
CYS CA  CB   sing N N 74  
CYS CA  HA   sing N N 75  
CYS C   O    doub N N 76  
CYS C   OXT  sing N N 77  
CYS CB  SG   sing N N 78  
CYS CB  HB2  sing N N 79  
CYS CB  HB3  sing N N 80  
CYS SG  HG   sing N N 81  
CYS OXT HXT  sing N N 82  
EDO C1  O1   sing N N 83  
EDO C1  C2   sing N N 84  
EDO C1  H11  sing N N 85  
EDO C1  H12  sing N N 86  
EDO O1  HO1  sing N N 87  
EDO C2  O2   sing N N 88  
EDO C2  H21  sing N N 89  
EDO C2  H22  sing N N 90  
EDO O2  HO2  sing N N 91  
GLN N   CA   sing N N 92  
GLN N   H    sing N N 93  
GLN N   H2   sing N N 94  
GLN CA  C    sing N N 95  
GLN CA  CB   sing N N 96  
GLN CA  HA   sing N N 97  
GLN C   O    doub N N 98  
GLN C   OXT  sing N N 99  
GLN CB  CG   sing N N 100 
GLN CB  HB2  sing N N 101 
GLN CB  HB3  sing N N 102 
GLN CG  CD   sing N N 103 
GLN CG  HG2  sing N N 104 
GLN CG  HG3  sing N N 105 
GLN CD  OE1  doub N N 106 
GLN CD  NE2  sing N N 107 
GLN NE2 HE21 sing N N 108 
GLN NE2 HE22 sing N N 109 
GLN OXT HXT  sing N N 110 
GLU N   CA   sing N N 111 
GLU N   H    sing N N 112 
GLU N   H2   sing N N 113 
GLU CA  C    sing N N 114 
GLU CA  CB   sing N N 115 
GLU CA  HA   sing N N 116 
GLU C   O    doub N N 117 
GLU C   OXT  sing N N 118 
GLU CB  CG   sing N N 119 
GLU CB  HB2  sing N N 120 
GLU CB  HB3  sing N N 121 
GLU CG  CD   sing N N 122 
GLU CG  HG2  sing N N 123 
GLU CG  HG3  sing N N 124 
GLU CD  OE1  doub N N 125 
GLU CD  OE2  sing N N 126 
GLU OE2 HE2  sing N N 127 
GLU OXT HXT  sing N N 128 
GLY N   CA   sing N N 129 
GLY N   H    sing N N 130 
GLY N   H2   sing N N 131 
GLY CA  C    sing N N 132 
GLY CA  HA2  sing N N 133 
GLY CA  HA3  sing N N 134 
GLY C   O    doub N N 135 
GLY C   OXT  sing N N 136 
GLY OXT HXT  sing N N 137 
HIS N   CA   sing N N 138 
HIS N   H    sing N N 139 
HIS N   H2   sing N N 140 
HIS CA  C    sing N N 141 
HIS CA  CB   sing N N 142 
HIS CA  HA   sing N N 143 
HIS C   O    doub N N 144 
HIS C   OXT  sing N N 145 
HIS CB  CG   sing N N 146 
HIS CB  HB2  sing N N 147 
HIS CB  HB3  sing N N 148 
HIS CG  ND1  sing Y N 149 
HIS CG  CD2  doub Y N 150 
HIS ND1 CE1  doub Y N 151 
HIS ND1 HD1  sing N N 152 
HIS CD2 NE2  sing Y N 153 
HIS CD2 HD2  sing N N 154 
HIS CE1 NE2  sing Y N 155 
HIS CE1 HE1  sing N N 156 
HIS NE2 HE2  sing N N 157 
HIS OXT HXT  sing N N 158 
HKY C1  C2   sing Y N 159 
HKY C1  C4   doub Y N 160 
HKY C2  C5   doub Y N 161 
HKY C3  C4   sing Y N 162 
HKY C3  C6   doub Y N 163 
HKY C4  C7   sing N N 164 
HKY C5  C6   sing Y N 165 
HKY C5  C9   sing N N 166 
HKY C6  C8   sing N N 167 
HKY C7  O12  doub N N 168 
HKY C7  O13  sing N N 169 
HKY C8  C10  sing N N 170 
HKY C9  N11  sing N N 171 
HKY C10 N11  sing N N 172 
HKY C1  H1   sing N N 173 
HKY C2  H2   sing N N 174 
HKY C3  H3   sing N N 175 
HKY C9  H91C sing N N 176 
HKY C9  H92C sing N N 177 
HKY C8  H81C sing N N 178 
HKY C8  H82C sing N N 179 
HKY O13 H13  sing N N 180 
HKY C10 H101 sing N N 181 
HKY C10 H102 sing N N 182 
HKY N11 H11  sing N N 183 
HOH O   H1   sing N N 184 
HOH O   H2   sing N N 185 
ILE N   CA   sing N N 186 
ILE N   H    sing N N 187 
ILE N   H2   sing N N 188 
ILE CA  C    sing N N 189 
ILE CA  CB   sing N N 190 
ILE CA  HA   sing N N 191 
ILE C   O    doub N N 192 
ILE C   OXT  sing N N 193 
ILE CB  CG1  sing N N 194 
ILE CB  CG2  sing N N 195 
ILE CB  HB   sing N N 196 
ILE CG1 CD1  sing N N 197 
ILE CG1 HG12 sing N N 198 
ILE CG1 HG13 sing N N 199 
ILE CG2 HG21 sing N N 200 
ILE CG2 HG22 sing N N 201 
ILE CG2 HG23 sing N N 202 
ILE CD1 HD11 sing N N 203 
ILE CD1 HD12 sing N N 204 
ILE CD1 HD13 sing N N 205 
ILE OXT HXT  sing N N 206 
LEU N   CA   sing N N 207 
LEU N   H    sing N N 208 
LEU N   H2   sing N N 209 
LEU CA  C    sing N N 210 
LEU CA  CB   sing N N 211 
LEU CA  HA   sing N N 212 
LEU C   O    doub N N 213 
LEU C   OXT  sing N N 214 
LEU CB  CG   sing N N 215 
LEU CB  HB2  sing N N 216 
LEU CB  HB3  sing N N 217 
LEU CG  CD1  sing N N 218 
LEU CG  CD2  sing N N 219 
LEU CG  HG   sing N N 220 
LEU CD1 HD11 sing N N 221 
LEU CD1 HD12 sing N N 222 
LEU CD1 HD13 sing N N 223 
LEU CD2 HD21 sing N N 224 
LEU CD2 HD22 sing N N 225 
LEU CD2 HD23 sing N N 226 
LEU OXT HXT  sing N N 227 
LYS N   CA   sing N N 228 
LYS N   H    sing N N 229 
LYS N   H2   sing N N 230 
LYS CA  C    sing N N 231 
LYS CA  CB   sing N N 232 
LYS CA  HA   sing N N 233 
LYS C   O    doub N N 234 
LYS C   OXT  sing N N 235 
LYS CB  CG   sing N N 236 
LYS CB  HB2  sing N N 237 
LYS CB  HB3  sing N N 238 
LYS CG  CD   sing N N 239 
LYS CG  HG2  sing N N 240 
LYS CG  HG3  sing N N 241 
LYS CD  CE   sing N N 242 
LYS CD  HD2  sing N N 243 
LYS CD  HD3  sing N N 244 
LYS CE  NZ   sing N N 245 
LYS CE  HE2  sing N N 246 
LYS CE  HE3  sing N N 247 
LYS NZ  HZ1  sing N N 248 
LYS NZ  HZ2  sing N N 249 
LYS NZ  HZ3  sing N N 250 
LYS OXT HXT  sing N N 251 
MET N   CA   sing N N 252 
MET N   H    sing N N 253 
MET N   H2   sing N N 254 
MET CA  C    sing N N 255 
MET CA  CB   sing N N 256 
MET CA  HA   sing N N 257 
MET C   O    doub N N 258 
MET C   OXT  sing N N 259 
MET CB  CG   sing N N 260 
MET CB  HB2  sing N N 261 
MET CB  HB3  sing N N 262 
MET CG  SD   sing N N 263 
MET CG  HG2  sing N N 264 
MET CG  HG3  sing N N 265 
MET SD  CE   sing N N 266 
MET CE  HE1  sing N N 267 
MET CE  HE2  sing N N 268 
MET CE  HE3  sing N N 269 
MET OXT HXT  sing N N 270 
PHE N   CA   sing N N 271 
PHE N   H    sing N N 272 
PHE N   H2   sing N N 273 
PHE CA  C    sing N N 274 
PHE CA  CB   sing N N 275 
PHE CA  HA   sing N N 276 
PHE C   O    doub N N 277 
PHE C   OXT  sing N N 278 
PHE CB  CG   sing N N 279 
PHE CB  HB2  sing N N 280 
PHE CB  HB3  sing N N 281 
PHE CG  CD1  doub Y N 282 
PHE CG  CD2  sing Y N 283 
PHE CD1 CE1  sing Y N 284 
PHE CD1 HD1  sing N N 285 
PHE CD2 CE2  doub Y N 286 
PHE CD2 HD2  sing N N 287 
PHE CE1 CZ   doub Y N 288 
PHE CE1 HE1  sing N N 289 
PHE CE2 CZ   sing Y N 290 
PHE CE2 HE2  sing N N 291 
PHE CZ  HZ   sing N N 292 
PHE OXT HXT  sing N N 293 
PRO N   CA   sing N N 294 
PRO N   CD   sing N N 295 
PRO N   H    sing N N 296 
PRO CA  C    sing N N 297 
PRO CA  CB   sing N N 298 
PRO CA  HA   sing N N 299 
PRO C   O    doub N N 300 
PRO C   OXT  sing N N 301 
PRO CB  CG   sing N N 302 
PRO CB  HB2  sing N N 303 
PRO CB  HB3  sing N N 304 
PRO CG  CD   sing N N 305 
PRO CG  HG2  sing N N 306 
PRO CG  HG3  sing N N 307 
PRO CD  HD2  sing N N 308 
PRO CD  HD3  sing N N 309 
PRO OXT HXT  sing N N 310 
SER N   CA   sing N N 311 
SER N   H    sing N N 312 
SER N   H2   sing N N 313 
SER CA  C    sing N N 314 
SER CA  CB   sing N N 315 
SER CA  HA   sing N N 316 
SER C   O    doub N N 317 
SER C   OXT  sing N N 318 
SER CB  OG   sing N N 319 
SER CB  HB2  sing N N 320 
SER CB  HB3  sing N N 321 
SER OG  HG   sing N N 322 
SER OXT HXT  sing N N 323 
THR N   CA   sing N N 324 
THR N   H    sing N N 325 
THR N   H2   sing N N 326 
THR CA  C    sing N N 327 
THR CA  CB   sing N N 328 
THR CA  HA   sing N N 329 
THR C   O    doub N N 330 
THR C   OXT  sing N N 331 
THR CB  OG1  sing N N 332 
THR CB  CG2  sing N N 333 
THR CB  HB   sing N N 334 
THR OG1 HG1  sing N N 335 
THR CG2 HG21 sing N N 336 
THR CG2 HG22 sing N N 337 
THR CG2 HG23 sing N N 338 
THR OXT HXT  sing N N 339 
TRP N   CA   sing N N 340 
TRP N   H    sing N N 341 
TRP N   H2   sing N N 342 
TRP CA  C    sing N N 343 
TRP CA  CB   sing N N 344 
TRP CA  HA   sing N N 345 
TRP C   O    doub N N 346 
TRP C   OXT  sing N N 347 
TRP CB  CG   sing N N 348 
TRP CB  HB2  sing N N 349 
TRP CB  HB3  sing N N 350 
TRP CG  CD1  doub Y N 351 
TRP CG  CD2  sing Y N 352 
TRP CD1 NE1  sing Y N 353 
TRP CD1 HD1  sing N N 354 
TRP CD2 CE2  doub Y N 355 
TRP CD2 CE3  sing Y N 356 
TRP NE1 CE2  sing Y N 357 
TRP NE1 HE1  sing N N 358 
TRP CE2 CZ2  sing Y N 359 
TRP CE3 CZ3  doub Y N 360 
TRP CE3 HE3  sing N N 361 
TRP CZ2 CH2  doub Y N 362 
TRP CZ2 HZ2  sing N N 363 
TRP CZ3 CH2  sing Y N 364 
TRP CZ3 HZ3  sing N N 365 
TRP CH2 HH2  sing N N 366 
TRP OXT HXT  sing N N 367 
TYR N   CA   sing N N 368 
TYR N   H    sing N N 369 
TYR N   H2   sing N N 370 
TYR CA  C    sing N N 371 
TYR CA  CB   sing N N 372 
TYR CA  HA   sing N N 373 
TYR C   O    doub N N 374 
TYR C   OXT  sing N N 375 
TYR CB  CG   sing N N 376 
TYR CB  HB2  sing N N 377 
TYR CB  HB3  sing N N 378 
TYR CG  CD1  doub Y N 379 
TYR CG  CD2  sing Y N 380 
TYR CD1 CE1  sing Y N 381 
TYR CD1 HD1  sing N N 382 
TYR CD2 CE2  doub Y N 383 
TYR CD2 HD2  sing N N 384 
TYR CE1 CZ   doub Y N 385 
TYR CE1 HE1  sing N N 386 
TYR CE2 CZ   sing Y N 387 
TYR CE2 HE2  sing N N 388 
TYR CZ  OH   sing N N 389 
TYR OH  HH   sing N N 390 
TYR OXT HXT  sing N N 391 
VAL N   CA   sing N N 392 
VAL N   H    sing N N 393 
VAL N   H2   sing N N 394 
VAL CA  C    sing N N 395 
VAL CA  CB   sing N N 396 
VAL CA  HA   sing N N 397 
VAL C   O    doub N N 398 
VAL C   OXT  sing N N 399 
VAL CB  CG1  sing N N 400 
VAL CB  CG2  sing N N 401 
VAL CB  HB   sing N N 402 
VAL CG1 HG11 sing N N 403 
VAL CG1 HG12 sing N N 404 
VAL CG1 HG13 sing N N 405 
VAL CG2 HG21 sing N N 406 
VAL CG2 HG22 sing N N 407 
VAL CG2 HG23 sing N N 408 
VAL OXT HXT  sing N N 409 
# 
_pdbx_initial_refinement_model.id               1 
_pdbx_initial_refinement_model.entity_id_list   ? 
_pdbx_initial_refinement_model.type             'experimental model' 
_pdbx_initial_refinement_model.source_name      PDB 
_pdbx_initial_refinement_model.accession_code   1I71 
_pdbx_initial_refinement_model.details          'PDB ENTRY 1I71' 
# 
_atom_sites.entry_id                    4BVW 
_atom_sites.fract_transf_matrix[1][1]   0.02877232 
_atom_sites.fract_transf_matrix[1][2]   0.00187171 
_atom_sites.fract_transf_matrix[1][3]   0.00284951 
_atom_sites.fract_transf_matrix[2][1]   0.00209974 
_atom_sites.fract_transf_matrix[2][2]   -0.02915354 
_atom_sites.fract_transf_matrix[2][3]   -0.00205208 
_atom_sites.fract_transf_matrix[3][1]   0.00209985 
_atom_sites.fract_transf_matrix[3][2]   0.00118542 
_atom_sites.fract_transf_matrix[3][3]   -0.01469244 
_atom_sites.fract_transf_vector[1]      1.250626 
_atom_sites.fract_transf_vector[2]      -0.196177 
_atom_sites.fract_transf_vector[3]      1.249612 
# 
loop_
_atom_type.symbol 
C  
CL 
N  
O  
S  
# 
loop_
_atom_site.group_PDB 
_atom_site.id 
_atom_site.type_symbol 
_atom_site.label_atom_id 
_atom_site.label_alt_id 
_atom_site.label_comp_id 
_atom_site.label_asym_id 
_atom_site.label_entity_id 
_atom_site.label_seq_id 
_atom_site.pdbx_PDB_ins_code 
_atom_site.Cartn_x 
_atom_site.Cartn_y 
_atom_site.Cartn_z 
_atom_site.occupancy 
_atom_site.B_iso_or_equiv 
_atom_site.pdbx_formal_charge 
_atom_site.auth_seq_id 
_atom_site.auth_comp_id 
_atom_site.auth_asym_id 
_atom_site.auth_atom_id 
_atom_site.pdbx_PDB_model_num 
ATOM   1    N  N   . ASP A 1 20 ? 11.021  1.556   6.720   1.00 29.16 ? 0    ASP A N   1 
ATOM   2    C  CA  . ASP A 1 20 ? 11.576  0.539   7.660   1.00 28.57 ? 0    ASP A CA  1 
ATOM   3    C  C   . ASP A 1 20 ? 11.388  -0.894  7.161   1.00 27.39 ? 0    ASP A C   1 
ATOM   4    O  O   . ASP A 1 20 ? 10.558  -1.184  6.279   1.00 28.04 ? 0    ASP A O   1 
ATOM   5    C  CB  . ASP A 1 20 ? 11.042  0.699   9.113   1.00 30.83 ? 0    ASP A CB  1 
ATOM   6    C  CG  . ASP A 1 20 ? 9.520   0.919   9.204   1.00 31.68 ? 0    ASP A CG  1 
ATOM   7    O  OD1 . ASP A 1 20 ? 8.824   1.030   8.180   1.00 35.47 ? 0    ASP A OD1 1 
ATOM   8    O  OD2 . ASP A 1 20 ? 9.009   1.012   10.339  1.00 34.16 ? 0    ASP A OD2 1 
ATOM   9    N  N   . CYS A 1 21 ? 12.199  -1.785  7.719   1.00 24.80 ? 1    CYS A N   1 
ATOM   10   C  CA  . CYS A 1 21 ? 12.196  -3.188  7.340   1.00 23.39 ? 1    CYS A CA  1 
ATOM   11   C  C   . CYS A 1 21 ? 12.027  -4.029  8.594   1.00 20.28 ? 1    CYS A C   1 
ATOM   12   O  O   . CYS A 1 21 ? 12.157  -3.518  9.702   1.00 21.18 ? 1    CYS A O   1 
ATOM   13   C  CB  . CYS A 1 21 ? 13.487  -3.550  6.601   1.00 23.01 ? 1    CYS A CB  1 
ATOM   14   S  SG  . CYS A 1 21 ? 15.015  -3.266  7.526   1.00 24.36 ? 1    CYS A SG  1 
ATOM   15   N  N   . TYR A 1 22 ? 11.689  -5.300  8.423   1.00 18.94 ? 2    TYR A N   1 
ATOM   16   C  CA  . TYR A 1 22 ? 11.581  -6.229  9.562   1.00 17.43 ? 2    TYR A CA  1 
ATOM   17   C  C   . TYR A 1 22 ? 12.673  -7.290  9.488   1.00 17.63 ? 2    TYR A C   1 
ATOM   18   O  O   . TYR A 1 22 ? 13.091  -7.695  8.407   1.00 17.32 ? 2    TYR A O   1 
ATOM   19   C  CB  . TYR A 1 22 ? 10.188  -6.887  9.647   1.00 17.23 ? 2    TYR A CB  1 
ATOM   20   C  CG  . TYR A 1 22 ? 9.828   -7.731  8.454   1.00 17.07 ? 2    TYR A CG  1 
ATOM   21   C  CD1 . TYR A 1 22 ? 9.228   -7.156  7.333   1.00 17.22 ? 2    TYR A CD1 1 
ATOM   22   C  CD2 . TYR A 1 22 ? 10.109  -9.100  8.423   1.00 17.39 ? 2    TYR A CD2 1 
ATOM   23   C  CE1 . TYR A 1 22 ? 8.910   -7.916  6.218   1.00 17.34 ? 2    TYR A CE1 1 
ATOM   24   C  CE2 . TYR A 1 22 ? 9.791   -9.873  7.313   1.00 16.84 ? 2    TYR A CE2 1 
ATOM   25   C  CZ  . TYR A 1 22 ? 9.197   -9.272  6.219   1.00 17.09 ? 2    TYR A CZ  1 
ATOM   26   O  OH  . TYR A 1 22 ? 8.890   -10.026 5.127   1.00 17.01 ? 2    TYR A OH  1 
ATOM   27   N  N   . HIS A 1 23 ? 13.134  -7.739  10.653  1.00 18.80 ? 3    HIS A N   1 
ATOM   28   C  CA  . HIS A 1 23 ? 14.092  -8.851  10.721  1.00 19.74 ? 3    HIS A CA  1 
ATOM   29   C  C   . HIS A 1 23 ? 13.333  -10.179 10.880  1.00 18.26 ? 3    HIS A C   1 
ATOM   30   O  O   . HIS A 1 23 ? 12.303  -10.233 11.568  1.00 16.19 ? 3    HIS A O   1 
ATOM   31   C  CB  . HIS A 1 23 ? 15.047  -8.661  11.897  1.00 21.85 ? 3    HIS A CB  1 
ATOM   32   C  CG  . HIS A 1 23 ? 15.828  -7.392  11.844  1.00 24.02 ? 3    HIS A CG  1 
ATOM   33   N  ND1 . HIS A 1 23 ? 17.010  -7.277  11.147  1.00 26.60 ? 3    HIS A ND1 1 
ATOM   34   C  CD2 . HIS A 1 23 ? 15.603  -6.181  12.404  1.00 27.10 ? 3    HIS A CD2 1 
ATOM   35   C  CE1 . HIS A 1 23 ? 17.479  -6.050  11.273  1.00 26.95 ? 3    HIS A CE1 1 
ATOM   36   N  NE2 . HIS A 1 23 ? 16.643  -5.362  12.030  1.00 28.27 ? 3    HIS A NE2 1 
ATOM   37   N  N   . GLY A 1 24 ? 13.849  -11.234 10.251  1.00 17.88 ? 4    GLY A N   1 
ATOM   38   C  CA  . GLY A 1 24 ? 13.234  -12.561 10.321  1.00 18.02 ? 4    GLY A CA  1 
ATOM   39   C  C   . GLY A 1 24 ? 11.764  -12.515 9.929   1.00 17.77 ? 4    GLY A C   1 
ATOM   40   O  O   . GLY A 1 24 ? 11.425  -12.050 8.842   1.00 18.37 ? 4    GLY A O   1 
ATOM   41   N  N   . ASP A 1 25 ? 10.888  -12.971 10.819  1.00 17.40 ? 5    ASP A N   1 
ATOM   42   C  CA  . ASP A 1 25 ? 9.453   -12.993 10.548  1.00 17.00 ? 5    ASP A CA  1 
ATOM   43   C  C   . ASP A 1 25 ? 8.755   -11.723 11.027  1.00 16.83 ? 5    ASP A C   1 
ATOM   44   O  O   . ASP A 1 25 ? 7.539   -11.604 10.925  1.00 15.69 ? 5    ASP A O   1 
ATOM   45   C  CB  . ASP A 1 25 ? 8.798   -14.236 11.171  1.00 17.58 ? 5    ASP A CB  1 
ATOM   46   C  CG  . ASP A 1 25 ? 8.920   -14.293 12.709  1.00 18.08 ? 5    ASP A CG  1 
ATOM   47   O  OD1 . ASP A 1 25 ? 9.411   -13.347 13.362  1.00 17.25 ? 5    ASP A OD1 1 
ATOM   48   O  OD2 . ASP A 1 25 ? 8.494   -15.311 13.291  1.00 19.68 ? 5    ASP A OD2 1 
ATOM   49   N  N   . GLY A 1 26 ? 9.533   -10.798 11.579  1.00 16.41 ? 6    GLY A N   1 
ATOM   50   C  CA  . GLY A 1 26 ? 9.042   -9.508  11.984  1.00 16.95 ? 6    GLY A CA  1 
ATOM   51   C  C   . GLY A 1 26 ? 8.249   -9.504  13.266  1.00 17.01 ? 6    GLY A C   1 
ATOM   52   O  O   . GLY A 1 26 ? 7.564   -8.534  13.536  1.00 16.11 ? 6    GLY A O   1 
ATOM   53   N  N   . GLN A 1 27 ? 8.357   -10.568 14.071  1.00 18.76 ? 7    GLN A N   1 
ATOM   54   C  CA  . GLN A 1 27 ? 7.631   -10.625 15.358  1.00 19.63 ? 7    GLN A CA  1 
ATOM   55   C  C   . GLN A 1 27 ? 8.070   -9.537  16.318  1.00 19.23 ? 7    GLN A C   1 
ATOM   56   O  O   . GLN A 1 27 ? 7.301   -9.134  17.188  1.00 18.62 ? 7    GLN A O   1 
ATOM   57   C  CB  . GLN A 1 27 ? 7.761   -12.001 16.038  1.00 21.33 ? 7    GLN A CB  1 
ATOM   58   C  CG  . GLN A 1 27 ? 6.811   -13.047 15.488  1.00 23.00 ? 7    GLN A CG  1 
ATOM   59   C  CD  . GLN A 1 27 ? 6.769   -14.328 16.313  1.00 23.32 ? 7    GLN A CD  1 
ATOM   60   O  OE1 . GLN A 1 27 ? 6.354   -14.321 17.468  1.00 23.11 ? 7    GLN A OE1 1 
ATOM   61   N  NE2 . GLN A 1 27 ? 7.182   -15.435 15.711  1.00 24.03 ? 7    GLN A NE2 1 
ATOM   62   N  N   . SER A 1 28 ? 9.311   -9.069  16.173  1.00 19.12 ? 8    SER A N   1 
ATOM   63   C  CA  . SER A 1 28 ? 9.804   -7.931  16.968  1.00 18.83 ? 8    SER A CA  1 
ATOM   64   C  C   . SER A 1 28 ? 9.602   -6.566  16.287  1.00 17.77 ? 8    SER A C   1 
ATOM   65   O  O   . SER A 1 28 ? 10.009  -5.543  16.825  1.00 16.56 ? 8    SER A O   1 
ATOM   66   C  CB  . SER A 1 28 ? 11.291  -8.107  17.312  1.00 19.26 ? 8    SER A CB  1 
ATOM   67   O  OG  . SER A 1 28 ? 11.504  -9.299  18.053  1.00 19.58 ? 8    SER A OG  1 
ATOM   68   N  N   . TYR A 1 29 ? 8.960   -6.518  15.130  1.00 16.84 ? 9    TYR A N   1 
ATOM   69   C  CA  . TYR A 1 29 ? 8.756   -5.210  14.483  1.00 16.22 ? 9    TYR A CA  1 
ATOM   70   C  C   . TYR A 1 29 ? 7.792   -4.356  15.312  1.00 16.56 ? 9    TYR A C   1 
ATOM   71   O  O   . TYR A 1 29 ? 6.685   -4.792  15.597  1.00 17.38 ? 9    TYR A O   1 
ATOM   72   C  CB  . TYR A 1 29 ? 8.233   -5.383  13.057  1.00 15.25 ? 9    TYR A CB  1 
ATOM   73   C  CG  . TYR A 1 29 ? 7.878   -4.073  12.382  1.00 14.43 ? 9    TYR A CG  1 
ATOM   74   C  CD1 . TYR A 1 29 ? 8.869   -3.205  11.932  1.00 14.40 ? 9    TYR A CD1 1 
ATOM   75   C  CD2 . TYR A 1 29 ? 6.544   -3.686  12.228  1.00 14.17 ? 9    TYR A CD2 1 
ATOM   76   C  CE1 . TYR A 1 29 ? 8.542   -2.007  11.304  1.00 14.07 ? 9    TYR A CE1 1 
ATOM   77   C  CE2 . TYR A 1 29 ? 6.198   -2.486  11.610  1.00 14.12 ? 9    TYR A CE2 1 
ATOM   78   C  CZ  . TYR A 1 29 ? 7.194   -1.651  11.138  1.00 14.01 ? 9    TYR A CZ  1 
ATOM   79   O  OH  . TYR A 1 29 ? 6.838   -0.454  10.547  1.00 13.53 ? 9    TYR A OH  1 
ATOM   80   N  N   . ARG A 1 30 ? 8.220   -3.160  15.724  1.00 17.01 ? 10   ARG A N   1 
ATOM   81   C  CA  . ARG A 1 30 ? 7.356   -2.229  16.461  1.00 17.16 ? 10   ARG A CA  1 
ATOM   82   C  C   . ARG A 1 30 ? 7.273   -0.869  15.767  1.00 17.47 ? 10   ARG A C   1 
ATOM   83   O  O   . ARG A 1 30 ? 7.064   0.161   16.391  1.00 17.48 ? 10   ARG A O   1 
ATOM   84   C  CB  . ARG A 1 30 ? 7.835   -2.082  17.902  1.00 17.79 ? 10   ARG A CB  1 
ATOM   85   C  CG  . ARG A 1 30 ? 7.755   -3.381  18.694  1.00 17.77 ? 10   ARG A CG  1 
ATOM   86   C  CD  . ARG A 1 30 ? 6.312   -3.743  18.997  1.00 17.90 ? 10   ARG A CD  1 
ATOM   87   N  NE  . ARG A 1 30 ? 6.225   -5.001  19.720  1.00 18.02 ? 10   ARG A NE  1 
ATOM   88   C  CZ  . ARG A 1 30 ? 6.286   -6.210  19.162  1.00 18.00 ? 10   ARG A CZ  1 
ATOM   89   N  NH1 . ARG A 1 30 ? 6.413   -6.344  17.851  1.00 17.67 ? 10   ARG A NH1 1 
ATOM   90   N  NH2 . ARG A 1 30 ? 6.206   -7.285  19.923  1.00 18.07 ? 10   ARG A NH2 1 
ATOM   91   N  N   . GLY A 1 31 ? 7.426   -0.869  14.452  1.00 18.10 ? 11   GLY A N   1 
ATOM   92   C  CA  . GLY A 1 31 ? 7.289   0.369   13.685  1.00 17.79 ? 11   GLY A CA  1 
ATOM   93   C  C   . GLY A 1 31 ? 5.838   0.794   13.552  1.00 17.00 ? 11   GLY A C   1 
ATOM   94   O  O   . GLY A 1 31 ? 4.936   0.183   14.139  1.00 17.35 ? 11   GLY A O   1 
ATOM   95   N  N   . SER A 1 32 ? 5.613   1.837   12.754  1.00 16.71 ? 12   SER A N   1 
ATOM   96   C  CA  A SER A 1 32 ? 4.293   2.441   12.619  0.50 16.43 ? 12   SER A CA  1 
ATOM   97   C  CA  B SER A 1 32 ? 4.289   2.421   12.633  0.50 16.39 ? 12   SER A CA  1 
ATOM   98   C  C   . SER A 1 32 ? 3.722   2.274   11.217  1.00 16.14 ? 12   SER A C   1 
ATOM   99   O  O   . SER A 1 32 ? 2.749   2.923   10.863  1.00 16.87 ? 12   SER A O   1 
ATOM   100  C  CB  A SER A 1 32 ? 4.365   3.923   12.984  0.50 16.75 ? 12   SER A CB  1 
ATOM   101  C  CB  B SER A 1 32 ? 4.347   3.879   13.093  0.50 16.67 ? 12   SER A CB  1 
ATOM   102  O  OG  A SER A 1 32 ? 5.324   4.600   12.193  0.50 16.58 ? 12   SER A OG  1 
ATOM   103  O  OG  B SER A 1 32 ? 4.803   3.949   14.447  0.50 16.38 ? 12   SER A OG  1 
ATOM   104  N  N   . PHE A 1 33 ? 4.325   1.399   10.418  1.00 15.47 ? 13   PHE A N   1 
ATOM   105  C  CA  . PHE A 1 33 ? 3.849   1.176   9.073   1.00 15.32 ? 13   PHE A CA  1 
ATOM   106  C  C   . PHE A 1 33 ? 2.494   0.505   9.170   1.00 14.78 ? 13   PHE A C   1 
ATOM   107  O  O   . PHE A 1 33 ? 2.308   -0.339  10.021  1.00 14.40 ? 13   PHE A O   1 
ATOM   108  C  CB  . PHE A 1 33 ? 4.815   0.298   8.281   1.00 15.98 ? 13   PHE A CB  1 
ATOM   109  C  CG  . PHE A 1 33 ? 4.625   0.403   6.788   1.00 16.53 ? 13   PHE A CG  1 
ATOM   110  C  CD1 . PHE A 1 33 ? 4.932   1.591   6.120   1.00 17.21 ? 13   PHE A CD1 1 
ATOM   111  C  CD2 . PHE A 1 33 ? 4.118   -0.657  6.060   1.00 16.02 ? 13   PHE A CD2 1 
ATOM   112  C  CE1 . PHE A 1 33 ? 4.739   1.702   4.745   1.00 17.57 ? 13   PHE A CE1 1 
ATOM   113  C  CE2 . PHE A 1 33 ? 3.927   -0.556  4.688   1.00 16.49 ? 13   PHE A CE2 1 
ATOM   114  C  CZ  . PHE A 1 33 ? 4.245   0.614   4.024   1.00 17.27 ? 13   PHE A CZ  1 
ATOM   115  N  N   . SER A 1 34 ? 1.568   0.867   8.287   1.00 14.76 ? 14   SER A N   1 
ATOM   116  C  CA  . SER A 1 34 ? 0.182   0.412   8.391   1.00 14.75 ? 14   SER A CA  1 
ATOM   117  C  C   . SER A 1 34 ? -0.490  0.260   7.035   1.00 14.43 ? 14   SER A C   1 
ATOM   118  O  O   . SER A 1 34 ? -1.684  0.541   6.896   1.00 15.01 ? 14   SER A O   1 
ATOM   119  C  CB  . SER A 1 34 ? -0.606  1.395   9.249   1.00 14.78 ? 14   SER A CB  1 
ATOM   120  O  OG  . SER A 1 34 ? -0.602  2.679   8.647   1.00 14.59 ? 14   SER A OG  1 
ATOM   121  N  N   . THR A 1 35 ? 0.274   -0.218  6.052   1.00 14.35 ? 15   THR A N   1 
ATOM   122  C  CA  . THR A 1 35 ? -0.190  -0.371  4.677   1.00 14.05 ? 15   THR A CA  1 
ATOM   123  C  C   . THR A 1 35 ? 0.130   -1.777  4.141   1.00 13.16 ? 15   THR A C   1 
ATOM   124  O  O   . THR A 1 35 ? 1.235   -2.293  4.310   1.00 13.94 ? 15   THR A O   1 
ATOM   125  C  CB  . THR A 1 35 ? 0.415   0.717   3.751   1.00 14.22 ? 15   THR A CB  1 
ATOM   126  O  OG1 . THR A 1 35 ? 0.135   2.006   4.313   1.00 15.49 ? 15   THR A OG1 1 
ATOM   127  C  CG2 . THR A 1 35 ? -0.212  0.684   2.397   1.00 14.28 ? 15   THR A CG2 1 
ATOM   128  N  N   . THR A 1 36 ? -0.849  -2.383  3.484   1.00 12.02 ? 16   THR A N   1 
ATOM   129  C  CA  . THR A 1 36 ? -0.695  -3.730  2.953   1.00 11.45 ? 16   THR A CA  1 
ATOM   130  C  C   . THR A 1 36 ? 0.011   -3.704  1.603   1.00 11.16 ? 16   THR A C   1 
ATOM   131  O  O   . THR A 1 36 ? 0.184   -2.648  1.010   1.00 11.15 ? 16   THR A O   1 
ATOM   132  C  CB  . THR A 1 36 ? -2.048  -4.446  2.771   1.00 11.05 ? 16   THR A CB  1 
ATOM   133  O  OG1 . THR A 1 36 ? -2.742  -3.908  1.637   1.00 10.59 ? 16   THR A OG1 1 
ATOM   134  C  CG2 . THR A 1 36 ? -2.903  -4.309  4.027   1.00 11.22 ? 16   THR A CG2 1 
ATOM   135  N  N   . VAL A 1 37 ? 0.379   -4.897  1.154   1.00 10.95 ? 17   VAL A N   1 
ATOM   136  C  CA  . VAL A 1 37 ? 0.989   -5.141  -0.151  1.00 11.09 ? 17   VAL A CA  1 
ATOM   137  C  C   . VAL A 1 37 ? 0.113   -4.735  -1.342  1.00 11.68 ? 17   VAL A C   1 
ATOM   138  O  O   . VAL A 1 37 ? 0.641   -4.532  -2.438  1.00 12.60 ? 17   VAL A O   1 
ATOM   139  C  CB  . VAL A 1 37 ? 1.426   -6.619  -0.300  1.00 10.67 ? 17   VAL A CB  1 
ATOM   140  C  CG1 . VAL A 1 37 ? 2.583   -6.925  0.645   1.00 10.57 ? 17   VAL A CG1 1 
ATOM   141  C  CG2 . VAL A 1 37 ? 0.255   -7.583  -0.085  1.00 10.56 ? 17   VAL A CG2 1 
ATOM   142  N  N   . THR A 1 38 ? -1.200  -4.599  -1.136  1.00 11.94 ? 18   THR A N   1 
ATOM   143  C  CA  . THR A 1 38 ? -2.092  -4.065  -2.172  1.00 12.20 ? 18   THR A CA  1 
ATOM   144  C  C   . THR A 1 38 ? -2.466  -2.596  -1.964  1.00 12.36 ? 18   THR A C   1 
ATOM   145  O  O   . THR A 1 38 ? -3.320  -2.061  -2.668  1.00 12.00 ? 18   THR A O   1 
ATOM   146  C  CB  . THR A 1 38 ? -3.363  -4.929  -2.351  1.00 12.02 ? 18   THR A CB  1 
ATOM   147  O  OG1 . THR A 1 38 ? -4.130  -4.957  -1.154  1.00 12.03 ? 18   THR A OG1 1 
ATOM   148  C  CG2 . THR A 1 38 ? -2.973  -6.352  -2.743  1.00 12.19 ? 18   THR A CG2 1 
ATOM   149  N  N   . GLY A 1 39 ? -1.808  -1.943  -1.008  1.00 12.63 ? 19   GLY A N   1 
ATOM   150  C  CA  . GLY A 1 39 ? -1.975  -0.511  -0.789  1.00 12.53 ? 19   GLY A CA  1 
ATOM   151  C  C   . GLY A 1 39 ? -3.129  -0.176  0.142   1.00 12.81 ? 19   GLY A C   1 
ATOM   152  O  O   . GLY A 1 39 ? -3.468  1.003   0.317   1.00 12.93 ? 19   GLY A O   1 
ATOM   153  N  N   . ARG A 1 40 ? -3.715  -1.201  0.758   1.00 12.80 ? 20   ARG A N   1 
ATOM   154  C  CA  . ARG A 1 40 ? -4.845  -1.006  1.652   1.00 12.96 ? 20   ARG A CA  1 
ATOM   155  C  C   . ARG A 1 40 ? -4.381  -0.580  3.046   1.00 12.45 ? 20   ARG A C   1 
ATOM   156  O  O   . ARG A 1 40 ? -3.267  -0.874  3.478   1.00 11.89 ? 20   ARG A O   1 
ATOM   157  C  CB  . ARG A 1 40 ? -5.685  -2.278  1.767   1.00 13.17 ? 20   ARG A CB  1 
ATOM   158  C  CG  . ARG A 1 40 ? -6.521  -2.573  0.540   1.00 14.01 ? 20   ARG A CG  1 
ATOM   159  C  CD  . ARG A 1 40 ? -7.098  -3.977  0.574   1.00 14.65 ? 20   ARG A CD  1 
ATOM   160  N  NE  . ARG A 1 40 ? -8.084  -4.142  -0.493  1.00 15.64 ? 20   ARG A NE  1 
ATOM   161  C  CZ  . ARG A 1 40 ? -7.800  -4.329  -1.783  1.00 15.79 ? 20   ARG A CZ  1 
ATOM   162  N  NH1 . ARG A 1 40 ? -6.550  -4.424  -2.219  1.00 16.13 ? 20   ARG A NH1 1 
ATOM   163  N  NH2 . ARG A 1 40 ? -8.793  -4.433  -2.650  1.00 16.24 ? 20   ARG A NH2 1 
ATOM   164  N  N   . THR A 1 41 ? -5.282  0.096   3.743   1.00 12.26 ? 21   THR A N   1 
ATOM   165  C  CA  . THR A 1 41 ? -5.005  0.637   5.054   1.00 12.33 ? 21   THR A CA  1 
ATOM   166  C  C   . THR A 1 41 ? -5.332  -0.440  6.080   1.00 12.31 ? 21   THR A C   1 
ATOM   167  O  O   . THR A 1 41 ? -6.398  -1.078  6.021   1.00 12.70 ? 21   THR A O   1 
ATOM   168  C  CB  . THR A 1 41 ? -5.835  1.929   5.289   1.00 12.58 ? 21   THR A CB  1 
ATOM   169  O  OG1 . THR A 1 41 ? -5.528  2.875   4.264   1.00 12.59 ? 21   THR A OG1 1 
ATOM   170  C  CG2 . THR A 1 41 ? -5.502  2.573   6.602   1.00 13.04 ? 21   THR A CG2 1 
ATOM   171  N  N   . CYS A 1 42 ? -4.424  -0.650  7.026   1.00 11.65 ? 22   CYS A N   1 
ATOM   172  C  CA  . CYS A 1 42 ? -4.660  -1.605  8.055   1.00 11.60 ? 22   CYS A CA  1 
ATOM   173  C  C   . CYS A 1 42 ? -5.845  -1.193  8.957   1.00 11.75 ? 22   CYS A C   1 
ATOM   174  O  O   . CYS A 1 42 ? -6.085  -0.018  9.197   1.00 11.73 ? 22   CYS A O   1 
ATOM   175  C  CB  . CYS A 1 42 ? -3.395  -1.813  8.888   1.00 11.41 ? 22   CYS A CB  1 
ATOM   176  S  SG  . CYS A 1 42 ? -2.022  -2.654  8.040   1.00 10.84 ? 22   CYS A SG  1 
ATOM   177  N  N   . GLN A 1 43 ? -6.599  -2.195  9.399   1.00 12.19 ? 23   GLN A N   1 
ATOM   178  C  CA  . GLN A 1 43 ? -7.604  -2.043  10.427  1.00 12.31 ? 23   GLN A CA  1 
ATOM   179  C  C   . GLN A 1 43 ? -6.944  -2.064  11.801  1.00 12.63 ? 23   GLN A C   1 
ATOM   180  O  O   . GLN A 1 43 ? -6.011  -2.817  12.059  1.00 11.89 ? 23   GLN A O   1 
ATOM   181  C  CB  . GLN A 1 43 ? -8.616  -3.183  10.344  1.00 12.17 ? 23   GLN A CB  1 
ATOM   182  C  CG  . GLN A 1 43 ? -9.652  -3.206  11.453  1.00 11.70 ? 23   GLN A CG  1 
ATOM   183  C  CD  . GLN A 1 43 ? -10.541 -4.420  11.363  1.00 11.82 ? 23   GLN A CD  1 
ATOM   184  O  OE1 . GLN A 1 43 ? -11.017 -4.767  10.281  1.00 12.16 ? 23   GLN A OE1 1 
ATOM   185  N  NE2 . GLN A 1 43 ? -10.741 -5.102  12.485  1.00 11.65 ? 23   GLN A NE2 1 
ATOM   186  N  N   . SER A 1 44 ? -7.446  -1.212  12.674  1.00 13.94 ? 24   SER A N   1 
ATOM   187  C  CA  . SER A 1 44 ? -7.026  -1.177  14.055  1.00 14.60 ? 24   SER A CA  1 
ATOM   188  C  C   . SER A 1 44 ? -7.276  -2.550  14.722  1.00 14.82 ? 24   SER A C   1 
ATOM   189  O  O   . SER A 1 44 ? -8.376  -3.135  14.594  1.00 14.69 ? 24   SER A O   1 
ATOM   190  C  CB  . SER A 1 44 ? -7.773  -0.049  14.779  1.00 15.63 ? 24   SER A CB  1 
ATOM   191  O  OG  . SER A 1 44 ? -7.967  -0.398  16.128  1.00 17.73 ? 24   SER A OG  1 
ATOM   192  N  N   . TRP A 1 45 ? -6.246  -3.063  15.414  1.00 14.11 ? 25   TRP A N   1 
ATOM   193  C  CA  . TRP A 1 45 ? -6.323  -4.337  16.134  1.00 14.01 ? 25   TRP A CA  1 
ATOM   194  C  C   . TRP A 1 45 ? -7.427  -4.379  17.184  1.00 14.94 ? 25   TRP A C   1 
ATOM   195  O  O   . TRP A 1 45 ? -8.017  -5.420  17.420  1.00 15.57 ? 25   TRP A O   1 
ATOM   196  C  CB  . TRP A 1 45 ? -4.977  -4.647  16.819  1.00 13.72 ? 25   TRP A CB  1 
ATOM   197  C  CG  . TRP A 1 45 ? -3.834  -4.782  15.843  1.00 12.83 ? 25   TRP A CG  1 
ATOM   198  C  CD1 . TRP A 1 45 ? -2.879  -3.843  15.561  1.00 12.41 ? 25   TRP A CD1 1 
ATOM   199  C  CD2 . TRP A 1 45 ? -3.559  -5.905  14.984  1.00 12.68 ? 25   TRP A CD2 1 
ATOM   200  N  NE1 . TRP A 1 45 ? -2.016  -4.319  14.591  1.00 12.22 ? 25   TRP A NE1 1 
ATOM   201  C  CE2 . TRP A 1 45 ? -2.409  -5.584  14.229  1.00 12.13 ? 25   TRP A CE2 1 
ATOM   202  C  CE3 . TRP A 1 45 ? -4.166  -7.158  14.798  1.00 12.82 ? 25   TRP A CE3 1 
ATOM   203  C  CZ2 . TRP A 1 45 ? -1.852  -6.468  13.303  1.00 12.59 ? 25   TRP A CZ2 1 
ATOM   204  C  CZ3 . TRP A 1 45 ? -3.621  -8.042  13.881  1.00 12.56 ? 25   TRP A CZ3 1 
ATOM   205  C  CH2 . TRP A 1 45 ? -2.473  -7.685  13.129  1.00 12.82 ? 25   TRP A CH2 1 
ATOM   206  N  N   . SER A 1 46 ? -7.706  -3.260  17.839  1.00 15.40 ? 26   SER A N   1 
ATOM   207  C  CA  . SER A 1 46 ? -8.755  -3.259  18.872  1.00 15.71 ? 26   SER A CA  1 
ATOM   208  C  C   . SER A 1 46 ? -10.181 -3.244  18.268  1.00 15.30 ? 26   SER A C   1 
ATOM   209  O  O   . SER A 1 46 ? -11.176 -3.506  18.951  1.00 14.61 ? 26   SER A O   1 
ATOM   210  C  CB  . SER A 1 46 ? -8.533  -2.086  19.838  1.00 15.96 ? 26   SER A CB  1 
ATOM   211  O  OG  . SER A 1 46 ? -8.367  -0.871  19.110  1.00 16.93 ? 26   SER A OG  1 
ATOM   212  N  N   . SER A 1 47 ? -10.269 -2.949  16.984  1.00 15.37 ? 27   SER A N   1 
ATOM   213  C  CA  . SER A 1 47 ? -11.526 -2.974  16.254  1.00 15.54 ? 27   SER A CA  1 
ATOM   214  C  C   . SER A 1 47 ? -11.929 -4.356  15.734  1.00 15.86 ? 27   SER A C   1 
ATOM   215  O  O   . SER A 1 47 ? -11.096 -5.103  15.198  1.00 14.63 ? 27   SER A O   1 
ATOM   216  C  CB  . SER A 1 47 ? -11.452 -2.041  15.051  1.00 15.27 ? 27   SER A CB  1 
ATOM   217  O  OG  . SER A 1 47 ? -12.757 -1.860  14.529  1.00 14.74 ? 27   SER A OG  1 
ATOM   218  N  N   . MET A 1 48 ? -13.225 -4.653  15.874  1.00 16.32 ? 28   MET A N   1 
ATOM   219  C  CA  . MET A 1 48 ? -13.853 -5.824  15.270  1.00 16.50 ? 28   MET A CA  1 
ATOM   220  C  C   . MET A 1 48 ? -14.548 -5.442  13.960  1.00 16.55 ? 28   MET A C   1 
ATOM   221  O  O   . MET A 1 48 ? -15.289 -6.242  13.387  1.00 16.90 ? 28   MET A O   1 
ATOM   222  C  CB  . MET A 1 48 ? -14.888 -6.433  16.222  1.00 17.04 ? 28   MET A CB  1 
ATOM   223  C  CG  . MET A 1 48 ? -14.331 -6.937  17.536  1.00 17.88 ? 28   MET A CG  1 
ATOM   224  S  SD  . MET A 1 48 ? -13.173 -8.312  17.377  1.00 18.52 ? 28   MET A SD  1 
ATOM   225  C  CE  . MET A 1 48 ? -11.659 -7.496  17.830  1.00 18.00 ? 28   MET A CE  1 
ATOM   226  N  N   . THR A 1 49 ? -14.306 -4.222  13.492  1.00 16.67 ? 29   THR A N   1 
ATOM   227  C  CA  . THR A 1 49 ? -14.936 -3.683  12.290  1.00 16.90 ? 29   THR A CA  1 
ATOM   228  C  C   . THR A 1 49 ? -13.856 -3.048  11.411  1.00 16.11 ? 29   THR A C   1 
ATOM   229  O  O   . THR A 1 49 ? -13.052 -2.259  11.926  1.00 14.92 ? 29   THR A O   1 
ATOM   230  C  CB  . THR A 1 49 ? -15.957 -2.579  12.666  1.00 18.03 ? 29   THR A CB  1 
ATOM   231  O  OG1 . THR A 1 49 ? -16.903 -3.093  13.625  1.00 19.17 ? 29   THR A OG1 1 
ATOM   232  C  CG2 . THR A 1 49 ? -16.711 -2.089  11.444  1.00 18.39 ? 29   THR A CG2 1 
ATOM   233  N  N   . PRO A 1 50 ? -13.869 -3.330  10.082  1.00 15.51 ? 30   PRO A N   1 
ATOM   234  C  CA  . PRO A 1 50 ? -14.856 -4.176  9.374   1.00 15.25 ? 30   PRO A CA  1 
ATOM   235  C  C   . PRO A 1 50 ? -14.712 -5.689  9.620   1.00 15.01 ? 30   PRO A C   1 
ATOM   236  O  O   . PRO A 1 50 ? -15.633 -6.459  9.324   1.00 15.05 ? 30   PRO A O   1 
ATOM   237  C  CB  . PRO A 1 50 ? -14.636 -3.827  7.898   1.00 15.03 ? 30   PRO A CB  1 
ATOM   238  C  CG  . PRO A 1 50 ? -13.272 -3.270  7.815   1.00 15.18 ? 30   PRO A CG  1 
ATOM   239  C  CD  . PRO A 1 50 ? -13.002 -2.602  9.131   1.00 15.44 ? 30   PRO A CD  1 
ATOM   240  N  N   . HIS A 1 51 ? -13.584 -6.104  10.188  1.00 14.29 ? 31   HIS A N   1 
ATOM   241  C  CA  . HIS A 1 51 ? -13.317 -7.532  10.387  1.00 14.08 ? 31   HIS A CA  1 
ATOM   242  C  C   . HIS A 1 51 ? -13.269 -7.915  11.846  1.00 14.20 ? 31   HIS A C   1 
ATOM   243  O  O   . HIS A 1 51 ? -12.518 -7.336  12.628  1.00 13.67 ? 31   HIS A O   1 
ATOM   244  C  CB  . HIS A 1 51 ? -12.024 -7.924  9.685   1.00 13.55 ? 31   HIS A CB  1 
ATOM   245  C  CG  . HIS A 1 51 ? -12.014 -7.542  8.240   1.00 12.92 ? 31   HIS A CG  1 
ATOM   246  N  ND1 . HIS A 1 51 ? -12.757 -8.210  7.290   1.00 12.81 ? 31   HIS A ND1 1 
ATOM   247  C  CD2 . HIS A 1 51 ? -11.386 -6.536  7.596   1.00 12.82 ? 31   HIS A CD2 1 
ATOM   248  C  CE1 . HIS A 1 51 ? -12.581 -7.634  6.116   1.00 13.05 ? 31   HIS A CE1 1 
ATOM   249  N  NE2 . HIS A 1 51 ? -11.763 -6.605  6.273   1.00 13.08 ? 31   HIS A NE2 1 
ATOM   250  N  N   . TRP A 1 52 ? -14.114 -8.883  12.194  1.00 14.70 ? 32   TRP A N   1 
ATOM   251  C  CA  . TRP A 1 52 ? -14.131 -9.496  13.516  1.00 14.29 ? 32   TRP A CA  1 
ATOM   252  C  C   . TRP A 1 52 ? -12.959 -10.450 13.616  1.00 14.85 ? 32   TRP A C   1 
ATOM   253  O  O   . TRP A 1 52 ? -12.697 -11.214 12.693  1.00 15.80 ? 32   TRP A O   1 
ATOM   254  C  CB  . TRP A 1 52 ? -15.438 -10.269 13.721  1.00 14.35 ? 32   TRP A CB  1 
ATOM   255  C  CG  . TRP A 1 52 ? -15.529 -10.854 15.070  1.00 14.15 ? 32   TRP A CG  1 
ATOM   256  C  CD1 . TRP A 1 52 ? -16.103 -10.284 16.180  1.00 14.79 ? 32   TRP A CD1 1 
ATOM   257  C  CD2 . TRP A 1 52 ? -14.978 -12.096 15.495  1.00 14.51 ? 32   TRP A CD2 1 
ATOM   258  N  NE1 . TRP A 1 52 ? -15.946 -11.113 17.270  1.00 14.55 ? 32   TRP A NE1 1 
ATOM   259  C  CE2 . TRP A 1 52 ? -15.249 -12.223 16.877  1.00 14.83 ? 32   TRP A CE2 1 
ATOM   260  C  CE3 . TRP A 1 52 ? -14.268 -13.114 14.847  1.00 15.16 ? 32   TRP A CE3 1 
ATOM   261  C  CZ2 . TRP A 1 52 ? -14.861 -13.337 17.605  1.00 15.01 ? 32   TRP A CZ2 1 
ATOM   262  C  CZ3 . TRP A 1 52 ? -13.872 -14.228 15.588  1.00 14.75 ? 32   TRP A CZ3 1 
ATOM   263  C  CH2 . TRP A 1 52 ? -14.175 -14.329 16.933  1.00 15.49 ? 32   TRP A CH2 1 
ATOM   264  N  N   . HIS A 1 53 ? -12.243 -10.415 14.732  1.00 14.90 ? 33   HIS A N   1 
ATOM   265  C  CA  . HIS A 1 53 ? -11.044 -11.223 14.861  1.00 14.95 ? 33   HIS A CA  1 
ATOM   266  C  C   . HIS A 1 53 ? -10.646 -11.368 16.310  1.00 14.80 ? 33   HIS A C   1 
ATOM   267  O  O   . HIS A 1 53 ? -11.243 -10.748 17.190  1.00 14.37 ? 33   HIS A O   1 
ATOM   268  C  CB  . HIS A 1 53 ? -9.891  -10.576 14.074  1.00 14.75 ? 33   HIS A CB  1 
ATOM   269  C  CG  . HIS A 1 53 ? -9.450  -9.267  14.646  1.00 14.70 ? 33   HIS A CG  1 
ATOM   270  N  ND1 . HIS A 1 53 ? -8.417  -9.167  15.547  1.00 14.84 ? 33   HIS A ND1 1 
ATOM   271  C  CD2 . HIS A 1 53 ? -9.934  -8.014  14.496  1.00 14.79 ? 33   HIS A CD2 1 
ATOM   272  C  CE1 . HIS A 1 53 ? -8.275  -7.911  15.924  1.00 15.13 ? 33   HIS A CE1 1 
ATOM   273  N  NE2 . HIS A 1 53 ? -9.183  -7.187  15.300  1.00 15.12 ? 33   HIS A NE2 1 
ATOM   274  N  N   . GLN A 1 54 ? -9.617  -12.177 16.551  1.00 15.34 ? 34   GLN A N   1 
ATOM   275  C  CA  . GLN A 1 54 ? -9.120  -12.402 17.918  1.00 16.15 ? 34   GLN A CA  1 
ATOM   276  C  C   . GLN A 1 54 ? -7.636  -12.064 18.124  1.00 16.16 ? 34   GLN A C   1 
ATOM   277  O  O   . GLN A 1 54 ? -7.040  -12.473 19.111  1.00 16.79 ? 34   GLN A O   1 
ATOM   278  C  CB  . GLN A 1 54 ? -9.391  -13.843 18.313  1.00 16.48 ? 34   GLN A CB  1 
ATOM   279  C  CG  . GLN A 1 54 ? -10.874 -14.118 18.432  1.00 17.03 ? 34   GLN A CG  1 
ATOM   280  C  CD  . GLN A 1 54 ? -11.152 -15.566 18.727  1.00 17.00 ? 34   GLN A CD  1 
ATOM   281  O  OE1 . GLN A 1 54 ? -10.641 -16.448 18.038  1.00 17.74 ? 34   GLN A OE1 1 
ATOM   282  N  NE2 . GLN A 1 54 ? -11.949 -15.820 19.748  1.00 16.52 ? 34   GLN A NE2 1 
ATOM   283  N  N   . ARG A 1 55 ? -7.039  -11.348 17.176  1.00 15.61 ? 35   ARG A N   1 
ATOM   284  C  CA  . ARG A 1 55 ? -5.702  -10.777 17.359  1.00 15.88 ? 35   ARG A CA  1 
ATOM   285  C  C   . ARG A 1 55 ? -5.789  -9.445  18.093  1.00 16.37 ? 35   ARG A C   1 
ATOM   286  O  O   . ARG A 1 55 ? -5.578  -8.369  17.500  1.00 15.62 ? 35   ARG A O   1 
ATOM   287  C  CB  . ARG A 1 55 ? -4.959  -10.627 16.021  1.00 15.62 ? 35   ARG A CB  1 
ATOM   288  C  CG  . ARG A 1 55 ? -4.239  -11.881 15.594  1.00 16.06 ? 35   ARG A CG  1 
ATOM   289  C  CD  . ARG A 1 55 ? -5.178  -12.963 15.063  1.00 16.13 ? 35   ARG A CD  1 
ATOM   290  N  NE  . ARG A 1 55 ? -4.405  -14.105 14.578  1.00 16.73 ? 35   ARG A NE  1 
ATOM   291  C  CZ  . ARG A 1 55 ? -4.837  -15.361 14.517  1.00 16.99 ? 35   ARG A CZ  1 
ATOM   292  N  NH1 . ARG A 1 55 ? -6.073  -15.682 14.890  1.00 17.08 ? 35   ARG A NH1 1 
ATOM   293  N  NH2 . ARG A 1 55 ? -4.023  -16.306 14.077  1.00 17.80 ? 35   ARG A NH2 1 
ATOM   294  N  N   . THR A 1 56 ? -6.115  -9.546  19.389  1.00 17.43 ? 36   THR A N   1 
ATOM   295  C  CA  . THR A 1 56 ? -6.257  -8.413  20.290  1.00 18.24 ? 36   THR A CA  1 
ATOM   296  C  C   . THR A 1 56 ? -5.226  -8.539  21.399  1.00 19.46 ? 36   THR A C   1 
ATOM   297  O  O   . THR A 1 56 ? -4.664  -9.615  21.632  1.00 18.59 ? 36   THR A O   1 
ATOM   298  C  CB  . THR A 1 56 ? -7.662  -8.352  20.944  1.00 18.48 ? 36   THR A CB  1 
ATOM   299  O  OG1 . THR A 1 56 ? -7.866  -9.499  21.780  1.00 17.78 ? 36   THR A OG1 1 
ATOM   300  C  CG2 . THR A 1 56 ? -8.745  -8.303  19.887  1.00 18.64 ? 36   THR A CG2 1 
ATOM   301  N  N   . THR A 1 57 ? -4.991  -7.430  22.091  1.00 21.31 ? 37   THR A N   1 
ATOM   302  C  CA  . THR A 1 57 ? -4.017  -7.394  23.178  1.00 22.71 ? 37   THR A CA  1 
ATOM   303  C  C   . THR A 1 57 ? -4.392  -8.399  24.258  1.00 23.92 ? 37   THR A C   1 
ATOM   304  O  O   . THR A 1 57 ? -3.514  -8.993  24.886  1.00 23.87 ? 37   THR A O   1 
ATOM   305  C  CB  . THR A 1 57 ? -3.947  -5.994  23.805  1.00 23.09 ? 37   THR A CB  1 
ATOM   306  O  OG1 . THR A 1 57 ? -5.270  -5.578  24.148  1.00 23.36 ? 37   THR A OG1 1 
ATOM   307  C  CG2 . THR A 1 57 ? -3.370  -4.991  22.828  1.00 22.88 ? 37   THR A CG2 1 
ATOM   308  N  N   . GLU A 1 58 ? -5.699  -8.594  24.452  1.00 25.25 ? 38   GLU A N   1 
ATOM   309  C  CA  . GLU A 1 58 ? -6.197  -9.607  25.373  1.00 27.30 ? 38   GLU A CA  1 
ATOM   310  C  C   . GLU A 1 58 ? -5.505  -10.928 25.096  1.00 27.80 ? 38   GLU A C   1 
ATOM   311  O  O   . GLU A 1 58 ? -4.916  -11.524 25.990  1.00 29.06 ? 38   GLU A O   1 
ATOM   312  C  CB  . GLU A 1 58 ? -7.712  -9.796  25.243  1.00 28.99 ? 38   GLU A CB  1 
ATOM   313  C  CG  . GLU A 1 58 ? -8.325  -10.434 26.480  1.00 31.66 ? 38   GLU A CG  1 
ATOM   314  C  CD  . GLU A 1 58 ? -9.714  -11.024 26.257  1.00 33.79 ? 38   GLU A CD  1 
ATOM   315  O  OE1 . GLU A 1 58 ? -10.421 -10.621 25.307  1.00 33.36 ? 38   GLU A OE1 1 
ATOM   316  O  OE2 . GLU A 1 58 ? -10.105 -11.901 27.059  1.00 37.27 ? 38   GLU A OE2 1 
ATOM   317  N  N   . TYR A 1 59 ? -5.551  -11.368 23.843  1.00 26.86 ? 39   TYR A N   1 
ATOM   318  C  CA  . TYR A 1 59 ? -5.024  -12.671 23.481  1.00 25.92 ? 39   TYR A CA  1 
ATOM   319  C  C   . TYR A 1 59 ? -3.553  -12.641 23.057  1.00 25.89 ? 39   TYR A C   1 
ATOM   320  O  O   . TYR A 1 59 ? -2.903  -13.692 23.041  1.00 24.45 ? 39   TYR A O   1 
ATOM   321  C  CB  . TYR A 1 59 ? -5.874  -13.268 22.369  1.00 26.71 ? 39   TYR A CB  1 
ATOM   322  C  CG  . TYR A 1 59 ? -7.294  -13.530 22.782  1.00 26.64 ? 39   TYR A CG  1 
ATOM   323  C  CD1 . TYR A 1 59 ? -7.578  -14.344 23.879  1.00 27.18 ? 39   TYR A CD1 1 
ATOM   324  C  CD2 . TYR A 1 59 ? -8.363  -12.967 22.086  1.00 26.94 ? 39   TYR A CD2 1 
ATOM   325  C  CE1 . TYR A 1 59 ? -8.876  -14.589 24.271  1.00 26.55 ? 39   TYR A CE1 1 
ATOM   326  C  CE2 . TYR A 1 59 ? -9.670  -13.217 22.466  1.00 27.22 ? 39   TYR A CE2 1 
ATOM   327  C  CZ  . TYR A 1 59 ? -9.920  -14.032 23.560  1.00 27.69 ? 39   TYR A CZ  1 
ATOM   328  O  OH  . TYR A 1 59 ? -11.216 -14.295 23.951  1.00 27.90 ? 39   TYR A OH  1 
ATOM   329  N  N   . TYR A 1 60 ? -3.026  -11.456 22.725  1.00 24.56 ? 40   TYR A N   1 
ATOM   330  C  CA  . TYR A 1 60 ? -1.611  -11.317 22.337  1.00 24.70 ? 40   TYR A CA  1 
ATOM   331  C  C   . TYR A 1 60 ? -0.956  -10.159 23.085  1.00 25.13 ? 40   TYR A C   1 
ATOM   332  O  O   . TYR A 1 60 ? -0.614  -9.160  22.480  1.00 25.82 ? 40   TYR A O   1 
ATOM   333  C  CB  . TYR A 1 60 ? -1.488  -11.125 20.819  1.00 24.14 ? 40   TYR A CB  1 
ATOM   334  C  CG  . TYR A 1 60 ? -1.999  -12.304 20.048  1.00 22.81 ? 40   TYR A CG  1 
ATOM   335  C  CD1 . TYR A 1 60 ? -3.337  -12.387 19.685  1.00 22.77 ? 40   TYR A CD1 1 
ATOM   336  C  CD2 . TYR A 1 60 ? -1.156  -13.369 19.705  1.00 22.84 ? 40   TYR A CD2 1 
ATOM   337  C  CE1 . TYR A 1 60 ? -3.823  -13.487 18.994  1.00 21.65 ? 40   TYR A CE1 1 
ATOM   338  C  CE2 . TYR A 1 60 ? -1.633  -14.473 18.999  1.00 22.56 ? 40   TYR A CE2 1 
ATOM   339  C  CZ  . TYR A 1 60 ? -2.966  -14.526 18.651  1.00 22.21 ? 40   TYR A CZ  1 
ATOM   340  O  OH  . TYR A 1 60 ? -3.450  -15.599 17.950  1.00 21.25 ? 40   TYR A OH  1 
ATOM   341  N  N   . PRO A 1 61 ? -0.786  -10.303 24.418  1.00 25.64 ? 41   PRO A N   1 
ATOM   342  C  CA  . PRO A 1 61 ? -0.307  -9.207  25.267  1.00 26.21 ? 41   PRO A CA  1 
ATOM   343  C  C   . PRO A 1 61 ? 1.125   -8.762  24.958  1.00 25.28 ? 41   PRO A C   1 
ATOM   344  O  O   . PRO A 1 61 ? 1.458   -7.613  25.192  1.00 25.64 ? 41   PRO A O   1 
ATOM   345  C  CB  . PRO A 1 61 ? -0.419  -9.782  26.693  1.00 25.96 ? 41   PRO A CB  1 
ATOM   346  C  CG  . PRO A 1 61 ? -0.334  -11.258 26.504  1.00 26.59 ? 41   PRO A CG  1 
ATOM   347  C  CD  . PRO A 1 61 ? -1.021  -11.539 25.192  1.00 25.44 ? 41   PRO A CD  1 
ATOM   348  N  N   . ASN A 1 62 ? 1.950   -9.657  24.427  1.00 26.43 ? 42   ASN A N   1 
ATOM   349  C  CA  . ASN A 1 62 ? 3.325   -9.313  24.059  1.00 27.33 ? 42   ASN A CA  1 
ATOM   350  C  C   . ASN A 1 62 ? 3.468   -8.957  22.571  1.00 27.06 ? 42   ASN A C   1 
ATOM   351  O  O   . ASN A 1 62 ? 4.581   -8.750  22.088  1.00 27.40 ? 42   ASN A O   1 
ATOM   352  C  CB  . ASN A 1 62 ? 4.250   -10.481 24.390  1.00 28.87 ? 42   ASN A CB  1 
ATOM   353  C  CG  . ASN A 1 62 ? 3.976   -11.061 25.764  1.00 30.69 ? 42   ASN A CG  1 
ATOM   354  O  OD1 . ASN A 1 62 ? 3.987   -10.347 26.764  1.00 31.45 ? 42   ASN A OD1 1 
ATOM   355  N  ND2 . ASN A 1 62 ? 3.695   -12.359 25.815  1.00 32.59 ? 42   ASN A ND2 1 
ATOM   356  N  N   . GLY A 1 63 ? 2.345   -8.870  21.852  1.00 25.65 ? 43   GLY A N   1 
ATOM   357  C  CA  . GLY A 1 63 ? 2.368   -8.649  20.398  1.00 24.50 ? 43   GLY A CA  1 
ATOM   358  C  C   . GLY A 1 63 ? 2.535   -7.209  19.925  1.00 24.08 ? 43   GLY A C   1 
ATOM   359  O  O   . GLY A 1 63 ? 2.710   -6.965  18.724  1.00 23.83 ? 43   GLY A O   1 
ATOM   360  N  N   . GLY A 1 64 ? 2.468   -6.244  20.842  1.00 23.41 ? 44   GLY A N   1 
ATOM   361  C  CA  . GLY A 1 64 ? 2.529   -4.831  20.461  1.00 23.08 ? 44   GLY A CA  1 
ATOM   362  C  C   . GLY A 1 64 ? 1.393   -4.414  19.528  1.00 23.16 ? 44   GLY A C   1 
ATOM   363  O  O   . GLY A 1 64 ? 1.579   -3.606  18.604  1.00 24.56 ? 44   GLY A O   1 
ATOM   364  N  N   . LEU A 1 65 ? 0.207   -4.956  19.771  1.00 21.73 ? 45   LEU A N   1 
ATOM   365  C  CA  . LEU A 1 65 ? -0.932  -4.681  18.918  1.00 21.43 ? 45   LEU A CA  1 
ATOM   366  C  C   . LEU A 1 65 ? -1.448  -3.285  19.213  1.00 21.91 ? 45   LEU A C   1 
ATOM   367  O  O   . LEU A 1 65 ? -2.326  -3.100  20.045  1.00 25.10 ? 45   LEU A O   1 
ATOM   368  C  CB  . LEU A 1 65 ? -2.016  -5.748  19.103  1.00 19.97 ? 45   LEU A CB  1 
ATOM   369  C  CG  . LEU A 1 65 ? -1.542  -7.154  18.753  1.00 18.81 ? 45   LEU A CG  1 
ATOM   370  C  CD1 . LEU A 1 65 ? -2.726  -8.106  18.814  1.00 17.99 ? 45   LEU A CD1 1 
ATOM   371  C  CD2 . LEU A 1 65 ? -0.833  -7.248  17.395  1.00 18.30 ? 45   LEU A CD2 1 
ATOM   372  N  N   . THR A 1 66 ? -0.884  -2.327  18.483  1.00 22.05 ? 46   THR A N   1 
ATOM   373  C  CA  . THR A 1 66 ? -1.056  -0.896  18.693  1.00 21.36 ? 46   THR A CA  1 
ATOM   374  C  C   . THR A 1 66 ? -1.699  -0.263  17.462  1.00 19.83 ? 46   THR A C   1 
ATOM   375  O  O   . THR A 1 66 ? -1.266  -0.518  16.332  1.00 18.70 ? 46   THR A O   1 
ATOM   376  C  CB  . THR A 1 66 ? 0.335   -0.247  18.883  1.00 21.82 ? 46   THR A CB  1 
ATOM   377  O  OG1 . THR A 1 66 ? 1.054   -0.956  19.899  1.00 23.32 ? 46   THR A OG1 1 
ATOM   378  C  CG2 . THR A 1 66 ? 0.227   1.212   19.281  1.00 23.24 ? 46   THR A CG2 1 
ATOM   379  N  N   . ARG A 1 67 ? -2.702  0.585   17.670  1.00 18.31 ? 47   ARG A N   1 
ATOM   380  C  CA  . ARG A 1 67 ? -3.421  1.207   16.555  1.00 17.68 ? 47   ARG A CA  1 
ATOM   381  C  C   . ARG A 1 67 ? -3.688  0.182   15.438  1.00 16.92 ? 47   ARG A C   1 
ATOM   382  O  O   . ARG A 1 67 ? -4.163  -0.929  15.708  1.00 16.46 ? 47   ARG A O   1 
ATOM   383  C  CB  . ARG A 1 67 ? -2.651  2.430   16.040  1.00 17.79 ? 47   ARG A CB  1 
ATOM   384  C  CG  . ARG A 1 67 ? -2.364  3.460   17.113  1.00 18.09 ? 47   ARG A CG  1 
ATOM   385  C  CD  . ARG A 1 67 ? -1.811  4.731   16.522  1.00 18.72 ? 47   ARG A CD  1 
ATOM   386  N  NE  . ARG A 1 67 ? -1.578  5.757   17.534  1.00 19.31 ? 47   ARG A NE  1 
ATOM   387  C  CZ  . ARG A 1 67 ? -1.185  6.999   17.261  1.00 19.51 ? 47   ARG A CZ  1 
ATOM   388  N  NH1 . ARG A 1 67 ? -0.993  7.392   16.010  1.00 20.19 ? 47   ARG A NH1 1 
ATOM   389  N  NH2 . ARG A 1 67 ? -1.003  7.859   18.239  1.00 20.37 ? 47   ARG A NH2 1 
ATOM   390  N  N   . ASN A 1 68 ? -3.354  0.543   14.203  1.00 16.17 ? 48   ASN A N   1 
ATOM   391  C  CA  . ASN A 1 68 ? -3.440  -0.360  13.049  1.00 15.84 ? 48   ASN A CA  1 
ATOM   392  C  C   . ASN A 1 68 ? -2.046  -0.681  12.495  1.00 16.02 ? 48   ASN A C   1 
ATOM   393  O  O   . ASN A 1 68 ? -1.860  -0.867  11.282  1.00 15.59 ? 48   ASN A O   1 
ATOM   394  C  CB  . ASN A 1 68 ? -4.291  0.285   11.955  1.00 15.56 ? 48   ASN A CB  1 
ATOM   395  C  CG  . ASN A 1 68 ? -3.633  1.516   11.337  1.00 15.29 ? 48   ASN A CG  1 
ATOM   396  O  OD1 . ASN A 1 68 ? -2.781  2.141   11.937  1.00 16.05 ? 48   ASN A OD1 1 
ATOM   397  N  ND2 . ASN A 1 68 ? -4.049  1.865   10.141  1.00 15.48 ? 48   ASN A ND2 1 
ATOM   398  N  N   . TYR A 1 69 ? -1.061  -0.715  13.384  1.00 15.94 ? 49   TYR A N   1 
ATOM   399  C  CA  . TYR A 1 69 ? 0.309   -0.936  12.972  1.00 16.28 ? 49   TYR A CA  1 
ATOM   400  C  C   . TYR A 1 69 ? 0.535   -2.370  12.545  1.00 15.49 ? 49   TYR A C   1 
ATOM   401  O  O   . TYR A 1 69 ? 0.042   -3.300  13.181  1.00 15.27 ? 49   TYR A O   1 
ATOM   402  C  CB  . TYR A 1 69 ? 1.282   -0.548  14.099  1.00 16.38 ? 49   TYR A CB  1 
ATOM   403  C  CG  . TYR A 1 69 ? 1.294   0.923   14.451  1.00 16.62 ? 49   TYR A CG  1 
ATOM   404  C  CD1 . TYR A 1 69 ? 0.910   1.901   13.536  1.00 17.04 ? 49   TYR A CD1 1 
ATOM   405  C  CD2 . TYR A 1 69 ? 1.746   1.341   15.706  1.00 17.70 ? 49   TYR A CD2 1 
ATOM   406  C  CE1 . TYR A 1 69 ? 0.948   3.242   13.867  1.00 17.95 ? 49   TYR A CE1 1 
ATOM   407  C  CE2 . TYR A 1 69 ? 1.806   2.679   16.039  1.00 17.84 ? 49   TYR A CE2 1 
ATOM   408  C  CZ  . TYR A 1 69 ? 1.413   3.628   15.123  1.00 17.69 ? 49   TYR A CZ  1 
ATOM   409  O  OH  . TYR A 1 69 ? 1.456   4.953   15.482  1.00 18.72 ? 49   TYR A OH  1 
ATOM   410  N  N   . CYS A 1 70 ? 1.269   -2.528  11.443  1.00 15.19 ? 50   CYS A N   1 
ATOM   411  C  CA  . CYS A 1 70 ? 1.688   -3.835  10.957  1.00 15.19 ? 50   CYS A CA  1 
ATOM   412  C  C   . CYS A 1 70 ? 2.404   -4.603  12.052  1.00 15.05 ? 50   CYS A C   1 
ATOM   413  O  O   . CYS A 1 70 ? 3.345   -4.084  12.660  1.00 15.52 ? 50   CYS A O   1 
ATOM   414  C  CB  . CYS A 1 70 ? 2.615   -3.682  9.750   1.00 14.99 ? 50   CYS A CB  1 
ATOM   415  S  SG  . CYS A 1 70 ? 1.747   -3.005  8.337   1.00 14.60 ? 50   CYS A SG  1 
ATOM   416  N  N   . ARG A 1 71 ? 1.926   -5.817  12.322  1.00 14.67 ? 51   ARG A N   1 
ATOM   417  C  CA  . ARG A 1 71 ? 2.476   -6.648  13.381  1.00 14.35 ? 51   ARG A CA  1 
ATOM   418  C  C   . ARG A 1 71 ? 2.476   -8.133  13.001  1.00 14.61 ? 51   ARG A C   1 
ATOM   419  O  O   . ARG A 1 71 ? 1.873   -8.560  12.013  1.00 12.68 ? 51   ARG A O   1 
ATOM   420  C  CB  . ARG A 1 71 ? 1.681   -6.443  14.689  1.00 14.03 ? 51   ARG A CB  1 
ATOM   421  C  CG  . ARG A 1 71 ? 1.812   -5.071  15.350  1.00 14.03 ? 51   ARG A CG  1 
ATOM   422  C  CD  . ARG A 1 71 ? 3.203   -4.859  15.936  1.00 13.93 ? 51   ARG A CD  1 
ATOM   423  N  NE  . ARG A 1 71 ? 3.374   -3.537  16.527  1.00 14.28 ? 51   ARG A NE  1 
ATOM   424  C  CZ  . ARG A 1 71 ? 3.869   -2.455  15.916  1.00 14.34 ? 51   ARG A CZ  1 
ATOM   425  N  NH1 . ARG A 1 71 ? 4.243   -2.472  14.634  1.00 14.73 ? 51   ARG A NH1 1 
ATOM   426  N  NH2 . ARG A 1 71 ? 3.979   -1.323  16.601  1.00 14.36 ? 51   ARG A NH2 1 
ATOM   427  N  N   . ASN A 1 72 ? 3.146   -8.926  13.817  1.00 15.19 ? 52   ASN A N   1 
ATOM   428  C  CA  . ASN A 1 72 ? 3.137   -10.368 13.632  1.00 15.95 ? 52   ASN A CA  1 
ATOM   429  C  C   . ASN A 1 72 ? 2.960   -11.060 14.983  1.00 16.63 ? 52   ASN A C   1 
ATOM   430  O  O   . ASN A 1 72 ? 3.911   -11.589 15.544  1.00 17.27 ? 52   ASN A O   1 
ATOM   431  C  CB  . ASN A 1 72 ? 4.416   -10.817 12.941  1.00 15.98 ? 52   ASN A CB  1 
ATOM   432  C  CG  . ASN A 1 72 ? 4.434   -12.305 12.659  1.00 15.98 ? 52   ASN A CG  1 
ATOM   433  O  OD1 . ASN A 1 72 ? 3.436   -13.001 12.826  1.00 15.83 ? 52   ASN A OD1 1 
ATOM   434  N  ND2 . ASN A 1 72 ? 5.583   -12.800 12.236  1.00 16.38 ? 52   ASN A ND2 1 
ATOM   435  N  N   . PRO A 1 73 ? 1.735   -11.038 15.517  1.00 16.83 ? 53   PRO A N   1 
ATOM   436  C  CA  . PRO A 1 73 ? 1.497   -11.584 16.854  1.00 17.35 ? 53   PRO A CA  1 
ATOM   437  C  C   . PRO A 1 73 ? 1.411   -13.106 16.893  1.00 17.30 ? 53   PRO A C   1 
ATOM   438  O  O   . PRO A 1 73 ? 1.567   -13.682 17.964  1.00 18.59 ? 53   PRO A O   1 
ATOM   439  C  CB  . PRO A 1 73 ? 0.158   -10.968 17.250  1.00 17.04 ? 53   PRO A CB  1 
ATOM   440  C  CG  . PRO A 1 73 ? -0.550  -10.733 15.951  1.00 16.85 ? 53   PRO A CG  1 
ATOM   441  C  CD  . PRO A 1 73 ? 0.506   -10.494 14.906  1.00 17.09 ? 53   PRO A CD  1 
ATOM   442  N  N   . ASP A 1 74 ? 1.165   -13.724 15.740  1.00 17.98 ? 54   ASP A N   1 
ATOM   443  C  CA  . ASP A 1 74 ? 0.758   -15.123 15.636  1.00 17.61 ? 54   ASP A CA  1 
ATOM   444  C  C   . ASP A 1 74 ? 1.774   -15.948 14.851  1.00 17.57 ? 54   ASP A C   1 
ATOM   445  O  O   . ASP A 1 74 ? 1.442   -17.002 14.302  1.00 16.87 ? 54   ASP A O   1 
ATOM   446  C  CB  . ASP A 1 74 ? -0.643  -15.223 14.990  1.00 17.46 ? 54   ASP A CB  1 
ATOM   447  C  CG  . ASP A 1 74 ? -0.715  -14.591 13.583  1.00 17.65 ? 54   ASP A CG  1 
ATOM   448  O  OD1 . ASP A 1 74 ? 0.278   -13.991 13.113  1.00 16.85 ? 54   ASP A OD1 1 
ATOM   449  O  OD2 . ASP A 1 74 ? -1.792  -14.706 12.948  1.00 17.51 ? 54   ASP A OD2 1 
ATOM   450  N  N   . ALA A 1 75 ? 3.010   -15.452 14.789  1.00 18.06 ? 55   ALA A N   1 
ATOM   451  C  CA  . ALA A 1 75 ? 4.128   -16.186 14.185  1.00 17.67 ? 55   ALA A CA  1 
ATOM   452  C  C   . ALA A 1 75 ? 3.817   -16.516 12.731  1.00 17.63 ? 55   ALA A C   1 
ATOM   453  O  O   . ALA A 1 75 ? 4.021   -17.647 12.240  1.00 16.78 ? 55   ALA A O   1 
ATOM   454  C  CB  . ALA A 1 75 ? 4.456   -17.436 14.982  1.00 17.80 ? 55   ALA A CB  1 
ATOM   455  N  N   . GLU A 1 76 ? 3.278   -15.509 12.056  1.00 17.10 ? 56   GLU A N   1 
ATOM   456  C  CA  . GLU A 1 76 ? 3.133   -15.540 10.634  1.00 16.72 ? 56   GLU A CA  1 
ATOM   457  C  C   . GLU A 1 76 ? 4.553   -15.395 10.046  1.00 17.11 ? 56   GLU A C   1 
ATOM   458  O  O   . GLU A 1 76 ? 5.528   -15.157 10.784  1.00 16.36 ? 56   GLU A O   1 
ATOM   459  C  CB  . GLU A 1 76 ? 2.179   -14.417 10.225  1.00 17.08 ? 56   GLU A CB  1 
ATOM   460  C  CG  . GLU A 1 76 ? 1.758   -14.385 8.763   1.00 17.08 ? 56   GLU A CG  1 
ATOM   461  C  CD  . GLU A 1 76 ? 1.303   -15.732 8.235   1.00 17.34 ? 56   GLU A CD  1 
ATOM   462  O  OE1 . GLU A 1 76 ? 0.196   -16.176 8.598   1.00 16.79 ? 56   GLU A OE1 1 
ATOM   463  O  OE2 . GLU A 1 76 ? 2.066   -16.343 7.444   1.00 18.61 ? 56   GLU A OE2 1 
ATOM   464  N  N   . ILE A 1 77 ? 4.690   -15.566 8.732   1.00 17.59 ? 57   ILE A N   1 
ATOM   465  C  CA  . ILE A 1 77 ? 6.005   -15.421 8.072   1.00 17.99 ? 57   ILE A CA  1 
ATOM   466  C  C   . ILE A 1 77 ? 6.526   -13.988 8.030   1.00 17.45 ? 57   ILE A C   1 
ATOM   467  O  O   . ILE A 1 77 ? 7.727   -13.776 7.827   1.00 16.54 ? 57   ILE A O   1 
ATOM   468  C  CB  . ILE A 1 77 ? 6.036   -15.980 6.624   1.00 18.72 ? 57   ILE A CB  1 
ATOM   469  C  CG1 . ILE A 1 77 ? 5.058   -15.232 5.710   1.00 19.35 ? 57   ILE A CG1 1 
ATOM   470  C  CG2 . ILE A 1 77 ? 5.766   -17.479 6.637   1.00 19.38 ? 57   ILE A CG2 1 
ATOM   471  C  CD1 . ILE A 1 77 ? 5.258   -15.494 4.221   1.00 20.21 ? 57   ILE A CD1 1 
ATOM   472  N  N   . ARG A 1 78 ? 5.622   -13.020 8.174   1.00 17.07 ? 58   ARG A N   1 
ATOM   473  C  CA  . ARG A 1 78 ? 5.973   -11.608 8.079   1.00 16.50 ? 58   ARG A CA  1 
ATOM   474  C  C   . ARG A 1 78 ? 4.861   -10.743 8.682   1.00 15.47 ? 58   ARG A C   1 
ATOM   475  O  O   . ARG A 1 78 ? 3.780   -11.248 8.948   1.00 15.30 ? 58   ARG A O   1 
ATOM   476  C  CB  . ARG A 1 78 ? 6.214   -11.231 6.628   1.00 17.15 ? 58   ARG A CB  1 
ATOM   477  C  CG  . ARG A 1 78 ? 4.985   -11.331 5.746   1.00 18.40 ? 58   ARG A CG  1 
ATOM   478  C  CD  . ARG A 1 78 ? 5.357   -11.192 4.280   1.00 18.92 ? 58   ARG A CD  1 
ATOM   479  N  NE  . ARG A 1 78 ? 5.573   -9.802  3.867   1.00 20.08 ? 58   ARG A NE  1 
ATOM   480  C  CZ  . ARG A 1 78 ? 5.548   -9.379  2.598   1.00 20.94 ? 58   ARG A CZ  1 
ATOM   481  N  NH1 . ARG A 1 78 ? 5.317   -10.244 1.618   1.00 21.57 ? 58   ARG A NH1 1 
ATOM   482  N  NH2 . ARG A 1 78 ? 5.753   -8.092  2.294   1.00 21.09 ? 58   ARG A NH2 1 
ATOM   483  N  N   . PRO A 1 79 ? 5.131   -9.444  8.920   1.00 14.54 ? 59   PRO A N   1 
ATOM   484  C  CA  . PRO A 1 79 ? 4.074   -8.617  9.497   1.00 14.07 ? 59   PRO A CA  1 
ATOM   485  C  C   . PRO A 1 79 ? 2.873   -8.448  8.575   1.00 13.11 ? 59   PRO A C   1 
ATOM   486  O  O   . PRO A 1 79 ? 3.003   -8.450  7.340   1.00 13.14 ? 59   PRO A O   1 
ATOM   487  C  CB  . PRO A 1 79 ? 4.774   -7.279  9.760   1.00 14.21 ? 59   PRO A CB  1 
ATOM   488  C  CG  . PRO A 1 79 ? 6.222   -7.632  9.906   1.00 14.20 ? 59   PRO A CG  1 
ATOM   489  C  CD  . PRO A 1 79 ? 6.426   -8.739  8.915   1.00 14.61 ? 59   PRO A CD  1 
ATOM   490  N  N   . TRP A 1 80 ? 1.711   -8.318  9.191   1.00 12.01 ? 60   TRP A N   1 
ATOM   491  C  CA  . TRP A 1 80 ? 0.443   -8.332  8.469   1.00 11.71 ? 60   TRP A CA  1 
ATOM   492  C  C   . TRP A 1 80 ? -0.574  -7.509  9.272   1.00 11.33 ? 60   TRP A C   1 
ATOM   493  O  O   . TRP A 1 80 ? -0.285  -7.037  10.396  1.00 11.19 ? 60   TRP A O   1 
ATOM   494  C  CB  . TRP A 1 80 ? -0.053  -9.784  8.254   1.00 11.58 ? 60   TRP A CB  1 
ATOM   495  C  CG  . TRP A 1 80 ? -0.335  -10.503 9.559   1.00 11.79 ? 60   TRP A CG  1 
ATOM   496  C  CD1 . TRP A 1 80 ? 0.575   -11.173 10.341  1.00 11.99 ? 60   TRP A CD1 1 
ATOM   497  C  CD2 . TRP A 1 80 ? -1.588  -10.569 10.260  1.00 11.79 ? 60   TRP A CD2 1 
ATOM   498  N  NE1 . TRP A 1 80 ? -0.040  -11.654 11.479  1.00 12.01 ? 60   TRP A NE1 1 
ATOM   499  C  CE2 . TRP A 1 80 ? -1.366  -11.303 11.448  1.00 12.13 ? 60   TRP A CE2 1 
ATOM   500  C  CE3 . TRP A 1 80 ? -2.876  -10.070 10.001  1.00 12.02 ? 60   TRP A CE3 1 
ATOM   501  C  CZ2 . TRP A 1 80 ? -2.377  -11.564 12.361  1.00 12.09 ? 60   TRP A CZ2 1 
ATOM   502  C  CZ3 . TRP A 1 80 ? -3.878  -10.330 10.895  1.00 12.23 ? 60   TRP A CZ3 1 
ATOM   503  C  CH2 . TRP A 1 80 ? -3.633  -11.077 12.070  1.00 12.37 ? 60   TRP A CH2 1 
ATOM   504  N  N   . CYS A 1 81 ? -1.763  -7.370  8.708   1.00 10.80 ? 61   CYS A N   1 
ATOM   505  C  CA  . CYS A 1 81 ? -2.855  -6.744  9.407   1.00 11.12 ? 61   CYS A CA  1 
ATOM   506  C  C   . CYS A 1 81 ? -4.176  -7.092  8.761   1.00 11.44 ? 61   CYS A C   1 
ATOM   507  O  O   . CYS A 1 81 ? -4.240  -7.501  7.600   1.00 10.97 ? 61   CYS A O   1 
ATOM   508  C  CB  . CYS A 1 81 ? -2.705  -5.217  9.396   1.00 10.66 ? 61   CYS A CB  1 
ATOM   509  S  SG  . CYS A 1 81 ? -2.729  -4.505  7.727   1.00 10.72 ? 61   CYS A SG  1 
ATOM   510  N  N   . TYR A 1 82 ? -5.232  -6.861  9.522   1.00 11.78 ? 62   TYR A N   1 
ATOM   511  C  CA  . TYR A 1 82 ? -6.566  -6.888  8.964   1.00 12.45 ? 62   TYR A CA  1 
ATOM   512  C  C   . TYR A 1 82 ? -6.698  -5.588  8.205   1.00 12.62 ? 62   TYR A C   1 
ATOM   513  O  O   . TYR A 1 82 ? -6.032  -4.622  8.555   1.00 12.95 ? 62   TYR A O   1 
ATOM   514  C  CB  . TYR A 1 82 ? -7.608  -7.015  10.084  1.00 12.38 ? 62   TYR A CB  1 
ATOM   515  C  CG  . TYR A 1 82 ? -7.567  -8.387  10.727  1.00 12.40 ? 62   TYR A CG  1 
ATOM   516  C  CD1 . TYR A 1 82 ? -8.069  -9.498  10.058  1.00 12.24 ? 62   TYR A CD1 1 
ATOM   517  C  CD2 . TYR A 1 82 ? -7.015  -8.580  11.995  1.00 12.70 ? 62   TYR A CD2 1 
ATOM   518  C  CE1 . TYR A 1 82 ? -8.023  -10.757 10.625  1.00 12.36 ? 62   TYR A CE1 1 
ATOM   519  C  CE2 . TYR A 1 82 ? -6.962  -9.844  12.565  1.00 12.46 ? 62   TYR A CE2 1 
ATOM   520  C  CZ  . TYR A 1 82 ? -7.460  -10.928 11.867  1.00 12.32 ? 62   TYR A CZ  1 
ATOM   521  O  OH  . TYR A 1 82 ? -7.406  -12.195 12.405  1.00 13.46 ? 62   TYR A OH  1 
ATOM   522  N  N   . THR A 1 83 ? -7.530  -5.549  7.167   1.00 13.17 ? 63   THR A N   1 
ATOM   523  C  CA  . THR A 1 83 ? -7.606  -4.350  6.321   1.00 13.63 ? 63   THR A CA  1 
ATOM   524  C  C   . THR A 1 83 ? -8.949  -3.620  6.489   1.00 13.81 ? 63   THR A C   1 
ATOM   525  O  O   . THR A 1 83 ? -9.969  -4.221  6.833   1.00 12.38 ? 63   THR A O   1 
ATOM   526  C  CB  . THR A 1 83 ? -7.343  -4.631  4.821   1.00 14.02 ? 63   THR A CB  1 
ATOM   527  O  OG1 . THR A 1 83 ? -8.579  -4.888  4.125   1.00 14.53 ? 63   THR A OG1 1 
ATOM   528  C  CG2 . THR A 1 83 ? -6.381  -5.773  4.627   1.00 13.98 ? 63   THR A CG2 1 
ATOM   529  N  N   . MET A 1 84 ? -8.927  -2.319  6.230   1.00 14.18 ? 64   MET A N   1 
ATOM   530  C  CA  . MET A 1 84 ? -10.140 -1.512  6.241   1.00 15.04 ? 64   MET A CA  1 
ATOM   531  C  C   . MET A 1 84 ? -11.066 -1.771  5.059   1.00 15.54 ? 64   MET A C   1 
ATOM   532  O  O   . MET A 1 84 ? -12.163 -1.216  5.000   1.00 16.27 ? 64   MET A O   1 
ATOM   533  C  CB  . MET A 1 84 ? -9.784  -0.028  6.315   1.00 15.31 ? 64   MET A CB  1 
ATOM   534  C  CG  . MET A 1 84 ? -9.148  0.345   7.629   1.00 15.64 ? 64   MET A CG  1 
ATOM   535  S  SD  . MET A 1 84 ? -10.244 -0.010  9.016   1.00 16.61 ? 64   MET A SD  1 
ATOM   536  C  CE  . MET A 1 84 ? -11.522 1.223   8.773   1.00 15.61 ? 64   MET A CE  1 
ATOM   537  N  N   . ASP A 1 85 ? -10.631 -2.596  4.113   1.00 15.78 ? 65   ASP A N   1 
ATOM   538  C  CA  . ASP A 1 85 ? -11.506 -3.042  3.031   1.00 16.23 ? 65   ASP A CA  1 
ATOM   539  C  C   . ASP A 1 85 ? -12.337 -4.239  3.497   1.00 15.48 ? 65   ASP A C   1 
ATOM   540  O  O   . ASP A 1 85 ? -11.781 -5.310  3.744   1.00 14.84 ? 65   ASP A O   1 
ATOM   541  C  CB  . ASP A 1 85 ? -10.677 -3.411  1.794   1.00 16.13 ? 65   ASP A CB  1 
ATOM   542  C  CG  . ASP A 1 85 ? -11.539 -3.758  0.582   1.00 17.03 ? 65   ASP A CG  1 
ATOM   543  O  OD1 . ASP A 1 85 ? -12.780 -3.868  0.723   1.00 17.39 ? 65   ASP A OD1 1 
ATOM   544  O  OD2 . ASP A 1 85 ? -10.966 -3.919  -0.523  1.00 16.48 ? 65   ASP A OD2 1 
ATOM   545  N  N   . PRO A 1 86 ? -13.680 -4.080  3.584   1.00 15.81 ? 66   PRO A N   1 
ATOM   546  C  CA  . PRO A 1 86 ? -14.499 -5.212  4.066   1.00 15.64 ? 66   PRO A CA  1 
ATOM   547  C  C   . PRO A 1 86 ? -14.382 -6.478  3.219   1.00 15.10 ? 66   PRO A C   1 
ATOM   548  O  O   . PRO A 1 86 ? -14.657 -7.562  3.710   1.00 14.67 ? 66   PRO A O   1 
ATOM   549  C  CB  . PRO A 1 86 ? -15.949 -4.681  3.999   1.00 15.92 ? 66   PRO A CB  1 
ATOM   550  C  CG  . PRO A 1 86 ? -15.826 -3.201  3.877   1.00 16.75 ? 66   PRO A CG  1 
ATOM   551  C  CD  . PRO A 1 86 ? -14.508 -2.915  3.210   1.00 15.84 ? 66   PRO A CD  1 
ATOM   552  N  N   . SER A 1 87 ? -13.984 -6.319  1.957   1.00 15.22 ? 67   SER A N   1 
ATOM   553  C  CA  . SER A 1 87 ? -13.826 -7.444  1.054   1.00 15.63 ? 67   SER A CA  1 
ATOM   554  C  C   . SER A 1 87 ? -12.457 -8.096  1.114   1.00 15.08 ? 67   SER A C   1 
ATOM   555  O  O   . SER A 1 87 ? -12.245 -9.122  0.483   1.00 15.10 ? 67   SER A O   1 
ATOM   556  C  CB  . SER A 1 87 ? -14.110 -6.987  -0.368  1.00 16.53 ? 67   SER A CB  1 
ATOM   557  O  OG  . SER A 1 87 ? -15.474 -6.632  -0.438  1.00 18.47 ? 67   SER A OG  1 
ATOM   558  N  N   . VAL A 1 88 ? -11.525 -7.500  1.860   1.00 14.56 ? 68   VAL A N   1 
ATOM   559  C  CA  . VAL A 1 88 ? -10.207 -8.110  2.043   1.00 14.39 ? 68   VAL A CA  1 
ATOM   560  C  C   . VAL A 1 88 ? -9.881  -8.208  3.518   1.00 14.13 ? 68   VAL A C   1 
ATOM   561  O  O   . VAL A 1 88 ? -9.482  -7.240  4.127   1.00 15.54 ? 68   VAL A O   1 
ATOM   562  C  CB  . VAL A 1 88 ? -9.107  -7.348  1.279   1.00 14.25 ? 68   VAL A CB  1 
ATOM   563  C  CG1 . VAL A 1 88 ? -7.757  -8.054  1.450   1.00 14.02 ? 68   VAL A CG1 1 
ATOM   564  C  CG2 . VAL A 1 88 ? -9.469  -7.270  -0.202  1.00 14.04 ? 68   VAL A CG2 1 
ATOM   565  N  N   . ARG A 1 89 ? -10.025 -9.406  4.067   1.00 14.09 ? 69   ARG A N   1 
ATOM   566  C  CA  . ARG A 1 89 ? -9.921  -9.639  5.493   1.00 13.75 ? 69   ARG A CA  1 
ATOM   567  C  C   . ARG A 1 89 ? -8.539  -9.293  6.067   1.00 14.09 ? 69   ARG A C   1 
ATOM   568  O  O   . ARG A 1 89 ? -8.422  -8.454  6.967   1.00 13.85 ? 69   ARG A O   1 
ATOM   569  C  CB  . ARG A 1 89 ? -10.322 -11.082 5.832   1.00 13.22 ? 69   ARG A CB  1 
ATOM   570  C  CG  . ARG A 1 89 ? -10.204 -11.411 7.302   1.00 13.20 ? 69   ARG A CG  1 
ATOM   571  C  CD  . ARG A 1 89 ? -10.915 -12.709 7.651   1.00 13.02 ? 69   ARG A CD  1 
ATOM   572  N  NE  . ARG A 1 89 ? -10.649 -13.054 9.040   1.00 13.17 ? 69   ARG A NE  1 
ATOM   573  C  CZ  . ARG A 1 89 ? -11.274 -12.523 10.088  1.00 12.88 ? 69   ARG A CZ  1 
ATOM   574  N  NH1 . ARG A 1 89 ? -12.243 -11.622 9.926   1.00 13.27 ? 69   ARG A NH1 1 
ATOM   575  N  NH2 . ARG A 1 89 ? -10.943 -12.912 11.303  1.00 12.54 ? 69   ARG A NH2 1 
ATOM   576  N  N   . TRP A 1 90 ? -7.499  -9.944  5.561   1.00 14.79 ? 70   TRP A N   1 
ATOM   577  C  CA  . TRP A 1 90 ? -6.138  -9.617  6.002   1.00 15.11 ? 70   TRP A CA  1 
ATOM   578  C  C   . TRP A 1 90 ? -5.126  -9.764  4.898   1.00 14.57 ? 70   TRP A C   1 
ATOM   579  O  O   . TRP A 1 90 ? -5.343  -10.475 3.927   1.00 13.88 ? 70   TRP A O   1 
ATOM   580  C  CB  . TRP A 1 90 ? -5.717  -10.434 7.238   1.00 15.59 ? 70   TRP A CB  1 
ATOM   581  C  CG  . TRP A 1 90 ? -5.412  -11.845 6.976   1.00 16.40 ? 70   TRP A CG  1 
ATOM   582  C  CD1 . TRP A 1 90 ? -6.279  -12.887 7.006   1.00 17.40 ? 70   TRP A CD1 1 
ATOM   583  C  CD2 . TRP A 1 90 ? -4.138  -12.391 6.626   1.00 17.87 ? 70   TRP A CD2 1 
ATOM   584  N  NE1 . TRP A 1 90 ? -5.629  -14.059 6.704   1.00 17.61 ? 70   TRP A NE1 1 
ATOM   585  C  CE2 . TRP A 1 90 ? -4.306  -13.784 6.483   1.00 18.19 ? 70   TRP A CE2 1 
ATOM   586  C  CE3 . TRP A 1 90 ? -2.858  -11.835 6.437   1.00 18.14 ? 70   TRP A CE3 1 
ATOM   587  C  CZ2 . TRP A 1 90 ? -3.255  -14.634 6.139   1.00 18.44 ? 70   TRP A CZ2 1 
ATOM   588  C  CZ3 . TRP A 1 90 ? -1.811  -12.681 6.114   1.00 18.86 ? 70   TRP A CZ3 1 
ATOM   589  C  CH2 . TRP A 1 90 ? -2.018  -14.070 5.963   1.00 18.51 ? 70   TRP A CH2 1 
ATOM   590  N  N   . GLU A 1 91 ? -4.017  -9.055  5.055   1.00 13.84 ? 71   GLU A N   1 
ATOM   591  C  CA  . GLU A 1 91 ? -2.941  -9.120  4.088   1.00 13.44 ? 71   GLU A CA  1 
ATOM   592  C  C   . GLU A 1 91 ? -1.615  -8.909  4.778   1.00 13.62 ? 71   GLU A C   1 
ATOM   593  O  O   . GLU A 1 91 ? -1.551  -8.290  5.851   1.00 12.39 ? 71   GLU A O   1 
ATOM   594  C  CB  . GLU A 1 91 ? -3.071  -8.014  3.067   1.00 13.65 ? 71   GLU A CB  1 
ATOM   595  C  CG  . GLU A 1 91 ? -4.311  -8.032  2.209   1.00 13.79 ? 71   GLU A CG  1 
ATOM   596  C  CD  . GLU A 1 91 ? -4.289  -6.880  1.246   1.00 13.08 ? 71   GLU A CD  1 
ATOM   597  O  OE1 . GLU A 1 91 ? -4.573  -5.747  1.690   1.00 13.06 ? 71   GLU A OE1 1 
ATOM   598  O  OE2 . GLU A 1 91 ? -3.966  -7.102  0.059   1.00 12.93 ? 71   GLU A OE2 1 
ATOM   599  N  N   . TYR A 1 92 ? -0.561  -9.412  4.146   1.00 14.16 ? 72   TYR A N   1 
ATOM   600  C  CA  . TYR A 1 92 ? 0.794   -9.023  4.505   1.00 15.54 ? 72   TYR A CA  1 
ATOM   601  C  C   . TYR A 1 92 ? 0.973   -7.521  4.288   1.00 15.43 ? 72   TYR A C   1 
ATOM   602  O  O   . TYR A 1 92 ? 0.354   -6.923  3.412   1.00 15.30 ? 72   TYR A O   1 
ATOM   603  C  CB  . TYR A 1 92 ? 1.813   -9.803  3.676   1.00 16.84 ? 72   TYR A CB  1 
ATOM   604  C  CG  . TYR A 1 92 ? 1.743   -11.292 3.874   1.00 18.40 ? 72   TYR A CG  1 
ATOM   605  C  CD1 . TYR A 1 92 ? 1.825   -11.852 5.155   1.00 19.44 ? 72   TYR A CD1 1 
ATOM   606  C  CD2 . TYR A 1 92 ? 1.607   -12.147 2.790   1.00 20.42 ? 72   TYR A CD2 1 
ATOM   607  C  CE1 . TYR A 1 92 ? 1.768   -13.221 5.338   1.00 21.05 ? 72   TYR A CE1 1 
ATOM   608  C  CE2 . TYR A 1 92 ? 1.547   -13.516 2.966   1.00 21.53 ? 72   TYR A CE2 1 
ATOM   609  C  CZ  . TYR A 1 92 ? 1.633   -14.044 4.237   1.00 22.29 ? 72   TYR A CZ  1 
ATOM   610  O  OH  . TYR A 1 92 ? 1.580   -15.413 4.401   1.00 26.51 ? 72   TYR A OH  1 
ATOM   611  N  N   . CYS A 1 93 ? 1.811   -6.910  5.110   1.00 15.47 ? 73   CYS A N   1 
ATOM   612  C  CA  . CYS A 1 93 ? 2.129   -5.497  4.954   1.00 15.95 ? 73   CYS A CA  1 
ATOM   613  C  C   . CYS A 1 93 ? 3.201   -5.262  3.893   1.00 16.02 ? 73   CYS A C   1 
ATOM   614  O  O   . CYS A 1 93 ? 4.024   -6.146  3.634   1.00 15.76 ? 73   CYS A O   1 
ATOM   615  C  CB  . CYS A 1 93 ? 2.538   -4.902  6.292   1.00 15.75 ? 73   CYS A CB  1 
ATOM   616  S  SG  . CYS A 1 93 ? 1.098   -4.613  7.349   1.00 16.62 ? 73   CYS A SG  1 
ATOM   617  N  N   . ALA A 1 94 ? 3.173   -4.065  3.301   1.00 16.66 ? 74   ALA A N   1 
ATOM   618  C  CA  . ALA A 1 94 ? 4.142   -3.641  2.284   1.00 16.87 ? 74   ALA A CA  1 
ATOM   619  C  C   . ALA A 1 94 ? 5.492   -3.269  2.902   1.00 18.06 ? 74   ALA A C   1 
ATOM   620  O  O   . ALA A 1 94 ? 6.051   -2.218  2.592   1.00 18.91 ? 74   ALA A O   1 
ATOM   621  C  CB  . ALA A 1 94 ? 3.593   -2.452  1.507   1.00 17.12 ? 74   ALA A CB  1 
ATOM   622  N  N   . LEU A 1 95 ? 5.985   -4.115  3.798   1.00 18.48 ? 75   LEU A N   1 
ATOM   623  C  CA  . LEU A 1 95 ? 7.272   -3.944  4.447   1.00 19.43 ? 75   LEU A CA  1 
ATOM   624  C  C   . LEU A 1 95 ? 8.175   -4.962  3.809   1.00 19.91 ? 75   LEU A C   1 
ATOM   625  O  O   . LEU A 1 95 ? 7.720   -6.052  3.476   1.00 19.70 ? 75   LEU A O   1 
ATOM   626  C  CB  . LEU A 1 95 ? 7.175   -4.288  5.937   1.00 20.35 ? 75   LEU A CB  1 
ATOM   627  C  CG  . LEU A 1 95 ? 6.576   -3.287  6.907   1.00 20.46 ? 75   LEU A CG  1 
ATOM   628  C  CD1 . LEU A 1 95 ? 6.376   -3.948  8.264   1.00 21.76 ? 75   LEU A CD1 1 
ATOM   629  C  CD2 . LEU A 1 95 ? 7.502   -2.086  7.028   1.00 20.48 ? 75   LEU A CD2 1 
ATOM   630  N  N   . THR A 1 96 ? 9.453   -4.639  3.662   1.00 20.33 ? 76   THR A N   1 
ATOM   631  C  CA  . THR A 1 96 ? 10.410  -5.622  3.195   1.00 22.02 ? 76   THR A CA  1 
ATOM   632  C  C   . THR A 1 96 ? 11.207  -6.201  4.376   1.00 21.57 ? 76   THR A C   1 
ATOM   633  O  O   . THR A 1 96 ? 11.364  -5.576  5.417   1.00 19.96 ? 76   THR A O   1 
ATOM   634  C  CB  . THR A 1 96 ? 11.369  -5.048  2.132   1.00 23.03 ? 76   THR A CB  1 
ATOM   635  O  OG1 . THR A 1 96 ? 12.115  -3.972  2.694   1.00 25.40 ? 76   THR A OG1 1 
ATOM   636  C  CG2 . THR A 1 96 ? 10.603  -4.540  0.940   1.00 24.31 ? 76   THR A CG2 1 
ATOM   637  N  N   . GLN A 1 97 ? 11.679  -7.426  4.206   1.00 21.87 ? 77   GLN A N   1 
ATOM   638  C  CA  . GLN A 1 97 ? 12.590  -7.999  5.161   1.00 21.92 ? 77   GLN A CA  1 
ATOM   639  C  C   . GLN A 1 97 ? 13.944  -7.288  5.060   1.00 22.04 ? 77   GLN A C   1 
ATOM   640  O  O   . GLN A 1 97 ? 14.430  -7.018  3.968   1.00 21.13 ? 77   GLN A O   1 
ATOM   641  C  CB  . GLN A 1 97 ? 12.769  -9.479  4.920   1.00 22.43 ? 77   GLN A CB  1 
ATOM   642  C  CG  . GLN A 1 97 ? 13.392  -10.167 6.112   1.00 22.95 ? 77   GLN A CG  1 
ATOM   643  C  CD  . GLN A 1 97 ? 13.595  -11.628 5.851   1.00 23.76 ? 77   GLN A CD  1 
ATOM   644  O  OE1 . GLN A 1 97 ? 14.351  -11.994 4.953   1.00 25.75 ? 77   GLN A OE1 1 
ATOM   645  N  NE2 . GLN A 1 97 ? 12.900  -12.474 6.599   1.00 23.03 ? 77   GLN A NE2 1 
ATOM   646  N  N   . CYS A 1 98 ? 14.538  -6.995  6.207   1.00 22.17 ? 78   CYS A N   1 
ATOM   647  C  CA  . CYS A 1 98 ? 15.838  -6.312  6.263   1.00 23.13 ? 78   CYS A CA  1 
ATOM   648  C  C   . CYS A 1 98 ? 16.950  -7.082  5.544   1.00 23.65 ? 78   CYS A C   1 
ATOM   649  O  O   . CYS A 1 98 ? 17.037  -8.294  5.690   1.00 25.69 ? 78   CYS A O   1 
ATOM   650  C  CB  . CYS A 1 98 ? 16.238  -6.097  7.719   1.00 22.39 ? 78   CYS A CB  1 
ATOM   651  S  SG  . CYS A 1 98 ? 15.196  -4.941  8.635   1.00 21.56 ? 78   CYS A SG  1 
ATOM   652  N  N   . ASP B 1 20 ? -13.169 11.252  -5.617  1.00 29.93 ? 0    ASP B N   1 
ATOM   653  C  CA  . ASP B 1 20 ? -12.472 10.639  -6.801  1.00 28.57 ? 0    ASP B CA  1 
ATOM   654  C  C   . ASP B 1 20 ? -12.113 9.162   -6.565  1.00 25.96 ? 0    ASP B C   1 
ATOM   655  O  O   . ASP B 1 20 ? -11.388 8.834   -5.619  1.00 27.74 ? 0    ASP B O   1 
ATOM   656  C  CB  . ASP B 1 20 ? -11.207 11.440  -7.157  1.00 30.56 ? 0    ASP B CB  1 
ATOM   657  C  CG  . ASP B 1 20 ? -10.685 11.128  -8.552  1.00 32.59 ? 0    ASP B CG  1 
ATOM   658  O  OD1 . ASP B 1 20 ? -11.354 10.350  -9.269  1.00 36.82 ? 0    ASP B OD1 1 
ATOM   659  O  OD2 . ASP B 1 20 ? -9.622  11.659  -8.942  1.00 32.23 ? 0    ASP B OD2 1 
ATOM   660  N  N   . CYS B 1 21 ? -12.611 8.285   -7.438  1.00 22.21 ? 1    CYS B N   1 
ATOM   661  C  CA  . CYS B 1 21 ? -12.425 6.841   -7.305  1.00 20.12 ? 1    CYS B CA  1 
ATOM   662  C  C   . CYS B 1 21 ? -12.176 6.201   -8.679  1.00 18.48 ? 1    CYS B C   1 
ATOM   663  O  O   . CYS B 1 21 ? -12.374 6.841   -9.705  1.00 18.10 ? 1    CYS B O   1 
ATOM   664  C  CB  . CYS B 1 21 ? -13.645 6.218   -6.606  1.00 19.92 ? 1    CYS B CB  1 
ATOM   665  S  SG  . CYS B 1 21 ? -15.235 6.451   -7.450  1.00 20.02 ? 1    CYS B SG  1 
ATOM   666  N  N   . TYR B 1 22 ? -11.693 4.967   -8.696  1.00 17.71 ? 2    TYR B N   1 
ATOM   667  C  CA  . TYR B 1 22 ? -11.485 4.239   -9.941  1.00 17.25 ? 2    TYR B CA  1 
ATOM   668  C  C   . TYR B 1 22 ? -12.406 3.033   -9.976  1.00 17.49 ? 2    TYR B C   1 
ATOM   669  O  O   . TYR B 1 22 ? -12.741 2.465   -8.936  1.00 16.54 ? 2    TYR B O   1 
ATOM   670  C  CB  . TYR B 1 22 ? -10.024 3.780   -10.107 1.00 17.82 ? 2    TYR B CB  1 
ATOM   671  C  CG  . TYR B 1 22 ? -9.560  2.848   -9.025  1.00 18.27 ? 2    TYR B CG  1 
ATOM   672  C  CD1 . TYR B 1 22 ? -9.067  3.352   -7.823  1.00 17.86 ? 2    TYR B CD1 1 
ATOM   673  C  CD2 . TYR B 1 22 ? -9.642  1.452   -9.175  1.00 17.96 ? 2    TYR B CD2 1 
ATOM   674  C  CE1 . TYR B 1 22 ? -8.655  2.498   -6.814  1.00 18.23 ? 2    TYR B CE1 1 
ATOM   675  C  CE2 . TYR B 1 22 ? -9.231  0.599   -8.158  1.00 17.82 ? 2    TYR B CE2 1 
ATOM   676  C  CZ  . TYR B 1 22 ? -8.743  1.132   -6.982  1.00 17.66 ? 2    TYR B CZ  1 
ATOM   677  O  OH  . TYR B 1 22 ? -8.339  0.307   -5.951  1.00 18.45 ? 2    TYR B OH  1 
ATOM   678  N  N   . HIS B 1 23 ? -12.816 2.653   -11.183 1.00 18.29 ? 3    HIS B N   1 
ATOM   679  C  CA  . HIS B 1 23 ? -13.622 1.446   -11.402 1.00 18.89 ? 3    HIS B CA  1 
ATOM   680  C  C   . HIS B 1 23 ? -12.693 0.290   -11.728 1.00 17.82 ? 3    HIS B C   1 
ATOM   681  O  O   . HIS B 1 23 ? -11.696 0.486   -12.416 1.00 18.17 ? 3    HIS B O   1 
ATOM   682  C  CB  . HIS B 1 23 ? -14.591 1.658   -12.574 1.00 20.16 ? 3    HIS B CB  1 
ATOM   683  C  CG  . HIS B 1 23 ? -15.570 2.762   -12.345 1.00 21.86 ? 3    HIS B CG  1 
ATOM   684  N  ND1 . HIS B 1 23 ? -16.758 2.571   -11.682 1.00 22.32 ? 3    HIS B ND1 1 
ATOM   685  C  CD2 . HIS B 1 23 ? -15.530 4.075   -12.679 1.00 23.98 ? 3    HIS B CD2 1 
ATOM   686  C  CE1 . HIS B 1 23 ? -17.411 3.715   -11.609 1.00 24.04 ? 3    HIS B CE1 1 
ATOM   687  N  NE2 . HIS B 1 23 ? -16.688 4.645   -12.206 1.00 25.14 ? 3    HIS B NE2 1 
ATOM   688  N  N   . GLY B 1 24 ? -13.040 -0.905  -11.259 1.00 17.05 ? 4    GLY B N   1 
ATOM   689  C  CA  . GLY B 1 24 ? -12.254 -2.110  -11.527 1.00 16.34 ? 4    GLY B CA  1 
ATOM   690  C  C   . GLY B 1 24 ? -10.807 -1.946  -11.112 1.00 15.76 ? 4    GLY B C   1 
ATOM   691  O  O   . GLY B 1 24 ? -10.519 -1.658  -9.955  1.00 15.85 ? 4    GLY B O   1 
ATOM   692  N  N   . ASP B 1 25 ? -9.887  -2.098  -12.058 1.00 15.66 ? 5    ASP B N   1 
ATOM   693  C  CA  . ASP B 1 25 ? -8.458  -1.980  -11.739 1.00 15.05 ? 5    ASP B CA  1 
ATOM   694  C  C   . ASP B 1 25 ? -7.940  -0.575  -12.021 1.00 15.02 ? 5    ASP B C   1 
ATOM   695  O  O   . ASP B 1 25 ? -6.758  -0.310  -11.883 1.00 15.37 ? 5    ASP B O   1 
ATOM   696  C  CB  . ASP B 1 25 ? -7.635  -3.056  -12.480 1.00 15.37 ? 5    ASP B CB  1 
ATOM   697  C  CG  . ASP B 1 25 ? -7.761  -2.972  -14.009 1.00 14.86 ? 5    ASP B CG  1 
ATOM   698  O  OD1 . ASP B 1 25 ? -8.322  -1.997  -14.537 1.00 14.40 ? 5    ASP B OD1 1 
ATOM   699  O  OD2 . ASP B 1 25 ? -7.274  -3.892  -14.690 1.00 15.40 ? 5    ASP B OD2 1 
ATOM   700  N  N   . GLY B 1 26 ? -8.838  0.318   -12.428 1.00 14.92 ? 6    GLY B N   1 
ATOM   701  C  CA  . GLY B 1 26 ? -8.490  1.696   -12.725 1.00 14.71 ? 6    GLY B CA  1 
ATOM   702  C  C   . GLY B 1 26 ? -7.695  1.920   -14.013 1.00 15.14 ? 6    GLY B C   1 
ATOM   703  O  O   . GLY B 1 26 ? -7.133  2.983   -14.181 1.00 14.77 ? 6    GLY B O   1 
ATOM   704  N  N   . GLN B 1 27 ? -7.666  0.947   -14.927 1.00 15.57 ? 7    GLN B N   1 
ATOM   705  C  CA  . GLN B 1 27 ? -6.952  1.126   -16.189 1.00 17.24 ? 7    GLN B CA  1 
ATOM   706  C  C   . GLN B 1 27 ? -7.520  2.262   -17.013 1.00 16.95 ? 7    GLN B C   1 
ATOM   707  O  O   . GLN B 1 27 ? -6.802  2.880   -17.778 1.00 17.55 ? 7    GLN B O   1 
ATOM   708  C  CB  . GLN B 1 27 ? -6.923  -0.162  -17.024 1.00 18.58 ? 7    GLN B CB  1 
ATOM   709  C  CG  . GLN B 1 27 ? -5.847  -1.142  -16.576 1.00 20.58 ? 7    GLN B CG  1 
ATOM   710  C  CD  . GLN B 1 27 ? -5.588  -2.263  -17.582 1.00 21.78 ? 7    GLN B CD  1 
ATOM   711  O  OE1 . GLN B 1 27 ? -5.276  -2.010  -18.757 1.00 22.52 ? 7    GLN B OE1 1 
ATOM   712  N  NE2 . GLN B 1 27 ? -5.716  -3.508  -17.125 1.00 21.11 ? 7    GLN B NE2 1 
ATOM   713  N  N   . SER B 1 28 ? -8.805  2.536   -16.841 1.00 17.15 ? 8    SER B N   1 
ATOM   714  C  CA  . SER B 1 28 ? -9.474  3.647   -17.511 1.00 17.26 ? 8    SER B CA  1 
ATOM   715  C  C   . SER B 1 28 ? -9.454  4.957   -16.719 1.00 17.38 ? 8    SER B C   1 
ATOM   716  O  O   . SER B 1 28 ? -10.005 5.964   -17.158 1.00 19.19 ? 8    SER B O   1 
ATOM   717  C  CB  . SER B 1 28 ? -10.923 3.253   -17.806 1.00 17.57 ? 8    SER B CB  1 
ATOM   718  O  OG  . SER B 1 28 ? -10.951 2.278   -18.826 1.00 17.50 ? 8    SER B OG  1 
ATOM   719  N  N   . TYR B 1 29 ? -8.836  4.972   -15.551 1.00 16.78 ? 9    TYR B N   1 
ATOM   720  C  CA  . TYR B 1 29 ? -8.825  6.197   -14.760 1.00 15.96 ? 9    TYR B CA  1 
ATOM   721  C  C   . TYR B 1 29 ? -7.976  7.277   -15.446 1.00 15.70 ? 9    TYR B C   1 
ATOM   722  O  O   . TYR B 1 29 ? -6.830  7.036   -15.827 1.00 15.04 ? 9    TYR B O   1 
ATOM   723  C  CB  . TYR B 1 29 ? -8.328  5.919   -13.340 1.00 15.69 ? 9    TYR B CB  1 
ATOM   724  C  CG  . TYR B 1 29 ? -8.143  7.172   -12.514 1.00 15.62 ? 9    TYR B CG  1 
ATOM   725  C  CD1 . TYR B 1 29 ? -9.242  7.837   -11.978 1.00 15.44 ? 9    TYR B CD1 1 
ATOM   726  C  CD2 . TYR B 1 29 ? -6.873  7.696   -12.286 1.00 15.21 ? 9    TYR B CD2 1 
ATOM   727  C  CE1 . TYR B 1 29 ? -9.086  8.986   -11.220 1.00 15.53 ? 9    TYR B CE1 1 
ATOM   728  C  CE2 . TYR B 1 29 ? -6.699  8.845   -11.530 1.00 15.51 ? 9    TYR B CE2 1 
ATOM   729  C  CZ  . TYR B 1 29 ? -7.817  9.494   -11.007 1.00 15.67 ? 9    TYR B CZ  1 
ATOM   730  O  OH  . TYR B 1 29 ? -7.680  10.639  -10.273 1.00 16.45 ? 9    TYR B OH  1 
ATOM   731  N  N   . ARG B 1 30 ? -8.567  8.459   -15.637 1.00 15.74 ? 10   ARG B N   1 
ATOM   732  C  CA  . ARG B 1 30 ? -7.877  9.584   -16.269 1.00 15.85 ? 10   ARG B CA  1 
ATOM   733  C  C   . ARG B 1 30 ? -8.008  10.841  -15.430 1.00 16.17 ? 10   ARG B C   1 
ATOM   734  O  O   . ARG B 1 30 ? -7.926  11.952  -15.945 1.00 16.00 ? 10   ARG B O   1 
ATOM   735  C  CB  . ARG B 1 30 ? -8.415  9.815   -17.677 1.00 16.17 ? 10   ARG B CB  1 
ATOM   736  C  CG  . ARG B 1 30 ? -8.164  8.651   -18.636 1.00 15.95 ? 10   ARG B CG  1 
ATOM   737  C  CD  . ARG B 1 30 ? -6.690  8.550   -18.980 1.00 16.41 ? 10   ARG B CD  1 
ATOM   738  N  NE  . ARG B 1 30 ? -6.384  7.451   -19.887 1.00 16.34 ? 10   ARG B NE  1 
ATOM   739  C  CZ  . ARG B 1 30 ? -6.218  6.176   -19.531 1.00 16.82 ? 10   ARG B CZ  1 
ATOM   740  N  NH1 . ARG B 1 30 ? -6.334  5.787   -18.253 1.00 16.51 ? 10   ARG B NH1 1 
ATOM   741  N  NH2 . ARG B 1 30 ? -5.927  5.273   -20.467 1.00 16.49 ? 10   ARG B NH2 1 
ATOM   742  N  N   . GLY B 1 31 ? -8.175  10.671  -14.119 1.00 15.78 ? 11   GLY B N   1 
ATOM   743  C  CA  . GLY B 1 31 ? -8.225  11.817  -13.230 1.00 16.31 ? 11   GLY B CA  1 
ATOM   744  C  C   . GLY B 1 31 ? -6.848  12.386  -12.955 1.00 16.50 ? 11   GLY B C   1 
ATOM   745  O  O   . GLY B 1 31 ? -5.855  11.961  -13.556 1.00 16.73 ? 11   GLY B O   1 
ATOM   746  N  N   . SER B 1 32 ? -6.790  13.338  -12.030 1.00 16.52 ? 12   SER B N   1 
ATOM   747  C  CA  . SER B 1 32 ? -5.555  14.068  -11.749 1.00 17.68 ? 12   SER B CA  1 
ATOM   748  C  C   . SER B 1 32 ? -4.951  13.773  -10.367 1.00 17.20 ? 12   SER B C   1 
ATOM   749  O  O   . SER B 1 32 ? -4.003  14.444  -9.937  1.00 18.84 ? 12   SER B O   1 
ATOM   750  C  CB  . SER B 1 32 ? -5.817  15.562  -11.874 1.00 18.84 ? 12   SER B CB  1 
ATOM   751  O  OG  . SER B 1 32 ? -6.738  15.954  -10.865 1.00 21.00 ? 12   SER B OG  1 
ATOM   752  N  N   . PHE B 1 33 ? -5.484  12.767  -9.676  1.00 15.83 ? 13   PHE B N   1 
ATOM   753  C  CA  . PHE B 1 33 ? -4.958  12.403  -8.378  1.00 15.65 ? 13   PHE B CA  1 
ATOM   754  C  C   . PHE B 1 33 ? -3.516  11.935  -8.531  1.00 14.35 ? 13   PHE B C   1 
ATOM   755  O  O   . PHE B 1 33 ? -3.186  11.258  -9.500  1.00 14.25 ? 13   PHE B O   1 
ATOM   756  C  CB  . PHE B 1 33 ? -5.799  11.315  -7.735  1.00 16.08 ? 13   PHE B CB  1 
ATOM   757  C  CG  . PHE B 1 33 ? -5.612  11.234  -6.262  1.00 17.02 ? 13   PHE B CG  1 
ATOM   758  C  CD1 . PHE B 1 33 ? -6.180  12.196  -5.426  1.00 17.58 ? 13   PHE B CD1 1 
ATOM   759  C  CD2 . PHE B 1 33 ? -4.847  10.228  -5.697  1.00 16.42 ? 13   PHE B CD2 1 
ATOM   760  C  CE1 . PHE B 1 33 ? -5.998  12.134  -4.046  1.00 18.05 ? 13   PHE B CE1 1 
ATOM   761  C  CE2 . PHE B 1 33 ? -4.666  10.163  -4.327  1.00 16.88 ? 13   PHE B CE2 1 
ATOM   762  C  CZ  . PHE B 1 33 ? -5.234  11.117  -3.494  1.00 17.64 ? 13   PHE B CZ  1 
ATOM   763  N  N   . SER B 1 34 ? -2.663  12.328  -7.590  1.00 13.94 ? 14   SER B N   1 
ATOM   764  C  CA  . SER B 1 34 ? -1.205  12.132  -7.720  1.00 13.85 ? 14   SER B CA  1 
ATOM   765  C  C   . SER B 1 34 ? -0.515  11.919  -6.358  1.00 13.59 ? 14   SER B C   1 
ATOM   766  O  O   . SER B 1 34 ? 0.619   12.364  -6.144  1.00 13.41 ? 14   SER B O   1 
ATOM   767  C  CB  . SER B 1 34 ? -0.588  13.325  -8.439  1.00 14.20 ? 14   SER B CB  1 
ATOM   768  O  OG  . SER B 1 34 ? -0.682  14.512  -7.656  1.00 14.95 ? 14   SER B OG  1 
ATOM   769  N  N   . THR B 1 35 ? -1.214  11.251  -5.443  1.00 13.46 ? 15   THR B N   1 
ATOM   770  C  CA  . THR B 1 35 ? -0.683  10.976  -4.113  1.00 13.67 ? 15   THR B CA  1 
ATOM   771  C  C   . THR B 1 35 ? -0.792  9.493   -3.771  1.00 13.35 ? 15   THR B C   1 
ATOM   772  O  O   . THR B 1 35 ? -1.805  8.863   -4.016  1.00 13.39 ? 15   THR B O   1 
ATOM   773  C  CB  . THR B 1 35 ? -1.395  11.805  -3.021  1.00 14.08 ? 15   THR B CB  1 
ATOM   774  O  OG1 . THR B 1 35 ? -1.299  13.186  -3.342  1.00 15.02 ? 15   THR B OG1 1 
ATOM   775  C  CG2 . THR B 1 35 ? -0.707  11.622  -1.702  1.00 14.68 ? 15   THR B CG2 1 
ATOM   776  N  N   . THR B 1 36 ? 0.258   8.949   -3.171  1.00 13.73 ? 16   THR B N   1 
ATOM   777  C  CA  . THR B 1 36 ? 0.296   7.524   -2.834  1.00 13.74 ? 16   THR B CA  1 
ATOM   778  C  C   . THR B 1 36 ? -0.425  7.206   -1.527  1.00 13.77 ? 16   THR B C   1 
ATOM   779  O  O   . THR B 1 36 ? -0.776  8.095   -0.755  1.00 13.04 ? 16   THR B O   1 
ATOM   780  C  CB  . THR B 1 36 ? 1.737   6.989   -2.747  1.00 13.76 ? 16   THR B CB  1 
ATOM   781  O  OG1 . THR B 1 36 ? 2.378   7.435   -1.547  1.00 13.62 ? 16   THR B OG1 1 
ATOM   782  C  CG2 . THR B 1 36 ? 2.548   7.434   -3.995  1.00 13.80 ? 16   THR B CG2 1 
ATOM   783  N  N   . VAL B 1 37 ? -0.624  5.917   -1.300  1.00 13.88 ? 17   VAL B N   1 
ATOM   784  C  CA  . VAL B 1 37 ? -1.207  5.414   -0.035  1.00 15.30 ? 17   VAL B CA  1 
ATOM   785  C  C   . VAL B 1 37 ? -0.429  5.849   1.216   1.00 15.39 ? 17   VAL B C   1 
ATOM   786  O  O   . VAL B 1 37 ? -1.008  5.923   2.297   1.00 16.44 ? 17   VAL B O   1 
ATOM   787  C  CB  . VAL B 1 37 ? -1.428  3.880   -0.066  1.00 15.12 ? 17   VAL B CB  1 
ATOM   788  C  CG1 . VAL B 1 37 ? -2.454  3.523   -1.136  1.00 15.53 ? 17   VAL B CG1 1 
ATOM   789  C  CG2 . VAL B 1 37 ? -0.129  3.132   -0.351  1.00 15.46 ? 17   VAL B CG2 1 
ATOM   790  N  N   . THR B 1 38 ? 0.860   6.173   1.077   1.00 14.95 ? 18   THR B N   1 
ATOM   791  C  CA  . THR B 1 38 ? 1.656   6.648   2.220   1.00 14.21 ? 18   THR B CA  1 
ATOM   792  C  C   . THR B 1 38 ? 1.810   8.174   2.290   1.00 14.27 ? 18   THR B C   1 
ATOM   793  O  O   . THR B 1 38 ? 2.546   8.672   3.127   1.00 13.61 ? 18   THR B O   1 
ATOM   794  C  CB  . THR B 1 38 ? 3.055   5.977   2.280   1.00 13.91 ? 18   THR B CB  1 
ATOM   795  O  OG1 . THR B 1 38 ? 3.842   6.333   1.136   1.00 13.08 ? 18   THR B OG1 1 
ATOM   796  C  CG2 . THR B 1 38 ? 2.920   4.448   2.384   1.00 13.64 ? 18   THR B CG2 1 
ATOM   797  N  N   . GLY B 1 39 ? 1.105   8.904   1.428   1.00 14.44 ? 19   GLY B N   1 
ATOM   798  C  CA  . GLY B 1 39 ? 1.129   10.363  1.432   1.00 14.73 ? 19   GLY B CA  1 
ATOM   799  C  C   . GLY B 1 39 ? 2.169   10.990  0.502   1.00 14.79 ? 19   GLY B C   1 
ATOM   800  O  O   . GLY B 1 39 ? 2.278   12.212  0.436   1.00 15.28 ? 19   GLY B O   1 
ATOM   801  N  N   . ARG B 1 40 ? 2.915   10.173  -0.226  1.00 14.47 ? 20   ARG B N   1 
ATOM   802  C  CA  . ARG B 1 40 ? 3.984   10.682  -1.087  1.00 14.64 ? 20   ARG B CA  1 
ATOM   803  C  C   . ARG B 1 40 ? 3.464   11.210  -2.411  1.00 14.42 ? 20   ARG B C   1 
ATOM   804  O  O   . ARG B 1 40 ? 2.434   10.773  -2.913  1.00 14.42 ? 20   ARG B O   1 
ATOM   805  C  CB  . ARG B 1 40 ? 5.026   9.596   -1.368  1.00 15.10 ? 20   ARG B CB  1 
ATOM   806  C  CG  . ARG B 1 40 ? 5.846   9.212   -0.154  1.00 14.97 ? 20   ARG B CG  1 
ATOM   807  C  CD  . ARG B 1 40 ? 6.621   7.921   -0.368  1.00 15.17 ? 20   ARG B CD  1 
ATOM   808  N  NE  . ARG B 1 40 ? 7.627   7.732   0.675   1.00 15.15 ? 20   ARG B NE  1 
ATOM   809  C  CZ  . ARG B 1 40 ? 7.386   7.290   1.911   1.00 15.40 ? 20   ARG B CZ  1 
ATOM   810  N  NH1 . ARG B 1 40 ? 6.172   6.939   2.297   1.00 14.94 ? 20   ARG B NH1 1 
ATOM   811  N  NH2 . ARG B 1 40 ? 8.392   7.165   2.761   1.00 15.76 ? 20   ARG B NH2 1 
ATOM   812  N  N   . THR B 1 41 ? 4.225   12.127  -2.989  1.00 14.35 ? 21   THR B N   1 
ATOM   813  C  CA  . THR B 1 41 ? 3.883   12.747  -4.252  1.00 14.03 ? 21   THR B CA  1 
ATOM   814  C  C   . THR B 1 41 ? 4.407   11.905  -5.423  1.00 14.07 ? 21   THR B C   1 
ATOM   815  O  O   . THR B 1 41 ? 5.545   11.417  -5.409  1.00 14.74 ? 21   THR B O   1 
ATOM   816  C  CB  . THR B 1 41 ? 4.474   14.163  -4.313  1.00 14.14 ? 21   THR B CB  1 
ATOM   817  O  OG1 . THR B 1 41 ? 4.027   14.896  -3.173  1.00 14.02 ? 21   THR B OG1 1 
ATOM   818  C  CG2 . THR B 1 41 ? 4.036   14.893  -5.560  1.00 14.34 ? 21   THR B CG2 1 
ATOM   819  N  N   . CYS B 1 42 ? 3.557   11.711  -6.423  1.00 13.50 ? 22   CYS B N   1 
ATOM   820  C  CA  . CYS B 1 42 ? 3.915   10.895  -7.561  1.00 13.14 ? 22   CYS B CA  1 
ATOM   821  C  C   . CYS B 1 42 ? 4.997   11.590  -8.380  1.00 13.03 ? 22   CYS B C   1 
ATOM   822  O  O   . CYS B 1 42 ? 5.060   12.818  -8.450  1.00 13.30 ? 22   CYS B O   1 
ATOM   823  C  CB  . CYS B 1 42 ? 2.699   10.582  -8.446  1.00 12.98 ? 22   CYS B CB  1 
ATOM   824  S  SG  . CYS B 1 42 ? 1.460   9.487   -7.699  1.00 12.80 ? 22   CYS B SG  1 
ATOM   825  N  N   . GLN B 1 43 ? 5.854   10.772  -8.975  1.00 13.05 ? 23   GLN B N   1 
ATOM   826  C  CA  . GLN B 1 43 ? 6.836   11.219  -9.933  1.00 12.86 ? 23   GLN B CA  1 
ATOM   827  C  C   . GLN B 1 43 ? 6.178   11.299  -11.293 1.00 13.00 ? 23   GLN B C   1 
ATOM   828  O  O   . GLN B 1 43 ? 5.390   10.421  -11.686 1.00 11.53 ? 23   GLN B O   1 
ATOM   829  C  CB  . GLN B 1 43 ? 8.013   10.240  -9.979  1.00 13.18 ? 23   GLN B CB  1 
ATOM   830  C  CG  . GLN B 1 43 ? 9.076   10.550  -11.022 1.00 12.83 ? 23   GLN B CG  1 
ATOM   831  C  CD  . GLN B 1 43 ? 10.106  9.459   -11.111 1.00 12.67 ? 23   GLN B CD  1 
ATOM   832  O  OE1 . GLN B 1 43 ? 10.637  9.018   -10.096 1.00 12.90 ? 23   GLN B OE1 1 
ATOM   833  N  NE2 . GLN B 1 43 ? 10.381  8.990   -12.322 1.00 12.48 ? 23   GLN B NE2 1 
ATOM   834  N  N   . SER B 1 44 ? 6.501   12.376  -11.991 1.00 13.74 ? 24   SER B N   1 
ATOM   835  C  CA  . SER B 1 44 ? 6.151   12.530  -13.383 1.00 14.95 ? 24   SER B CA  1 
ATOM   836  C  C   . SER B 1 44 ? 6.580   11.293  -14.198 1.00 14.31 ? 24   SER B C   1 
ATOM   837  O  O   . SER B 1 44 ? 7.725   10.847  -14.094 1.00 14.55 ? 24   SER B O   1 
ATOM   838  C  CB  . SER B 1 44 ? 6.804   13.807  -13.921 1.00 15.83 ? 24   SER B CB  1 
ATOM   839  O  OG  . SER B 1 44 ? 7.034   13.661  -15.301 1.00 18.41 ? 24   SER B OG  1 
ATOM   840  N  N   . TRP B 1 45 ? 5.643   10.735  -14.970 1.00 14.29 ? 25   TRP B N   1 
ATOM   841  C  CA  . TRP B 1 45 ? 5.901   9.590   -15.847 1.00 14.29 ? 25   TRP B CA  1 
ATOM   842  C  C   . TRP B 1 45 ? 7.022   9.818   -16.856 1.00 15.21 ? 25   TRP B C   1 
ATOM   843  O  O   . TRP B 1 45 ? 7.780   8.894   -17.171 1.00 15.77 ? 25   TRP B O   1 
ATOM   844  C  CB  . TRP B 1 45 ? 4.629   9.193   -16.607 1.00 14.02 ? 25   TRP B CB  1 
ATOM   845  C  CG  . TRP B 1 45 ? 3.534   8.748   -15.700 1.00 13.76 ? 25   TRP B CG  1 
ATOM   846  C  CD1 . TRP B 1 45 ? 2.451   9.480   -15.313 1.00 13.70 ? 25   TRP B CD1 1 
ATOM   847  C  CD2 . TRP B 1 45 ? 3.430   7.486   -15.029 1.00 13.68 ? 25   TRP B CD2 1 
ATOM   848  N  NE1 . TRP B 1 45 ? 1.684   8.754   -14.440 1.00 13.42 ? 25   TRP B NE1 1 
ATOM   849  C  CE2 . TRP B 1 45 ? 2.253   7.523   -14.258 1.00 13.31 ? 25   TRP B CE2 1 
ATOM   850  C  CE3 . TRP B 1 45 ? 4.209   6.318   -15.021 1.00 13.89 ? 25   TRP B CE3 1 
ATOM   851  C  CZ2 . TRP B 1 45 ? 1.830   6.441   -13.490 1.00 13.42 ? 25   TRP B CZ2 1 
ATOM   852  C  CZ3 . TRP B 1 45 ? 3.791   5.241   -14.251 1.00 13.77 ? 25   TRP B CZ3 1 
ATOM   853  C  CH2 . TRP B 1 45 ? 2.613   5.311   -13.494 1.00 13.97 ? 25   TRP B CH2 1 
ATOM   854  N  N   . SER B 1 46 ? 7.127   11.035  -17.386 1.00 15.90 ? 26   SER B N   1 
ATOM   855  C  CA  . SER B 1 46 ? 8.168   11.332  -18.375 1.00 16.16 ? 26   SER B CA  1 
ATOM   856  C  C   . SER B 1 46 ? 9.575   11.455  -17.760 1.00 15.85 ? 26   SER B C   1 
ATOM   857  O  O   . SER B 1 46 ? 10.582  11.455  -18.473 1.00 16.15 ? 26   SER B O   1 
ATOM   858  C  CB  . SER B 1 46 ? 7.798   12.599  -19.157 1.00 16.46 ? 26   SER B CB  1 
ATOM   859  O  OG  . SER B 1 46 ? 7.421   13.643  -18.281 1.00 17.07 ? 26   SER B OG  1 
ATOM   860  N  N   . SER B 1 47 ? 9.632   11.568  -16.440 1.00 15.18 ? 27   SER B N   1 
ATOM   861  C  CA  . SER B 1 47 ? 10.896  11.686  -15.704 1.00 14.90 ? 27   SER B CA  1 
ATOM   862  C  C   . SER B 1 47 ? 11.496  10.322  -15.399 1.00 14.51 ? 27   SER B C   1 
ATOM   863  O  O   . SER B 1 47 ? 10.769  9.383   -15.094 1.00 13.60 ? 27   SER B O   1 
ATOM   864  C  CB  . SER B 1 47 ? 10.674  12.431  -14.387 1.00 14.76 ? 27   SER B CB  1 
ATOM   865  O  OG  . SER B 1 47 ? 11.921  12.712  -13.768 1.00 14.92 ? 27   SER B OG  1 
ATOM   866  N  N   . MET B 1 48 ? 12.825  10.239  -15.502 1.00 14.35 ? 28   MET B N   1 
ATOM   867  C  CA  . MET B 1 48 ? 13.593  9.106   -15.041 1.00 14.28 ? 28   MET B CA  1 
ATOM   868  C  C   . MET B 1 48 ? 14.235  9.434   -13.683 1.00 13.92 ? 28   MET B C   1 
ATOM   869  O  O   . MET B 1 48 ? 15.123  8.718   -13.216 1.00 13.49 ? 28   MET B O   1 
ATOM   870  C  CB  . MET B 1 48 ? 14.697  8.754   -16.053 1.00 15.03 ? 28   MET B CB  1 
ATOM   871  C  CG  . MET B 1 48 ? 14.212  8.379   -17.454 1.00 15.97 ? 28   MET B CG  1 
ATOM   872  S  SD  . MET B 1 48 ? 13.323  6.809   -17.613 1.00 17.51 ? 28   MET B SD  1 
ATOM   873  C  CE  . MET B 1 48 ? 11.669  7.410   -17.954 1.00 17.63 ? 28   MET B CE  1 
ATOM   874  N  N   . THR B 1 49 ? 13.795  10.525  -13.074 1.00 13.31 ? 29   THR B N   1 
ATOM   875  C  CA  . THR B 1 49 ? 14.344  11.014  -11.828 1.00 13.98 ? 29   THR B CA  1 
ATOM   876  C  C   . THR B 1 49 ? 13.189  11.300  -10.885 1.00 13.42 ? 29   THR B C   1 
ATOM   877  O  O   . THR B 1 49 ? 12.252  11.989  -11.269 1.00 13.45 ? 29   THR B O   1 
ATOM   878  C  CB  . THR B 1 49 ? 15.108  12.344  -12.011 1.00 14.66 ? 29   THR B CB  1 
ATOM   879  O  OG1 . THR B 1 49 ? 16.102  12.189  -13.019 1.00 15.11 ? 29   THR B OG1 1 
ATOM   880  C  CG2 . THR B 1 49 ? 15.791  12.768  -10.705 1.00 14.71 ? 29   THR B CG2 1 
ATOM   881  N  N   . PRO B 1 50 ? 13.272  10.825  -9.643  1.00 13.49 ? 30   PRO B N   1 
ATOM   882  C  CA  . PRO B 1 50 ? 14.375  10.066  -9.055  1.00 13.27 ? 30   PRO B CA  1 
ATOM   883  C  C   . PRO B 1 50 ? 14.459  8.609   -9.485  1.00 13.05 ? 30   PRO B C   1 
ATOM   884  O  O   . PRO B 1 50 ? 15.487  7.953   -9.260  1.00 13.56 ? 30   PRO B O   1 
ATOM   885  C  CB  . PRO B 1 50 ? 14.104  10.162  -7.544  1.00 13.08 ? 30   PRO B CB  1 
ATOM   886  C  CG  . PRO B 1 50 ? 12.684  10.494  -7.410  1.00 12.93 ? 30   PRO B CG  1 
ATOM   887  C  CD  . PRO B 1 50 ? 12.309  11.278  -8.620  1.00 13.43 ? 30   PRO B CD  1 
ATOM   888  N  N   . HIS B 1 51 ? 13.393  8.091   -10.082 1.00 12.83 ? 31   HIS B N   1 
ATOM   889  C  CA  . HIS B 1 51 ? 13.343  6.688   -10.458 1.00 12.40 ? 31   HIS B CA  1 
ATOM   890  C  C   . HIS B 1 51 ? 13.371  6.496   -11.969 1.00 12.64 ? 31   HIS B C   1 
ATOM   891  O  O   . HIS B 1 51 ? 12.534  7.028   -12.707 1.00 12.27 ? 31   HIS B O   1 
ATOM   892  C  CB  . HIS B 1 51 ? 12.106  6.026   -9.858  1.00 12.38 ? 31   HIS B CB  1 
ATOM   893  C  CG  . HIS B 1 51 ? 12.026  6.190   -8.372  1.00 12.05 ? 31   HIS B CG  1 
ATOM   894  N  ND1 . HIS B 1 51 ? 12.891  5.554   -7.513  1.00 11.94 ? 31   HIS B ND1 1 
ATOM   895  C  CD2 . HIS B 1 51 ? 11.239  6.976   -7.604  1.00 11.72 ? 31   HIS B CD2 1 
ATOM   896  C  CE1 . HIS B 1 51 ? 12.624  5.922   -6.272  1.00 11.79 ? 31   HIS B CE1 1 
ATOM   897  N  NE2 . HIS B 1 51 ? 11.626  6.786   -6.299  1.00 11.94 ? 31   HIS B NE2 1 
ATOM   898  N  N   . TRP B 1 52 ? 14.360  5.723   -12.407 1.00 12.58 ? 32   TRP B N   1 
ATOM   899  C  CA  . TRP B 1 52 ? 14.429  5.257   -13.781 1.00 12.98 ? 32   TRP B CA  1 
ATOM   900  C  C   . TRP B 1 52 ? 13.377  4.167   -14.023 1.00 12.61 ? 32   TRP B C   1 
ATOM   901  O  O   . TRP B 1 52 ? 13.225  3.246   -13.214 1.00 12.40 ? 32   TRP B O   1 
ATOM   902  C  CB  . TRP B 1 52 ? 15.834  4.712   -14.068 1.00 13.40 ? 32   TRP B CB  1 
ATOM   903  C  CG  . TRP B 1 52 ? 16.000  4.337   -15.466 1.00 13.90 ? 32   TRP B CG  1 
ATOM   904  C  CD1 . TRP B 1 52 ? 16.504  5.116   -16.465 1.00 14.33 ? 32   TRP B CD1 1 
ATOM   905  C  CD2 . TRP B 1 52 ? 15.629  3.090   -16.071 1.00 14.25 ? 32   TRP B CD2 1 
ATOM   906  N  NE1 . TRP B 1 52 ? 16.472  4.429   -17.654 1.00 13.89 ? 32   TRP B NE1 1 
ATOM   907  C  CE2 . TRP B 1 52 ? 15.939  3.185   -17.439 1.00 14.37 ? 32   TRP B CE2 1 
ATOM   908  C  CE3 . TRP B 1 52 ? 15.080  1.900   -15.585 1.00 14.98 ? 32   TRP B CE3 1 
ATOM   909  C  CZ2 . TRP B 1 52 ? 15.732  2.141   -18.321 1.00 14.71 ? 32   TRP B CZ2 1 
ATOM   910  C  CZ3 . TRP B 1 52 ? 14.854  0.864   -16.469 1.00 14.86 ? 32   TRP B CZ3 1 
ATOM   911  C  CH2 . TRP B 1 52 ? 15.179  0.993   -17.818 1.00 15.24 ? 32   TRP B CH2 1 
ATOM   912  N  N   . HIS B 1 53 ? 12.673  4.253   -15.148 1.00 12.66 ? 33   HIS B N   1 
ATOM   913  C  CA  . HIS B 1 53 ? 11.587  3.331   -15.436 1.00 12.68 ? 33   HIS B CA  1 
ATOM   914  C  C   . HIS B 1 53 ? 11.214  3.325   -16.934 1.00 12.77 ? 33   HIS B C   1 
ATOM   915  O  O   . HIS B 1 53 ? 11.738  4.115   -17.723 1.00 11.36 ? 33   HIS B O   1 
ATOM   916  C  CB  . HIS B 1 53 ? 10.373  3.706   -14.604 1.00 12.95 ? 33   HIS B CB  1 
ATOM   917  C  CG  . HIS B 1 53 ? 9.753   5.001   -15.012 1.00 13.22 ? 33   HIS B CG  1 
ATOM   918  N  ND1 . HIS B 1 53 ? 8.714   5.067   -15.908 1.00 13.56 ? 33   HIS B ND1 1 
ATOM   919  C  CD2 . HIS B 1 53 ? 10.052  6.279   -14.692 1.00 13.10 ? 33   HIS B CD2 1 
ATOM   920  C  CE1 . HIS B 1 53 ? 8.384   6.325   -16.110 1.00 13.56 ? 33   HIS B CE1 1 
ATOM   921  N  NE2 . HIS B 1 53 ? 9.182   7.083   -15.387 1.00 13.31 ? 33   HIS B NE2 1 
ATOM   922  N  N   . GLN B 1 54 ? 10.301  2.424   -17.295 1.00 12.80 ? 34   GLN B N   1 
ATOM   923  C  CA  . GLN B 1 54 ? 9.848   2.280   -18.675 1.00 13.72 ? 34   GLN B CA  1 
ATOM   924  C  C   . GLN B 1 54 ? 8.335   2.419   -18.892 1.00 14.27 ? 34   GLN B C   1 
ATOM   925  O  O   . GLN B 1 54 ? 7.816   2.077   -19.956 1.00 14.62 ? 34   GLN B O   1 
ATOM   926  C  CB  . GLN B 1 54 ? 10.342  0.957   -19.204 1.00 14.09 ? 34   GLN B CB  1 
ATOM   927  C  CG  . GLN B 1 54 ? 11.852  0.938   -19.330 1.00 14.68 ? 34   GLN B CG  1 
ATOM   928  C  CD  . GLN B 1 54 ? 12.344  -0.378  -19.849 1.00 15.18 ? 34   GLN B CD  1 
ATOM   929  O  OE1 . GLN B 1 54 ? 11.957  -1.419  -19.349 1.00 15.66 ? 34   GLN B OE1 1 
ATOM   930  N  NE2 . GLN B 1 54 ? 13.185  -0.341  -20.867 1.00 15.77 ? 34   GLN B NE2 1 
ATOM   931  N  N   . ARG B 1 55 ? 7.640   2.924   -17.883 1.00 14.58 ? 35   ARG B N   1 
ATOM   932  C  CA  . ARG B 1 55 ? 6.246   3.341   -18.040 1.00 15.98 ? 35   ARG B CA  1 
ATOM   933  C  C   . ARG B 1 55 ? 6.168   4.763   -18.561 1.00 16.51 ? 35   ARG B C   1 
ATOM   934  O  O   . ARG B 1 55 ? 5.842   5.692   -17.817 1.00 16.69 ? 35   ARG B O   1 
ATOM   935  C  CB  . ARG B 1 55 ? 5.480   3.199   -16.724 1.00 15.87 ? 35   ARG B CB  1 
ATOM   936  C  CG  . ARG B 1 55 ? 4.957   1.806   -16.464 1.00 16.08 ? 35   ARG B CG  1 
ATOM   937  C  CD  . ARG B 1 55 ? 6.029   0.834   -16.010 1.00 16.16 ? 35   ARG B CD  1 
ATOM   938  N  NE  . ARG B 1 55 ? 5.442   -0.478  -15.772 1.00 17.01 ? 35   ARG B NE  1 
ATOM   939  C  CZ  . ARG B 1 55 ? 6.115   -1.629  -15.760 1.00 18.04 ? 35   ARG B CZ  1 
ATOM   940  N  NH1 . ARG B 1 55 ? 7.429   -1.650  -15.940 1.00 17.59 ? 35   ARG B NH1 1 
ATOM   941  N  NH2 . ARG B 1 55 ? 5.466   -2.769  -15.541 1.00 18.68 ? 35   ARG B NH2 1 
ATOM   942  N  N   . THR B 1 56 ? 6.468   4.905   -19.860 1.00 17.52 ? 36   THR B N   1 
ATOM   943  C  CA  . THR B 1 56 ? 6.428   6.185   -20.572 1.00 17.83 ? 36   THR B CA  1 
ATOM   944  C  C   . THR B 1 56 ? 5.400   6.128   -21.699 1.00 18.86 ? 36   THR B C   1 
ATOM   945  O  O   . THR B 1 56 ? 4.972   5.048   -22.109 1.00 18.61 ? 36   THR B O   1 
ATOM   946  C  CB  . THR B 1 56 ? 7.795   6.508   -21.199 1.00 17.30 ? 36   THR B CB  1 
ATOM   947  O  OG1 . THR B 1 56 ? 8.097   5.526   -22.188 1.00 16.53 ? 36   THR B OG1 1 
ATOM   948  C  CG2 . THR B 1 56 ? 8.896   6.498   -20.125 1.00 17.45 ? 36   THR B CG2 1 
ATOM   949  N  N   . THR B 1 57 ? 5.030   7.297   -22.222 1.00 20.78 ? 37   THR B N   1 
ATOM   950  C  CA  . THR B 1 57 ? 4.050   7.369   -23.304 1.00 22.18 ? 37   THR B CA  1 
ATOM   951  C  C   . THR B 1 57 ? 4.560   6.599   -24.523 1.00 23.29 ? 37   THR B C   1 
ATOM   952  O  O   . THR B 1 57 ? 3.754   5.980   -25.232 1.00 21.34 ? 37   THR B O   1 
ATOM   953  C  CB  . THR B 1 57 ? 3.699   8.815   -23.720 1.00 22.93 ? 37   THR B CB  1 
ATOM   954  O  OG1 . THR B 1 57 ? 4.864   9.475   -24.244 1.00 24.60 ? 37   THR B OG1 1 
ATOM   955  C  CG2 . THR B 1 57 ? 3.177   9.601   -22.550 1.00 22.85 ? 37   THR B CG2 1 
ATOM   956  N  N   . GLU B 1 58 ? 5.885   6.604   -24.732 1.00 25.37 ? 38   GLU B N   1 
ATOM   957  C  CA  . GLU B 1 58 ? 6.495   5.824   -25.829 1.00 28.99 ? 38   GLU B CA  1 
ATOM   958  C  C   . GLU B 1 58 ? 6.058   4.369   -25.776 1.00 28.91 ? 38   GLU B C   1 
ATOM   959  O  O   . GLU B 1 58 ? 5.690   3.788   -26.794 1.00 29.61 ? 38   GLU B O   1 
ATOM   960  C  CB  . GLU B 1 58 ? 8.031   5.852   -25.796 1.00 32.26 ? 38   GLU B CB  1 
ATOM   961  C  CG  . GLU B 1 58 ? 8.647   5.535   -27.158 1.00 35.96 ? 38   GLU B CG  1 
ATOM   962  C  CD  . GLU B 1 58 ? 10.000  4.824   -27.110 1.00 38.79 ? 38   GLU B CD  1 
ATOM   963  O  OE1 . GLU B 1 58 ? 10.828  5.080   -26.192 1.00 38.71 ? 38   GLU B OE1 1 
ATOM   964  O  OE2 . GLU B 1 58 ? 10.241  4.008   -28.037 1.00 41.54 ? 38   GLU B OE2 1 
ATOM   965  N  N   . TYR B 1 59 ? 6.102   3.789   -24.580 1.00 27.90 ? 39   TYR B N   1 
ATOM   966  C  CA  . TYR B 1 59 ? 5.780   2.375   -24.409 1.00 27.33 ? 39   TYR B CA  1 
ATOM   967  C  C   . TYR B 1 59 ? 4.314   2.118   -24.033 1.00 26.75 ? 39   TYR B C   1 
ATOM   968  O  O   . TYR B 1 59 ? 3.828   0.998   -24.199 1.00 25.71 ? 39   TYR B O   1 
ATOM   969  C  CB  . TYR B 1 59 ? 6.713   1.768   -23.369 1.00 27.40 ? 39   TYR B CB  1 
ATOM   970  C  CG  . TYR B 1 59 ? 8.168   1.701   -23.792 1.00 27.83 ? 39   TYR B CG  1 
ATOM   971  C  CD1 . TYR B 1 59 ? 8.553   0.978   -24.927 1.00 28.07 ? 39   TYR B CD1 1 
ATOM   972  C  CD2 . TYR B 1 59 ? 9.170   2.330   -23.042 1.00 28.48 ? 39   TYR B CD2 1 
ATOM   973  C  CE1 . TYR B 1 59 ? 9.885   0.896   -25.310 1.00 28.35 ? 39   TYR B CE1 1 
ATOM   974  C  CE2 . TYR B 1 59 ? 10.510  2.247   -23.414 1.00 28.46 ? 39   TYR B CE2 1 
ATOM   975  C  CZ  . TYR B 1 59 ? 10.865  1.520   -24.543 1.00 28.69 ? 39   TYR B CZ  1 
ATOM   976  O  OH  . TYR B 1 59 ? 12.189  1.422   -24.926 1.00 28.40 ? 39   TYR B OH  1 
ATOM   977  N  N   . TYR B 1 60 ? 3.614   3.136   -23.522 1.00 26.32 ? 40   TYR B N   1 
ATOM   978  C  CA  . TYR B 1 60 ? 2.178   3.000   -23.186 1.00 26.54 ? 40   TYR B CA  1 
ATOM   979  C  C   . TYR B 1 60 ? 1.349   4.153   -23.760 1.00 27.02 ? 40   TYR B C   1 
ATOM   980  O  O   . TYR B 1 60 ? 0.779   4.938   -23.012 1.00 26.61 ? 40   TYR B O   1 
ATOM   981  C  CB  . TYR B 1 60 ? 1.979   2.896   -21.674 1.00 26.20 ? 40   TYR B CB  1 
ATOM   982  C  CG  . TYR B 1 60 ? 2.687   1.711   -21.071 1.00 25.65 ? 40   TYR B CG  1 
ATOM   983  C  CD1 . TYR B 1 60 ? 2.084   0.459   -21.026 1.00 25.41 ? 40   TYR B CD1 1 
ATOM   984  C  CD2 . TYR B 1 60 ? 3.970   1.836   -20.564 1.00 25.40 ? 40   TYR B CD2 1 
ATOM   985  C  CE1 . TYR B 1 60 ? 2.740   -0.637  -20.478 1.00 26.21 ? 40   TYR B CE1 1 
ATOM   986  C  CE2 . TYR B 1 60 ? 4.636   0.752   -20.029 1.00 25.54 ? 40   TYR B CE2 1 
ATOM   987  C  CZ  . TYR B 1 60 ? 4.022   -0.481  -19.981 1.00 26.77 ? 40   TYR B CZ  1 
ATOM   988  O  OH  . TYR B 1 60 ? 4.722   -1.537  -19.431 1.00 26.75 ? 40   TYR B OH  1 
ATOM   989  N  N   . PRO B 1 61 ? 1.267   4.235   -25.106 1.00 27.54 ? 41   PRO B N   1 
ATOM   990  C  CA  . PRO B 1 61 ? 0.661   5.381   -25.802 1.00 27.04 ? 41   PRO B CA  1 
ATOM   991  C  C   . PRO B 1 61 ? -0.823  5.621   -25.472 1.00 27.86 ? 41   PRO B C   1 
ATOM   992  O  O   . PRO B 1 61 ? -1.286  6.757   -25.551 1.00 29.26 ? 41   PRO B O   1 
ATOM   993  C  CB  . PRO B 1 61 ? 0.846   5.025   -27.280 1.00 26.45 ? 41   PRO B CB  1 
ATOM   994  C  CG  . PRO B 1 61 ? 0.890   3.543   -27.307 1.00 27.17 ? 41   PRO B CG  1 
ATOM   995  C  CD  . PRO B 1 61 ? 1.599   3.144   -26.044 1.00 27.12 ? 41   PRO B CD  1 
ATOM   996  N  N   . ASN B 1 62 ? -1.548  4.568   -25.095 1.00 29.05 ? 42   ASN B N   1 
ATOM   997  C  CA  . ASN B 1 62 ? -2.951  4.685   -24.694 1.00 29.18 ? 42   ASN B CA  1 
ATOM   998  C  C   . ASN B 1 62 ? -3.134  4.625   -23.173 1.00 27.45 ? 42   ASN B C   1 
ATOM   999  O  O   . ASN B 1 62 ? -4.246  4.415   -22.709 1.00 25.98 ? 42   ASN B O   1 
ATOM   1000 C  CB  . ASN B 1 62 ? -3.785  3.577   -25.354 1.00 31.29 ? 42   ASN B CB  1 
ATOM   1001 C  CG  . ASN B 1 62 ? -3.388  3.335   -26.801 1.00 33.92 ? 42   ASN B CG  1 
ATOM   1002 O  OD1 . ASN B 1 62 ? -3.568  4.205   -27.662 1.00 35.44 ? 42   ASN B OD1 1 
ATOM   1003 N  ND2 . ASN B 1 62 ? -2.817  2.155   -27.075 1.00 35.48 ? 42   ASN B ND2 1 
ATOM   1004 N  N   . GLY B 1 63 ? -2.053  4.815   -22.409 1.00 25.52 ? 43   GLY B N   1 
ATOM   1005 C  CA  . GLY B 1 63 ? -2.096  4.671   -20.946 1.00 24.77 ? 43   GLY B CA  1 
ATOM   1006 C  C   . GLY B 1 63 ? -2.455  5.947   -20.205 1.00 23.79 ? 43   GLY B C   1 
ATOM   1007 O  O   . GLY B 1 63 ? -2.668  5.938   -18.984 1.00 24.70 ? 43   GLY B O   1 
ATOM   1008 N  N   . GLY B 1 64 ? -2.495  7.055   -20.935 1.00 23.33 ? 44   GLY B N   1 
ATOM   1009 C  CA  . GLY B 1 64 ? -2.738  8.364   -20.339 1.00 22.90 ? 44   GLY B CA  1 
ATOM   1010 C  C   . GLY B 1 64 ? -1.654  8.811   -19.369 1.00 22.46 ? 44   GLY B C   1 
ATOM   1011 O  O   . GLY B 1 64 ? -1.938  9.480   -18.367 1.00 21.25 ? 44   GLY B O   1 
ATOM   1012 N  N   . LEU B 1 65 ? -0.405  8.468   -19.674 1.00 21.24 ? 45   LEU B N   1 
ATOM   1013 C  CA  . LEU B 1 65 ? 0.699   8.789   -18.777 1.00 21.08 ? 45   LEU B CA  1 
ATOM   1014 C  C   . LEU B 1 65 ? 1.045   10.272  -18.827 1.00 21.53 ? 45   LEU B C   1 
ATOM   1015 O  O   . LEU B 1 65 ? 2.019   10.684  -19.451 1.00 23.18 ? 45   LEU B O   1 
ATOM   1016 C  CB  . LEU B 1 65 ? 1.909   7.903   -19.066 1.00 20.44 ? 45   LEU B CB  1 
ATOM   1017 C  CG  . LEU B 1 65 ? 1.607   6.405   -18.957 1.00 19.21 ? 45   LEU B CG  1 
ATOM   1018 C  CD1 . LEU B 1 65 ? 2.906   5.645   -19.092 1.00 18.81 ? 45   LEU B CD1 1 
ATOM   1019 C  CD2 . LEU B 1 65 ? 0.886   6.025   -17.659 1.00 19.21 ? 45   LEU B CD2 1 
ATOM   1020 N  N   . THR B 1 66 ? 0.223   11.034  -18.113 1.00 21.31 ? 46   THR B N   1 
ATOM   1021 C  CA  . THR B 1 66 ? 0.188   12.485  -18.127 1.00 22.04 ? 46   THR B CA  1 
ATOM   1022 C  C   . THR B 1 66 ? 0.752   12.984  -16.813 1.00 19.88 ? 46   THR B C   1 
ATOM   1023 O  O   . THR B 1 66 ? 0.386   12.466  -15.766 1.00 19.17 ? 46   THR B O   1 
ATOM   1024 C  CB  . THR B 1 66 ? -1.277  12.965  -18.164 1.00 22.94 ? 46   THR B CB  1 
ATOM   1025 O  OG1 . THR B 1 66 ? -1.993  12.241  -19.165 1.00 25.78 ? 46   THR B OG1 1 
ATOM   1026 C  CG2 . THR B 1 66 ? -1.371  14.442  -18.448 1.00 24.17 ? 46   THR B CG2 1 
ATOM   1027 N  N   . ARG B 1 67 ? 1.578   14.023  -16.869 1.00 18.43 ? 47   ARG B N   1 
ATOM   1028 C  CA  . ARG B 1 67 ? 2.184   14.610  -15.671 1.00 18.30 ? 47   ARG B CA  1 
ATOM   1029 C  C   . ARG B 1 67 ? 2.603   13.516  -14.685 1.00 17.09 ? 47   ARG B C   1 
ATOM   1030 O  O   . ARG B 1 67 ? 3.291   12.582  -15.095 1.00 17.24 ? 47   ARG B O   1 
ATOM   1031 C  CB  . ARG B 1 67 ? 1.242   15.629  -15.024 1.00 18.75 ? 47   ARG B CB  1 
ATOM   1032 C  CG  . ARG B 1 67 ? 0.763   16.690  -15.991 1.00 19.47 ? 47   ARG B CG  1 
ATOM   1033 C  CD  . ARG B 1 67 ? 0.141   17.873  -15.283 1.00 19.56 ? 47   ARG B CD  1 
ATOM   1034 N  NE  . ARG B 1 67 ? -0.215  18.926  -16.224 1.00 19.24 ? 47   ARG B NE  1 
ATOM   1035 C  CZ  . ARG B 1 67 ? -0.777  20.084  -15.861 1.00 19.73 ? 47   ARG B CZ  1 
ATOM   1036 N  NH1 . ARG B 1 67 ? -1.031  20.353  -14.600 1.00 18.41 ? 47   ARG B NH1 1 
ATOM   1037 N  NH2 . ARG B 1 67 ? -1.061  20.997  -16.774 1.00 21.41 ? 47   ARG B NH2 1 
ATOM   1038 N  N   . ASN B 1 68 ? 2.199   13.639  -13.415 1.00 16.39 ? 48   ASN B N   1 
ATOM   1039 C  CA  . ASN B 1 68 ? 2.448   12.637  -12.375 1.00 15.77 ? 48   ASN B CA  1 
ATOM   1040 C  C   . ASN B 1 68 ? 1.148   12.028  -11.875 1.00 16.29 ? 48   ASN B C   1 
ATOM   1041 O  O   . ASN B 1 68 ? 1.039   11.645  -10.707 1.00 16.53 ? 48   ASN B O   1 
ATOM   1042 C  CB  . ASN B 1 68 ? 3.200   13.244  -11.187 1.00 15.37 ? 48   ASN B CB  1 
ATOM   1043 C  CG  . ASN B 1 68 ? 2.366   14.248  -10.410 1.00 14.91 ? 48   ASN B CG  1 
ATOM   1044 O  OD1 . ASN B 1 68 ? 1.405   14.784  -10.921 1.00 14.70 ? 48   ASN B OD1 1 
ATOM   1045 N  ND2 . ASN B 1 68 ? 2.744   14.510  -9.178  1.00 14.89 ? 48   ASN B ND2 1 
ATOM   1046 N  N   . TYR B 1 69 ? 0.167   11.941  -12.763 1.00 15.99 ? 49   TYR B N   1 
ATOM   1047 C  CA  . TYR B 1 69 ? -1.148  11.458  -12.402 1.00 16.13 ? 49   TYR B CA  1 
ATOM   1048 C  C   . TYR B 1 69 ? -1.127  9.948   -12.210 1.00 14.88 ? 49   TYR B C   1 
ATOM   1049 O  O   . TYR B 1 69 ? -0.487  9.204   -12.980 1.00 14.58 ? 49   TYR B O   1 
ATOM   1050 C  CB  . TYR B 1 69 ? -2.187  11.840  -13.477 1.00 17.09 ? 49   TYR B CB  1 
ATOM   1051 C  CG  . TYR B 1 69 ? -2.399  13.325  -13.656 1.00 17.64 ? 49   TYR B CG  1 
ATOM   1052 C  CD1 . TYR B 1 69 ? -2.202  14.228  -12.599 1.00 18.82 ? 49   TYR B CD1 1 
ATOM   1053 C  CD2 . TYR B 1 69 ? -2.833  13.826  -14.869 1.00 18.46 ? 49   TYR B CD2 1 
ATOM   1054 C  CE1 . TYR B 1 69 ? -2.435  15.589  -12.765 1.00 19.67 ? 49   TYR B CE1 1 
ATOM   1055 C  CE2 . TYR B 1 69 ? -3.060  15.176  -15.049 1.00 19.17 ? 49   TYR B CE2 1 
ATOM   1056 C  CZ  . TYR B 1 69 ? -2.863  16.059  -14.006 1.00 19.96 ? 49   TYR B CZ  1 
ATOM   1057 O  OH  . TYR B 1 69 ? -3.088  17.412  -14.223 1.00 20.64 ? 49   TYR B OH  1 
ATOM   1058 N  N   . CYS B 1 70 ? -1.821  9.518   -11.161 1.00 13.99 ? 50   CYS B N   1 
ATOM   1059 C  CA  . CYS B 1 70 ? -2.018  8.111   -10.851 1.00 13.78 ? 50   CYS B CA  1 
ATOM   1060 C  C   . CYS B 1 70 ? -2.622  7.401   -12.038 1.00 13.87 ? 50   CYS B C   1 
ATOM   1061 O  O   . CYS B 1 70 ? -3.630  7.854   -12.573 1.00 14.21 ? 50   CYS B O   1 
ATOM   1062 C  CB  . CYS B 1 70 ? -2.959  7.968   -9.664  1.00 13.71 ? 50   CYS B CB  1 
ATOM   1063 S  SG  . CYS B 1 70 ? -2.192  8.559   -8.147  1.00 13.91 ? 50   CYS B SG  1 
ATOM   1064 N  N   . ARG B 1 71 ? -1.989  6.307   -12.455 1.00 14.11 ? 51   ARG B N   1 
ATOM   1065 C  CA  . ARG B 1 71 ? -2.412  5.557   -13.647 1.00 14.10 ? 51   ARG B CA  1 
ATOM   1066 C  C   . ARG B 1 71 ? -2.165  4.070   -13.477 1.00 14.92 ? 51   ARG B C   1 
ATOM   1067 O  O   . ARG B 1 71 ? -1.465  3.615   -12.560 1.00 14.58 ? 51   ARG B O   1 
ATOM   1068 C  CB  . ARG B 1 71 ? -1.666  6.043   -14.914 1.00 13.79 ? 51   ARG B CB  1 
ATOM   1069 C  CG  . ARG B 1 71 ? -1.976  7.468   -15.376 1.00 13.64 ? 51   ARG B CG  1 
ATOM   1070 C  CD  . ARG B 1 71 ? -3.375  7.572   -15.964 1.00 13.35 ? 51   ARG B CD  1 
ATOM   1071 N  NE  . ARG B 1 71 ? -3.712  8.921   -16.380 1.00 13.21 ? 51   ARG B NE  1 
ATOM   1072 C  CZ  . ARG B 1 71 ? -4.364  9.832   -15.654 1.00 13.31 ? 51   ARG B CZ  1 
ATOM   1073 N  NH1 . ARG B 1 71 ? -4.780  9.579   -14.420 1.00 13.28 ? 51   ARG B NH1 1 
ATOM   1074 N  NH2 . ARG B 1 71 ? -4.613  11.031  -16.191 1.00 13.01 ? 51   ARG B NH2 1 
ATOM   1075 N  N   . ASN B 1 72 ? -2.750  3.304   -14.383 1.00 15.20 ? 52   ASN B N   1 
ATOM   1076 C  CA  . ASN B 1 72 ? -2.534  1.870   -14.418 1.00 15.13 ? 52   ASN B CA  1 
ATOM   1077 C  C   . ASN B 1 72 ? -2.297  1.426   -15.862 1.00 15.60 ? 52   ASN B C   1 
ATOM   1078 O  O   . ASN B 1 72 ? -3.215  0.906   -16.503 1.00 16.93 ? 52   ASN B O   1 
ATOM   1079 C  CB  . ASN B 1 72 ? -3.743  1.176   -13.850 1.00 14.86 ? 52   ASN B CB  1 
ATOM   1080 C  CG  . ASN B 1 72 ? -3.566  -0.303  -13.778 1.00 14.57 ? 52   ASN B CG  1 
ATOM   1081 O  OD1 . ASN B 1 72 ? -2.518  -0.832  -14.140 1.00 13.88 ? 52   ASN B OD1 1 
ATOM   1082 N  ND2 . ASN B 1 72 ? -4.577  -0.984  -13.280 1.00 14.70 ? 52   ASN B ND2 1 
ATOM   1083 N  N   . PRO B 1 73 ? -1.074  1.653   -16.381 1.00 15.12 ? 53   PRO B N   1 
ATOM   1084 C  CA  . PRO B 1 73 ? -0.752  1.322   -17.770 1.00 15.32 ? 53   PRO B CA  1 
ATOM   1085 C  C   . PRO B 1 73 ? -0.391  -0.147  -17.983 1.00 15.40 ? 53   PRO B C   1 
ATOM   1086 O  O   . PRO B 1 73 ? -0.323  -0.595  -19.128 1.00 16.09 ? 53   PRO B O   1 
ATOM   1087 C  CB  . PRO B 1 73 ? 0.468   2.196   -18.064 1.00 15.00 ? 53   PRO B CB  1 
ATOM   1088 C  CG  . PRO B 1 73 ? 1.138   2.343   -16.739 1.00 15.63 ? 53   PRO B CG  1 
ATOM   1089 C  CD  . PRO B 1 73 ? 0.051   2.312   -15.690 1.00 15.27 ? 53   PRO B CD  1 
ATOM   1090 N  N   . ASP B 1 74 ? -0.122  -0.872  -16.898 1.00 15.03 ? 54   ASP B N   1 
ATOM   1091 C  CA  . ASP B 1 74 ? 0.510   -2.182  -16.979 1.00 14.09 ? 54   ASP B CA  1 
ATOM   1092 C  C   . ASP B 1 74 ? -0.359  -3.273  -16.364 1.00 14.16 ? 54   ASP B C   1 
ATOM   1093 O  O   . ASP B 1 74 ? 0.136   -4.303  -15.931 1.00 13.17 ? 54   ASP B O   1 
ATOM   1094 C  CB  . ASP B 1 74 ? 1.894   -2.136  -16.334 1.00 13.56 ? 54   ASP B CB  1 
ATOM   1095 C  CG  . ASP B 1 74 ? 1.873   -1.691  -14.880 1.00 13.29 ? 54   ASP B CG  1 
ATOM   1096 O  OD1 . ASP B 1 74 ? 0.803   -1.301  -14.343 1.00 13.35 ? 54   ASP B OD1 1 
ATOM   1097 O  OD2 . ASP B 1 74 ? 2.958   -1.718  -14.271 1.00 13.01 ? 54   ASP B OD2 1 
ATOM   1098 N  N   . ALA B 1 75 ? -1.662  -3.007  -16.323 1.00 15.06 ? 55   ALA B N   1 
ATOM   1099 C  CA  . ALA B 1 75 ? -2.647  -3.932  -15.817 1.00 15.36 ? 55   ALA B CA  1 
ATOM   1100 C  C   . ALA B 1 75 ? -2.316  -4.382  -14.401 1.00 15.77 ? 55   ALA B C   1 
ATOM   1101 O  O   . ALA B 1 75 ? -2.404  -5.562  -14.078 1.00 15.24 ? 55   ALA B O   1 
ATOM   1102 C  CB  . ALA B 1 75 ? -2.800  -5.123  -16.750 1.00 15.68 ? 55   ALA B CB  1 
ATOM   1103 N  N   . GLU B 1 76 ? -1.933  -3.419  -13.571 1.00 16.19 ? 56   GLU B N   1 
ATOM   1104 C  CA  . GLU B 1 76 ? -1.876  -3.610  -12.135 1.00 16.85 ? 56   GLU B CA  1 
ATOM   1105 C  C   . GLU B 1 76 ? -3.283  -3.769  -11.596 1.00 16.87 ? 56   GLU B C   1 
ATOM   1106 O  O   . GLU B 1 76 ? -4.250  -3.537  -12.309 1.00 18.66 ? 56   GLU B O   1 
ATOM   1107 C  CB  . GLU B 1 76 ? -1.262  -2.386  -11.456 1.00 17.14 ? 56   GLU B CB  1 
ATOM   1108 C  CG  . GLU B 1 76 ? 0.187   -2.515  -11.133 1.00 17.62 ? 56   GLU B CG  1 
ATOM   1109 C  CD  . GLU B 1 76 ? 0.493   -3.635  -10.169 1.00 17.74 ? 56   GLU B CD  1 
ATOM   1110 O  OE1 . GLU B 1 76 ? -0.327  -3.951  -9.308  1.00 18.95 ? 56   GLU B OE1 1 
ATOM   1111 O  OE2 . GLU B 1 76 ? 1.579   -4.210  -10.288 1.00 19.07 ? 56   GLU B OE2 1 
ATOM   1112 N  N   . ILE B 1 77 ? -3.380  -4.116  -10.322 1.00 17.09 ? 57   ILE B N   1 
ATOM   1113 C  CA  . ILE B 1 77 ? -4.678  -4.201  -9.613  1.00 16.86 ? 57   ILE B CA  1 
ATOM   1114 C  C   . ILE B 1 77 ? -5.388  -2.843  -9.388  1.00 15.85 ? 57   ILE B C   1 
ATOM   1115 O  O   . ILE B 1 77 ? -6.610  -2.779  -9.217  1.00 14.61 ? 57   ILE B O   1 
ATOM   1116 C  CB  . ILE B 1 77 ? -4.529  -4.906  -8.235  1.00 17.12 ? 57   ILE B CB  1 
ATOM   1117 C  CG1 . ILE B 1 77 ? -3.584  -4.127  -7.311  1.00 17.45 ? 57   ILE B CG1 1 
ATOM   1118 C  CG2 . ILE B 1 77 ? -4.074  -6.344  -8.436  1.00 17.76 ? 57   ILE B CG2 1 
ATOM   1119 C  CD1 . ILE B 1 77 ? -3.587  -4.595  -5.870  1.00 17.90 ? 57   ILE B CD1 1 
ATOM   1120 N  N   . ARG B 1 78 ? -4.611  -1.766  -9.347  1.00 15.29 ? 58   ARG B N   1 
ATOM   1121 C  CA  . ARG B 1 78 ? -5.153  -0.444  -9.098  1.00 14.71 ? 58   ARG B CA  1 
ATOM   1122 C  C   . ARG B 1 78 ? -4.175  0.622   -9.569  1.00 14.18 ? 58   ARG B C   1 
ATOM   1123 O  O   . ARG B 1 78 ? -3.031  0.304   -9.891  1.00 13.75 ? 58   ARG B O   1 
ATOM   1124 C  CB  . ARG B 1 78 ? -5.468  -0.270  -7.621  1.00 14.87 ? 58   ARG B CB  1 
ATOM   1125 C  CG  . ARG B 1 78 ? -4.254  -0.302  -6.702  1.00 15.28 ? 58   ARG B CG  1 
ATOM   1126 C  CD  . ARG B 1 78 ? -4.677  -0.467  -5.251  1.00 15.77 ? 58   ARG B CD  1 
ATOM   1127 N  NE  . ARG B 1 78 ? -5.288  0.753   -4.712  1.00 16.48 ? 58   ARG B NE  1 
ATOM   1128 C  CZ  . ARG B 1 78 ? -5.664  0.919   -3.448  1.00 17.33 ? 58   ARG B CZ  1 
ATOM   1129 N  NH1 . ARG B 1 78 ? -5.506  -0.060  -2.568  1.00 17.56 ? 58   ARG B NH1 1 
ATOM   1130 N  NH2 . ARG B 1 78 ? -6.209  2.074   -3.055  1.00 18.46 ? 58   ARG B NH2 1 
ATOM   1131 N  N   . PRO B 1 79 ? -4.637  1.884   -9.655  1.00 13.80 ? 59   PRO B N   1 
ATOM   1132 C  CA  . PRO B 1 79 ? -3.716  2.929   -10.115 1.00 13.71 ? 59   PRO B CA  1 
ATOM   1133 C  C   . PRO B 1 79 ? -2.525  3.124   -9.172  1.00 12.91 ? 59   PRO B C   1 
ATOM   1134 O  O   . PRO B 1 79 ? -2.612  2.873   -7.962  1.00 12.96 ? 59   PRO B O   1 
ATOM   1135 C  CB  . PRO B 1 79 ? -4.604  4.178   -10.201 1.00 13.56 ? 59   PRO B CB  1 
ATOM   1136 C  CG  . PRO B 1 79 ? -5.983  3.634   -10.419 1.00 13.94 ? 59   PRO B CG  1 
ATOM   1137 C  CD  . PRO B 1 79 ? -6.035  2.352   -9.643  1.00 13.84 ? 59   PRO B CD  1 
ATOM   1138 N  N   . TRP B 1 80 ? -1.403  3.507   -9.752  1.00 12.35 ? 60   TRP B N   1 
ATOM   1139 C  CA  . TRP B 1 80 ? -0.140  3.591   -9.010  1.00 12.22 ? 60   TRP B CA  1 
ATOM   1140 C  C   . TRP B 1 80 ? 0.743   4.655   -9.662  1.00 11.95 ? 60   TRP B C   1 
ATOM   1141 O  O   . TRP B 1 80 ? 0.389   5.244   -10.681 1.00 11.68 ? 60   TRP B O   1 
ATOM   1142 C  CB  . TRP B 1 80 ? 0.585   2.213   -8.969  1.00 12.25 ? 60   TRP B CB  1 
ATOM   1143 C  CG  . TRP B 1 80 ? 0.952   1.711   -10.324 1.00 12.38 ? 60   TRP B CG  1 
ATOM   1144 C  CD1 . TRP B 1 80 ? 0.152   1.015   -11.180 1.00 12.16 ? 60   TRP B CD1 1 
ATOM   1145 C  CD2 . TRP B 1 80 ? 2.200   1.909   -11.011 1.00 12.10 ? 60   TRP B CD2 1 
ATOM   1146 N  NE1 . TRP B 1 80 ? 0.823   0.761   -12.339 1.00 12.52 ? 60   TRP B NE1 1 
ATOM   1147 C  CE2 . TRP B 1 80 ? 2.078   1.300   -12.269 1.00 12.18 ? 60   TRP B CE2 1 
ATOM   1148 C  CE3 . TRP B 1 80 ? 3.402   2.547   -10.679 1.00 11.63 ? 60   TRP B CE3 1 
ATOM   1149 C  CZ2 . TRP B 1 80 ? 3.114   1.304   -13.210 1.00 12.07 ? 60   TRP B CZ2 1 
ATOM   1150 C  CZ3 . TRP B 1 80 ? 4.428   2.556   -11.606 1.00 11.79 ? 60   TRP B CZ3 1 
ATOM   1151 C  CH2 . TRP B 1 80 ? 4.283   1.925   -12.856 1.00 12.15 ? 60   TRP B CH2 1 
ATOM   1152 N  N   . CYS B 1 81 ? 1.897   4.886   -9.058  1.00 11.73 ? 61   CYS B N   1 
ATOM   1153 C  CA  . CYS B 1 81 ? 2.892   5.764   -9.619  1.00 12.01 ? 61   CYS B CA  1 
ATOM   1154 C  C   . CYS B 1 81 ? 4.256   5.508   -8.987  1.00 12.01 ? 61   CYS B C   1 
ATOM   1155 O  O   . CYS B 1 81 ? 4.360   4.966   -7.879  1.00 12.34 ? 61   CYS B O   1 
ATOM   1156 C  CB  . CYS B 1 81 ? 2.503   7.225   -9.379  1.00 11.77 ? 61   CYS B CB  1 
ATOM   1157 S  SG  . CYS B 1 81 ? 2.398   7.699   -7.626  1.00 11.94 ? 61   CYS B SG  1 
ATOM   1158 N  N   . TYR B 1 82 ? 5.285   5.929   -9.702  1.00 12.37 ? 62   TYR B N   1 
ATOM   1159 C  CA  . TYR B 1 82 ? 6.605   6.098   -9.144  1.00 12.83 ? 62   TYR B CA  1 
ATOM   1160 C  C   . TYR B 1 82 ? 6.515   7.297   -8.225  1.00 13.17 ? 62   TYR B C   1 
ATOM   1161 O  O   . TYR B 1 82 ? 5.713   8.194   -8.494  1.00 13.87 ? 62   TYR B O   1 
ATOM   1162 C  CB  . TYR B 1 82 ? 7.623   6.308   -10.281 1.00 13.09 ? 62   TYR B CB  1 
ATOM   1163 C  CG  . TYR B 1 82 ? 7.763   5.045   -11.108 1.00 13.28 ? 62   TYR B CG  1 
ATOM   1164 C  CD1 . TYR B 1 82 ? 8.470   3.950   -10.614 1.00 13.31 ? 62   TYR B CD1 1 
ATOM   1165 C  CD2 . TYR B 1 82 ? 7.143   4.918   -12.356 1.00 13.65 ? 62   TYR B CD2 1 
ATOM   1166 C  CE1 . TYR B 1 82 ? 8.589   2.788   -11.339 1.00 12.99 ? 62   TYR B CE1 1 
ATOM   1167 C  CE2 . TYR B 1 82 ? 7.263   3.749   -13.089 1.00 13.44 ? 62   TYR B CE2 1 
ATOM   1168 C  CZ  . TYR B 1 82 ? 7.970   2.687   -12.551 1.00 13.65 ? 62   TYR B CZ  1 
ATOM   1169 O  OH  . TYR B 1 82 ? 8.086   1.533   -13.258 1.00 14.79 ? 62   TYR B OH  1 
ATOM   1170 N  N   . THR B 1 83 ? 7.269   7.303   -7.118  1.00 12.80 ? 63   THR B N   1 
ATOM   1171 C  CA  . THR B 1 83 ? 7.170   8.396   -6.137  1.00 12.60 ? 63   THR B CA  1 
ATOM   1172 C  C   . THR B 1 83 ? 8.393   9.327   -6.162  1.00 12.97 ? 63   THR B C   1 
ATOM   1173 O  O   . THR B 1 83 ? 9.479   8.955   -6.609  1.00 13.16 ? 63   THR B O   1 
ATOM   1174 C  CB  . THR B 1 83 ? 6.941   7.914   -4.680  1.00 12.24 ? 63   THR B CB  1 
ATOM   1175 O  OG1 . THR B 1 83 ? 8.190   7.798   -3.986  1.00 12.50 ? 63   THR B OG1 1 
ATOM   1176 C  CG2 . THR B 1 83 ? 6.182   6.603   -4.618  1.00 12.38 ? 63   THR B CG2 1 
ATOM   1177 N  N   . MET B 1 84 ? 8.193   10.545  -5.664  1.00 13.40 ? 64   MET B N   1 
ATOM   1178 C  CA  . MET B 1 84 ? 9.275   11.542  -5.599  1.00 14.12 ? 64   MET B CA  1 
ATOM   1179 C  C   . MET B 1 84 ? 10.254  11.295  -4.451  1.00 14.67 ? 64   MET B C   1 
ATOM   1180 O  O   . MET B 1 84 ? 11.286  11.972  -4.336  1.00 14.45 ? 64   MET B O   1 
ATOM   1181 C  CB  . MET B 1 84 ? 8.690   12.947  -5.511  1.00 14.04 ? 64   MET B CB  1 
ATOM   1182 C  CG  . MET B 1 84 ? 8.019   13.388  -6.795  1.00 14.11 ? 64   MET B CG  1 
ATOM   1183 S  SD  . MET B 1 84 ? 9.174   13.406  -8.192  1.00 14.40 ? 64   MET B SD  1 
ATOM   1184 C  CE  . MET B 1 84 ? 10.275  14.744  -7.738  1.00 14.22 ? 64   MET B CE  1 
ATOM   1185 N  N   . ASP B 1 85 ? 9.923   10.331  -3.597  1.00 15.22 ? 65   ASP B N   1 
ATOM   1186 C  CA  . ASP B 1 85 ? 10.846  9.841   -2.578  1.00 16.04 ? 65   ASP B CA  1 
ATOM   1187 C  C   . ASP B 1 85 ? 11.833  8.841   -3.207  1.00 15.01 ? 65   ASP B C   1 
ATOM   1188 O  O   . ASP B 1 85 ? 11.423  7.762   -3.608  1.00 14.76 ? 65   ASP B O   1 
ATOM   1189 C  CB  . ASP B 1 85 ? 10.062  9.172   -1.444  1.00 17.03 ? 65   ASP B CB  1 
ATOM   1190 C  CG  . ASP B 1 85 ? 10.954  8.710   -0.310  1.00 18.82 ? 65   ASP B CG  1 
ATOM   1191 O  OD1 . ASP B 1 85 ? 12.197  8.728   -0.481  1.00 19.83 ? 65   ASP B OD1 1 
ATOM   1192 O  OD2 . ASP B 1 85 ? 10.404  8.327   0.757   1.00 18.74 ? 65   ASP B OD2 1 
ATOM   1193 N  N   . PRO B 1 86 ? 13.144  9.188   -3.256  1.00 14.74 ? 66   PRO B N   1 
ATOM   1194 C  CA  . PRO B 1 86 ? 14.149  8.283   -3.836  1.00 14.55 ? 66   PRO B CA  1 
ATOM   1195 C  C   . PRO B 1 86 ? 14.213  6.915   -3.173  1.00 13.77 ? 66   PRO B C   1 
ATOM   1196 O  O   . PRO B 1 86 ? 14.657  5.951   -3.787  1.00 13.20 ? 66   PRO B O   1 
ATOM   1197 C  CB  . PRO B 1 86 ? 15.482  9.024   -3.609  1.00 14.58 ? 66   PRO B CB  1 
ATOM   1198 C  CG  . PRO B 1 86 ? 15.099  10.435  -3.373  1.00 14.94 ? 66   PRO B CG  1 
ATOM   1199 C  CD  . PRO B 1 86 ? 13.760  10.417  -2.715  1.00 14.91 ? 66   PRO B CD  1 
ATOM   1200 N  N   . SER B 1 87 ? 13.819  6.844   -1.910  1.00 14.21 ? 67   SER B N   1 
ATOM   1201 C  CA  . SER B 1 87 ? 13.809  5.577   -1.182  1.00 14.52 ? 67   SER B CA  1 
ATOM   1202 C  C   . SER B 1 87 ? 12.587  4.710   -1.477  1.00 13.93 ? 67   SER B C   1 
ATOM   1203 O  O   . SER B 1 87 ? 12.596  3.508   -1.173  1.00 13.14 ? 67   SER B O   1 
ATOM   1204 C  CB  . SER B 1 87 ? 13.898  5.849   0.310   1.00 15.42 ? 67   SER B CB  1 
ATOM   1205 O  OG  . SER B 1 87 ? 15.150  6.451   0.596   1.00 17.55 ? 67   SER B OG  1 
ATOM   1206 N  N   . VAL B 1 88 ? 11.540  5.303   -2.057  1.00 13.48 ? 68   VAL B N   1 
ATOM   1207 C  CA  . VAL B 1 88 ? 10.307  4.543   -2.378  1.00 13.78 ? 68   VAL B CA  1 
ATOM   1208 C  C   . VAL B 1 88 ? 10.019  4.629   -3.863  1.00 13.78 ? 68   VAL B C   1 
ATOM   1209 O  O   . VAL B 1 88 ? 9.467   5.602   -4.341  1.00 13.89 ? 68   VAL B O   1 
ATOM   1210 C  CB  . VAL B 1 88 ? 9.077   5.003   -1.559  1.00 13.73 ? 68   VAL B CB  1 
ATOM   1211 C  CG1 . VAL B 1 88 ? 7.858   4.135   -1.883  1.00 13.83 ? 68   VAL B CG1 1 
ATOM   1212 C  CG2 . VAL B 1 88 ? 9.372   4.931   -0.063  1.00 13.44 ? 68   VAL B CG2 1 
ATOM   1213 N  N   . ARG B 1 89 ? 10.393  3.567   -4.568  1.00 13.82 ? 69   ARG B N   1 
ATOM   1214 C  CA  . ARG B 1 89 ? 10.317  3.494   -6.008  1.00 13.95 ? 69   ARG B CA  1 
ATOM   1215 C  C   . ARG B 1 89 ? 8.899   3.705   -6.558  1.00 14.55 ? 69   ARG B C   1 
ATOM   1216 O  O   . ARG B 1 89 ? 8.673   4.650   -7.336  1.00 14.73 ? 69   ARG B O   1 
ATOM   1217 C  CB  . ARG B 1 89 ? 10.869  2.154   -6.486  1.00 13.59 ? 69   ARG B CB  1 
ATOM   1218 C  CG  . ARG B 1 89 ? 10.843  2.010   -7.986  1.00 13.40 ? 69   ARG B CG  1 
ATOM   1219 C  CD  . ARG B 1 89 ? 11.767  0.907   -8.432  1.00 13.31 ? 69   ARG B CD  1 
ATOM   1220 N  NE  . ARG B 1 89 ? 11.605  0.703   -9.855  1.00 13.23 ? 69   ARG B NE  1 
ATOM   1221 C  CZ  . ARG B 1 89 ? 12.139  1.457   -10.807 1.00 12.94 ? 69   ARG B CZ  1 
ATOM   1222 N  NH1 . ARG B 1 89 ? 12.929  2.494   -10.510 1.00 12.88 ? 69   ARG B NH1 1 
ATOM   1223 N  NH2 . ARG B 1 89 ? 11.884  1.162   -12.075 1.00 12.66 ? 69   ARG B NH2 1 
ATOM   1224 N  N   . TRP B 1 90 ? 7.964   2.840   -6.166  1.00 14.45 ? 70   TRP B N   1 
ATOM   1225 C  CA  . TRP B 1 90 ? 6.571   3.007   -6.585  1.00 14.62 ? 70   TRP B CA  1 
ATOM   1226 C  C   . TRP B 1 90 ? 5.605   2.578   -5.490  1.00 14.45 ? 70   TRP B C   1 
ATOM   1227 O  O   . TRP B 1 90 ? 5.954   1.769   -4.605  1.00 14.01 ? 70   TRP B O   1 
ATOM   1228 C  CB  . TRP B 1 90 ? 6.282   2.257   -7.892  1.00 14.79 ? 70   TRP B CB  1 
ATOM   1229 C  CG  . TRP B 1 90 ? 6.185   0.778   -7.753  1.00 14.96 ? 70   TRP B CG  1 
ATOM   1230 C  CD1 . TRP B 1 90 ? 7.216   -0.126  -7.821  1.00 15.40 ? 70   TRP B CD1 1 
ATOM   1231 C  CD2 . TRP B 1 90 ? 4.991   0.014   -7.543  1.00 15.68 ? 70   TRP B CD2 1 
ATOM   1232 N  NE1 . TRP B 1 90 ? 6.730   -1.402  -7.656  1.00 15.85 ? 70   TRP B NE1 1 
ATOM   1233 C  CE2 . TRP B 1 90 ? 5.370   -1.343  -7.481  1.00 16.17 ? 70   TRP B CE2 1 
ATOM   1234 C  CE3 . TRP B 1 90 ? 3.629   0.348   -7.418  1.00 15.95 ? 70   TRP B CE3 1 
ATOM   1235 C  CZ2 . TRP B 1 90 ? 4.437   -2.374  -7.283  1.00 16.69 ? 70   TRP B CZ2 1 
ATOM   1236 C  CZ3 . TRP B 1 90 ? 2.708   -0.674  -7.211  1.00 16.32 ? 70   TRP B CZ3 1 
ATOM   1237 C  CH2 . TRP B 1 90 ? 3.115   -2.018  -7.153  1.00 16.21 ? 70   TRP B CH2 1 
ATOM   1238 N  N   . GLU B 1 91 ? 4.402   3.149   -5.551  1.00 13.72 ? 71   GLU B N   1 
ATOM   1239 C  CA  . GLU B 1 91 ? 3.328   2.782   -4.661  1.00 13.69 ? 71   GLU B CA  1 
ATOM   1240 C  C   . GLU B 1 91 ? 1.991   2.868   -5.359  1.00 13.31 ? 71   GLU B C   1 
ATOM   1241 O  O   . GLU B 1 91 ? 1.821   3.604   -6.334  1.00 12.99 ? 71   GLU B O   1 
ATOM   1242 C  CB  . GLU B 1 91 ? 3.253   3.713   -3.455  1.00 13.67 ? 71   GLU B CB  1 
ATOM   1243 C  CG  . GLU B 1 91 ? 4.485   3.755   -2.603  1.00 13.87 ? 71   GLU B CG  1 
ATOM   1244 C  CD  . GLU B 1 91 ? 4.320   4.740   -1.471  1.00 13.73 ? 71   GLU B CD  1 
ATOM   1245 O  OE1 . GLU B 1 91 ? 4.452   5.969   -1.719  1.00 13.37 ? 71   GLU B OE1 1 
ATOM   1246 O  OE2 . GLU B 1 91 ? 4.042   4.276   -0.343  1.00 13.71 ? 71   GLU B OE2 1 
ATOM   1247 N  N   . TYR B 1 92 ? 1.029   2.144   -4.805  1.00 13.27 ? 72   TYR B N   1 
ATOM   1248 C  CA  . TYR B 1 92 ? -0.362  2.374   -5.140  1.00 13.35 ? 72   TYR B CA  1 
ATOM   1249 C  C   . TYR B 1 92 ? -0.776  3.761   -4.669  1.00 13.60 ? 72   TYR B C   1 
ATOM   1250 O  O   . TYR B 1 92 ? -0.272  4.291   -3.673  1.00 12.60 ? 72   TYR B O   1 
ATOM   1251 C  CB  . TYR B 1 92 ? -1.244  1.309   -4.506  1.00 13.85 ? 72   TYR B CB  1 
ATOM   1252 C  CG  . TYR B 1 92 ? -0.916  -0.071  -5.038  1.00 14.23 ? 72   TYR B CG  1 
ATOM   1253 C  CD1 . TYR B 1 92 ? -1.080  -0.352  -6.390  1.00 14.21 ? 72   TYR B CD1 1 
ATOM   1254 C  CD2 . TYR B 1 92 ? -0.405  -1.074  -4.216  1.00 14.59 ? 72   TYR B CD2 1 
ATOM   1255 C  CE1 . TYR B 1 92 ? -0.780  -1.589  -6.909  1.00 14.62 ? 72   TYR B CE1 1 
ATOM   1256 C  CE2 . TYR B 1 92 ? -0.109  -2.331  -4.735  1.00 14.69 ? 72   TYR B CE2 1 
ATOM   1257 C  CZ  . TYR B 1 92 ? -0.317  -2.577  -6.085  1.00 14.63 ? 72   TYR B CZ  1 
ATOM   1258 O  OH  . TYR B 1 92 ? -0.028  -3.779  -6.665  1.00 14.86 ? 72   TYR B OH  1 
ATOM   1259 N  N   . CYS B 1 93 ? -1.680  4.358   -5.426  1.00 14.36 ? 73   CYS B N   1 
ATOM   1260 C  CA  . CYS B 1 93 ? -2.225  5.659   -5.094  1.00 14.88 ? 73   CYS B CA  1 
ATOM   1261 C  C   . CYS B 1 93 ? -3.365  5.575   -4.081  1.00 16.06 ? 73   CYS B C   1 
ATOM   1262 O  O   . CYS B 1 93 ? -4.101  4.574   -4.027  1.00 16.56 ? 73   CYS B O   1 
ATOM   1263 C  CB  . CYS B 1 93 ? -2.706  6.319   -6.359  1.00 14.84 ? 73   CYS B CB  1 
ATOM   1264 S  SG  . CYS B 1 93 ? -1.339  6.921   -7.380  1.00 14.35 ? 73   CYS B SG  1 
ATOM   1265 N  N   . ALA B 1 94 ? -3.521  6.649   -3.301  1.00 16.95 ? 74   ALA B N   1 
ATOM   1266 C  CA  . ALA B 1 94 ? -4.579  6.764   -2.291  1.00 18.26 ? 74   ALA B CA  1 
ATOM   1267 C  C   . ALA B 1 94 ? -5.921  7.105   -2.963  1.00 19.83 ? 74   ALA B C   1 
ATOM   1268 O  O   . ALA B 1 94 ? -6.596  8.056   -2.594  1.00 21.35 ? 74   ALA B O   1 
ATOM   1269 C  CB  . ALA B 1 94 ? -4.216  7.834   -1.272  1.00 17.88 ? 74   ALA B CB  1 
ATOM   1270 N  N   . LEU B 1 95 ? -6.255  6.350   -3.997  1.00 21.66 ? 75   LEU B N   1 
ATOM   1271 C  CA  . LEU B 1 95 ? -7.574  6.352   -4.612  1.00 23.23 ? 75   LEU B CA  1 
ATOM   1272 C  C   . LEU B 1 95 ? -8.222  5.082   -4.157  1.00 23.02 ? 75   LEU B C   1 
ATOM   1273 O  O   . LEU B 1 95 ? -7.570  4.045   -4.108  1.00 22.19 ? 75   LEU B O   1 
ATOM   1274 C  CB  . LEU B 1 95 ? -7.474  6.251   -6.137  1.00 25.58 ? 75   LEU B CB  1 
ATOM   1275 C  CG  . LEU B 1 95 ? -7.064  7.476   -6.920  1.00 26.91 ? 75   LEU B CG  1 
ATOM   1276 C  CD1 . LEU B 1 95 ? -6.807  7.051   -8.351  1.00 28.88 ? 75   LEU B CD1 1 
ATOM   1277 C  CD2 . LEU B 1 95 ? -8.160  8.529   -6.850  1.00 27.39 ? 75   LEU B CD2 1 
ATOM   1278 N  N   . THR B 1 96 ? -9.505  5.148   -3.845  1.00 23.75 ? 76   THR B N   1 
ATOM   1279 C  CA  . THR B 1 96 ? -10.252 3.961   -3.495  1.00 24.22 ? 76   THR B CA  1 
ATOM   1280 C  C   . THR B 1 96 ? -11.036 3.540   -4.737  1.00 23.75 ? 76   THR B C   1 
ATOM   1281 O  O   . THR B 1 96 ? -11.294 4.361   -5.630  1.00 22.19 ? 76   THR B O   1 
ATOM   1282 C  CB  . THR B 1 96 ? -11.199 4.229   -2.319  1.00 25.03 ? 76   THR B CB  1 
ATOM   1283 O  OG1 . THR B 1 96 ? -11.945 5.412   -2.597  1.00 26.89 ? 76   THR B OG1 1 
ATOM   1284 C  CG2 . THR B 1 96 ? -10.413 4.418   -1.024  1.00 25.26 ? 76   THR B CG2 1 
ATOM   1285 N  N   . GLN B 1 97 ? -11.371 2.257   -4.808  1.00 22.74 ? 77   GLN B N   1 
ATOM   1286 C  CA  . GLN B 1 97 ? -12.241 1.763   -5.862  1.00 22.67 ? 77   GLN B CA  1 
ATOM   1287 C  C   . GLN B 1 97 ? -13.647 2.311   -5.609  1.00 21.68 ? 77   GLN B C   1 
ATOM   1288 O  O   . GLN B 1 97 ? -14.072 2.382   -4.461  1.00 21.34 ? 77   GLN B O   1 
ATOM   1289 C  CB  . GLN B 1 97 ? -12.268 0.239   -5.872  1.00 23.48 ? 77   GLN B CB  1 
ATOM   1290 C  CG  . GLN B 1 97 ? -12.836 -0.347  -7.151  1.00 24.18 ? 77   GLN B CG  1 
ATOM   1291 C  CD  . GLN B 1 97 ? -12.812 -1.863  -7.132  1.00 26.35 ? 77   GLN B CD  1 
ATOM   1292 O  OE1 . GLN B 1 97 ? -13.433 -2.488  -6.263  1.00 28.52 ? 77   GLN B OE1 1 
ATOM   1293 N  NE2 . GLN B 1 97 ? -12.063 -2.469  -8.061  1.00 26.04 ? 77   GLN B NE2 1 
ATOM   1294 N  N   . CYS B 1 98 ? -14.339 2.708   -6.677  1.00 21.25 ? 78   CYS B N   1 
ATOM   1295 C  CA  . CYS B 1 98 ? -15.718 3.232   -6.604  1.00 21.05 ? 78   CYS B CA  1 
ATOM   1296 C  C   . CYS B 1 98 ? -16.662 2.165   -6.099  1.00 21.50 ? 78   CYS B C   1 
ATOM   1297 O  O   . CYS B 1 98 ? -16.501 1.016   -6.503  1.00 23.64 ? 78   CYS B O   1 
ATOM   1298 C  CB  . CYS B 1 98 ? -16.208 3.652   -7.991  1.00 20.50 ? 78   CYS B CB  1 
ATOM   1299 S  SG  . CYS B 1 98 ? -15.254 4.944   -8.809  1.00 19.45 ? 78   CYS B SG  1 
HETATM 1300 CL CL  . CL  C 2 .  ? 11.713  -6.695  13.318  1.00 24.40 ? 1079 CL  A CL  1 
HETATM 1301 C  C1  . HKY D 3 .  ? -6.306  -16.883 10.625  1.00 25.97 ? 1080 HKY A C1  1 
HETATM 1302 C  C2  . HKY D 3 .  ? -4.969  -17.187 10.473  1.00 24.58 ? 1080 HKY A C2  1 
HETATM 1303 C  C3  . HKY D 3 .  ? -5.814  -14.531 10.367  1.00 24.61 ? 1080 HKY A C3  1 
HETATM 1304 C  C4  . HKY D 3 .  ? -6.708  -15.564 10.570  1.00 26.06 ? 1080 HKY A C4  1 
HETATM 1305 C  C5  . HKY D 3 .  ? -4.067  -16.165 10.266  1.00 23.95 ? 1080 HKY A C5  1 
HETATM 1306 C  C6  . HKY D 3 .  ? -4.482  -14.848 10.215  1.00 24.04 ? 1080 HKY A C6  1 
HETATM 1307 C  C7  . HKY D 3 .  ? -8.121  -15.227 10.722  1.00 25.88 ? 1080 HKY A C7  1 
HETATM 1308 C  C8  . HKY D 3 .  ? -3.505  -13.750 10.006  1.00 23.01 ? 1080 HKY A C8  1 
HETATM 1309 C  C9  . HKY D 3 .  ? -2.633  -16.506 10.099  1.00 24.36 ? 1080 HKY A C9  1 
HETATM 1310 C  C10 . HKY D 3 .  ? -2.205  -14.307 9.485   1.00 23.76 ? 1080 HKY A C10 1 
HETATM 1311 N  N11 . HKY D 3 .  ? -1.758  -15.373 10.349  1.00 23.46 ? 1080 HKY A N11 1 
HETATM 1312 O  O12 . HKY D 3 .  ? -8.540  -14.115 10.475  1.00 25.04 ? 1080 HKY A O12 1 
HETATM 1313 O  O13 . HKY D 3 .  ? -8.829  -16.314 11.150  1.00 28.04 ? 1080 HKY A O13 1 
HETATM 1314 CL CL  . CL  E 2 .  ? -3.081  -18.936 12.937  1.00 24.37 ? 1081 CL  A CL  1 
HETATM 1315 CL CL  . CL  F 2 .  ? -0.930  1.784   -23.989 1.00 41.44 ? 1079 CL  B CL  1 
HETATM 1316 CL CL  . CL  G 2 .  ? -9.987  -0.314  -2.773  1.00 48.46 ? 1080 CL  B CL  1 
HETATM 1317 C  C1  . EDO H 4 .  ? -8.213  -4.566  -6.010  1.00 31.53 ? 1081 EDO B C1  1 
HETATM 1318 O  O1  . EDO H 4 .  ? -7.158  -3.862  -5.324  1.00 30.57 ? 1081 EDO B O1  1 
HETATM 1319 C  C2  . EDO H 4 .  ? -8.932  -3.664  -7.011  1.00 30.96 ? 1081 EDO B C2  1 
HETATM 1320 O  O2  . EDO H 4 .  ? -8.995  -2.315  -6.525  1.00 33.11 ? 1081 EDO B O2  1 
HETATM 1321 C  C1  A HKY I 3 .  ? 8.022   -3.477  -12.200 0.60 26.10 ? 1082 HKY B C1  1 
HETATM 1322 C  C1  B HKY I 3 .  ? 7.986   -3.342  -11.812 0.40 18.96 ? 1082 HKY B C1  1 
HETATM 1323 C  C2  A HKY I 3 .  ? 6.787   -4.031  -11.938 0.60 25.91 ? 1082 HKY B C2  1 
HETATM 1324 C  C2  B HKY I 3 .  ? 6.730   -3.897  -11.789 0.40 18.98 ? 1082 HKY B C2  1 
HETATM 1325 C  C3  A HKY I 3 .  ? 7.142   -1.283  -11.729 0.60 25.12 ? 1082 HKY B C3  1 
HETATM 1326 C  C3  B HKY I 3 .  ? 7.041   -1.176  -11.317 0.40 18.36 ? 1082 HKY B C3  1 
HETATM 1327 C  C4  A HKY I 3 .  ? 8.183   -2.113  -12.093 0.60 25.79 ? 1082 HKY B C4  1 
HETATM 1328 C  C4  B HKY I 3 .  ? 8.107   -1.995  -11.575 0.40 18.67 ? 1082 HKY B C4  1 
HETATM 1329 C  C5  A HKY I 3 .  ? 5.737   -3.212  -11.573 0.60 25.45 ? 1082 HKY B C5  1 
HETATM 1330 C  C5  B HKY I 3 .  ? 5.640   -3.096  -11.533 0.40 18.79 ? 1082 HKY B C5  1 
HETATM 1331 C  C6  A HKY I 3 .  ? 5.908   -1.841  -11.469 0.60 25.12 ? 1082 HKY B C6  1 
HETATM 1332 C  C6  B HKY I 3 .  ? 5.794   -1.745  -11.301 0.40 18.58 ? 1082 HKY B C6  1 
HETATM 1333 C  C7  A HKY I 3 .  ? 9.484   -1.497  -12.364 0.60 25.54 ? 1082 HKY B C7  1 
HETATM 1334 C  C7  B HKY I 3 .  ? 9.423   -1.398  -11.598 0.40 18.41 ? 1082 HKY B C7  1 
HETATM 1335 C  C8  A HKY I 3 .  ? 4.791   -0.936  -11.082 0.60 24.22 ? 1082 HKY B C8  1 
HETATM 1336 C  C8  B HKY I 3 .  ? 4.633   -0.871  -11.023 0.40 18.26 ? 1082 HKY B C8  1 
HETATM 1337 C  C9  A HKY I 3 .  ? 4.408   -3.819  -11.295 0.60 25.26 ? 1082 HKY B C9  1 
HETATM 1338 C  C9  B HKY I 3 .  ? 4.295   -3.717  -11.516 0.40 18.87 ? 1082 HKY B C9  1 
HETATM 1339 C  C10 A HKY I 3 .  ? 3.567   -1.723  -10.684 0.60 24.73 ? 1082 HKY B C10 1 
HETATM 1340 C  C10 B HKY I 3 .  ? 3.463   -1.734  -10.665 0.40 18.67 ? 1082 HKY B C10 1 
HETATM 1341 N  N11 A HKY I 3 .  ? 3.371   -2.848  -11.586 0.60 24.85 ? 1082 HKY B N11 1 
HETATM 1342 N  N11 B HKY I 3 .  ? 3.283   -2.704  -11.726 0.40 18.73 ? 1082 HKY B N11 1 
HETATM 1343 O  O12 A HKY I 3 .  ? 9.846   -0.476  -11.791 0.60 25.17 ? 1082 HKY B O12 1 
HETATM 1344 O  O12 B HKY I 3 .  ? 10.319  -1.733  -10.840 0.40 18.35 ? 1082 HKY B O12 1 
HETATM 1345 O  O13 A HKY I 3 .  ? 10.148  -2.211  -13.322 0.60 24.69 ? 1082 HKY B O13 1 
HETATM 1346 O  O13 B HKY I 3 .  ? 9.398   -0.441  -12.567 0.40 17.85 ? 1082 HKY B O13 1 
HETATM 1347 O  O   . HOH J 5 .  ? 7.874   3.182   11.599  1.00 27.50 ? 2001 HOH A O   1 
HETATM 1348 O  O   . HOH J 5 .  ? 12.425  -3.730  12.879  1.00 26.67 ? 2002 HOH A O   1 
HETATM 1349 O  O   . HOH J 5 .  ? 8.693   -8.889  2.902   1.00 29.80 ? 2003 HOH A O   1 
HETATM 1350 O  O   . HOH J 5 .  ? 11.373  -9.699  14.410  1.00 16.98 ? 2004 HOH A O   1 
HETATM 1351 O  O   . HOH J 5 .  ? 16.093  -2.466  12.404  1.00 26.09 ? 2005 HOH A O   1 
HETATM 1352 O  O   . HOH J 5 .  ? 16.102  -10.207 8.211   1.00 26.69 ? 2006 HOH A O   1 
HETATM 1353 O  O   . HOH J 5 .  ? 10.785  -14.012 15.924  1.00 19.21 ? 2007 HOH A O   1 
HETATM 1354 O  O   . HOH J 5 .  ? 7.195   -17.340 11.949  1.00 20.43 ? 2008 HOH A O   1 
HETATM 1355 O  O   . HOH J 5 .  ? 5.492   -7.064  14.895  1.00 6.35  ? 2009 HOH A O   1 
HETATM 1356 O  O   . HOH J 5 .  ? 3.719   -8.679  16.780  1.00 15.51 ? 2010 HOH A O   1 
HETATM 1357 O  O   . HOH J 5 .  ? 4.731   -10.793 18.400  1.00 28.73 ? 2011 HOH A O   1 
HETATM 1358 O  O   . HOH J 5 .  ? 11.404  -3.977  18.609  1.00 18.82 ? 2012 HOH A O   1 
HETATM 1359 O  O   . HOH J 5 .  ? 10.474  -1.727  15.745  1.00 31.35 ? 2013 HOH A O   1 
HETATM 1360 O  O   . HOH J 5 .  ? 4.779   2.054   16.762  1.00 25.44 ? 2014 HOH A O   1 
HETATM 1361 O  O   . HOH J 5 .  ? 5.268   -5.642  22.938  1.00 32.38 ? 2015 HOH A O   1 
HETATM 1362 O  O   . HOH J 5 .  ? 0.729   4.189   10.229  1.00 17.30 ? 2016 HOH A O   1 
HETATM 1363 O  O   . HOH J 5 .  ? 1.777   2.836   6.165   1.00 13.92 ? 2017 HOH A O   1 
HETATM 1364 O  O   . HOH J 5 .  ? -2.323  3.512   6.982   1.00 29.25 ? 2018 HOH A O   1 
HETATM 1365 O  O   . HOH J 5 .  ? -1.276  3.466   21.894  1.00 30.04 ? 2019 HOH A O   1 
HETATM 1366 O  O   . HOH J 5 .  ? -2.078  3.187   4.065   1.00 23.54 ? 2020 HOH A O   1 
HETATM 1367 O  O   . HOH J 5 .  ? 3.389   -4.328  -2.944  1.00 25.41 ? 2021 HOH A O   1 
HETATM 1368 O  O   . HOH J 5 .  ? 13.032  -15.731 8.347   1.00 28.77 ? 2022 HOH A O   1 
HETATM 1369 O  O   . HOH J 5 .  ? -4.123  2.615   2.124   1.00 23.28 ? 2023 HOH A O   1 
HETATM 1370 O  O   . HOH J 5 .  ? -8.249  0.191   2.428   1.00 8.16  ? 2024 HOH A O   1 
HETATM 1371 O  O   . HOH J 5 .  ? -2.339  -13.077 2.504   1.00 28.22 ? 2025 HOH A O   1 
HETATM 1372 O  O   . HOH J 5 .  ? -5.109  -5.478  12.026  1.00 12.82 ? 2026 HOH A O   1 
HETATM 1373 O  O   . HOH J 5 .  ? -6.570  1.690   18.437  1.00 14.82 ? 2027 HOH A O   1 
HETATM 1374 O  O   . HOH J 5 .  ? -5.648  -1.145  17.958  1.00 18.00 ? 2028 HOH A O   1 
HETATM 1375 O  O   . HOH J 5 .  ? -11.363 0.084   12.773  1.00 20.19 ? 2029 HOH A O   1 
HETATM 1376 O  O   . HOH J 5 .  ? -13.987 -10.704 7.853   1.00 15.54 ? 2030 HOH A O   1 
HETATM 1377 O  O   . HOH J 5 .  ? -15.724 -10.396 9.965   1.00 10.98 ? 2031 HOH A O   1 
HETATM 1378 O  O   . HOH J 5 .  ? -19.044 -12.068 17.184  1.00 16.58 ? 2032 HOH A O   1 
HETATM 1379 O  O   . HOH J 5 .  ? -12.100 -11.013 19.893  1.00 29.15 ? 2033 HOH A O   1 
HETATM 1380 O  O   . HOH J 5 .  ? -8.610  -14.055 14.550  1.00 16.05 ? 2034 HOH A O   1 
HETATM 1381 O  O   . HOH J 5 .  ? -5.901  -15.631 18.437  1.00 28.28 ? 2035 HOH A O   1 
HETATM 1382 O  O   . HOH J 5 .  ? -13.099 -13.634 20.998  1.00 15.32 ? 2036 HOH A O   1 
HETATM 1383 O  O   . HOH J 5 .  ? -6.529  -5.179  20.810  1.00 25.45 ? 2037 HOH A O   1 
HETATM 1384 O  O   . HOH J 5 .  ? -0.480  -6.560  22.198  1.00 16.98 ? 2038 HOH A O   1 
HETATM 1385 O  O   . HOH J 5 .  ? 1.461   -12.212 22.957  1.00 16.74 ? 2039 HOH A O   1 
HETATM 1386 O  O   . HOH J 5 .  ? 2.496   -5.432  23.883  1.00 23.67 ? 2040 HOH A O   1 
HETATM 1387 O  O   . HOH J 5 .  ? 2.730   -11.996 20.187  1.00 30.04 ? 2041 HOH A O   1 
HETATM 1388 O  O   . HOH J 5 .  ? 4.028   -1.514  19.692  1.00 25.00 ? 2042 HOH A O   1 
HETATM 1389 O  O   . HOH J 5 .  ? -4.827  -2.790  20.103  1.00 24.37 ? 2043 HOH A O   1 
HETATM 1390 O  O   . HOH J 5 .  ? -3.301  1.205   20.293  1.00 22.35 ? 2044 HOH A O   1 
HETATM 1391 O  O   . HOH J 5 .  ? -2.205  5.472   20.398  1.00 27.81 ? 2045 HOH A O   1 
HETATM 1392 O  O   . HOH J 5 .  ? -1.595  4.458   12.059  1.00 20.69 ? 2046 HOH A O   1 
HETATM 1393 O  O   . HOH J 5 .  ? -3.937  4.938   9.371   1.00 20.41 ? 2047 HOH A O   1 
HETATM 1394 O  O   . HOH J 5 .  ? -0.007  -17.656 12.017  1.00 16.95 ? 2048 HOH A O   1 
HETATM 1395 O  O   . HOH J 5 .  ? 2.440   -19.230 7.311   1.00 26.72 ? 2049 HOH A O   1 
HETATM 1396 O  O   . HOH J 5 .  ? 9.788   -16.162 7.698   1.00 29.33 ? 2050 HOH A O   1 
HETATM 1397 O  O   . HOH J 5 .  ? 5.193   -7.500  5.718   1.00 16.60 ? 2051 HOH A O   1 
HETATM 1398 O  O   . HOH J 5 .  ? -14.445 -10.453 3.365   1.00 34.03 ? 2052 HOH A O   1 
HETATM 1399 O  O   . HOH J 5 .  ? -10.858 -11.822 2.258   1.00 28.12 ? 2053 HOH A O   1 
HETATM 1400 O  O   . HOH J 5 .  ? -10.342 -15.231 13.123  1.00 34.29 ? 2054 HOH A O   1 
HETATM 1401 O  O   . HOH J 5 .  ? -6.428  -17.064 6.851   1.00 29.67 ? 2055 HOH A O   1 
HETATM 1402 O  O   . HOH J 5 .  ? -2.714  -9.315  -0.489  1.00 16.18 ? 2056 HOH A O   1 
HETATM 1403 O  O   . HOH J 5 .  ? -1.181  -10.715 1.506   1.00 11.63 ? 2057 HOH A O   1 
HETATM 1404 O  O   . HOH K 5 .  ? -9.248  13.878  -10.910 1.00 31.21 ? 2001 HOH B O   1 
HETATM 1405 O  O   . HOH K 5 .  ? -11.725 4.319   -13.710 1.00 6.30  ? 2002 HOH B O   1 
HETATM 1406 O  O   . HOH K 5 .  ? -11.018 1.134   -15.231 1.00 25.04 ? 2003 HOH B O   1 
HETATM 1407 O  O   . HOH K 5 .  ? -15.461 -0.635  -9.172  1.00 25.23 ? 2004 HOH B O   1 
HETATM 1408 O  O   . HOH K 5 .  ? -9.510  -3.000  -16.855 1.00 14.37 ? 2005 HOH B O   1 
HETATM 1409 O  O   . HOH K 5 .  ? -5.230  4.597   -15.406 1.00 20.38 ? 2006 HOH B O   1 
HETATM 1410 O  O   . HOH K 5 .  ? -4.495  2.280   -19.522 1.00 23.36 ? 2007 HOH B O   1 
HETATM 1411 O  O   . HOH K 5 .  ? -3.483  3.913   -17.628 1.00 16.71 ? 2008 HOH B O   1 
HETATM 1412 O  O   . HOH K 5 .  ? 8.256   10.178  -21.963 1.00 23.68 ? 2009 HOH B O   1 
HETATM 1413 O  O   . HOH K 5 .  ? -11.370 0.002   -17.523 1.00 25.74 ? 2010 HOH B O   1 
HETATM 1414 O  O   . HOH K 5 .  ? 14.604  1.954   -5.822  1.00 33.31 ? 2011 HOH B O   1 
HETATM 1415 O  O   . HOH K 5 .  ? -10.942 9.455   -15.425 1.00 19.32 ? 2012 HOH B O   1 
HETATM 1416 O  O   . HOH K 5 .  ? -6.186  14.224  -15.769 1.00 20.61 ? 2013 HOH B O   1 
HETATM 1417 O  O   . HOH K 5 .  ? -5.507  7.404   -22.952 1.00 27.77 ? 2014 HOH B O   1 
HETATM 1418 O  O   . HOH K 5 .  ? -8.713  15.260  -13.729 1.00 28.98 ? 2015 HOH B O   1 
HETATM 1419 O  O   . HOH K 5 .  ? -2.208  16.196  -9.064  1.00 27.33 ? 2016 HOH B O   1 
HETATM 1420 O  O   . HOH K 5 .  ? -3.345  14.270  -5.427  1.00 24.99 ? 2017 HOH B O   1 
HETATM 1421 O  O   . HOH K 5 .  ? 0.792   15.781  -5.902  1.00 22.94 ? 2018 HOH B O   1 
HETATM 1422 O  O   . HOH K 5 .  ? 0.007   16.884  -20.672 1.00 29.08 ? 2019 HOH B O   1 
HETATM 1423 O  O   . HOH K 5 .  ? 2.440   7.456   5.818   1.00 35.03 ? 2020 HOH B O   1 
HETATM 1424 O  O   . HOH K 5 .  ? 6.251   4.700   4.508   1.00 22.94 ? 2021 HOH B O   1 
HETATM 1425 O  O   . HOH K 5 .  ? 7.106   12.537  -1.746  1.00 12.34 ? 2022 HOH B O   1 
HETATM 1426 O  O   . HOH K 5 .  ? 4.919   7.722   -12.061 1.00 11.13 ? 2023 HOH B O   1 
HETATM 1427 O  O   . HOH K 5 .  ? 4.682   12.757  -17.413 1.00 17.74 ? 2024 HOH B O   1 
HETATM 1428 O  O   . HOH K 5 .  ? 6.037   9.670   -20.304 1.00 25.07 ? 2025 HOH B O   1 
HETATM 1429 O  O   . HOH K 5 .  ? 10.232  14.137  -11.681 1.00 17.37 ? 2026 HOH B O   1 
HETATM 1430 O  O   . HOH K 5 .  ? 12.861  4.228   -20.132 1.00 23.10 ? 2027 HOH B O   1 
HETATM 1431 O  O   . HOH K 5 .  ? 14.475  3.314   -8.294  1.00 18.02 ? 2028 HOH B O   1 
HETATM 1432 O  O   . HOH K 5 .  ? 16.171  4.215   -10.541 1.00 11.08 ? 2029 HOH B O   1 
HETATM 1433 O  O   . HOH K 5 .  ? 19.801  3.892   -17.403 1.00 20.79 ? 2030 HOH B O   1 
HETATM 1434 O  O   . HOH K 5 .  ? 9.488   0.321   -15.465 1.00 16.78 ? 2031 HOH B O   1 
HETATM 1435 O  O   . HOH K 5 .  ? 7.131   -1.210  -19.446 1.00 20.87 ? 2032 HOH B O   1 
HETATM 1436 O  O   . HOH K 5 .  ? 13.885  2.176   -21.670 1.00 16.42 ? 2033 HOH B O   1 
HETATM 1437 O  O   . HOH K 5 .  ? 4.814   -5.624  -14.807 1.00 3.02  ? 2034 HOH B O   1 
HETATM 1438 O  O   . HOH K 5 .  ? 0.440   7.484   -22.216 1.00 17.82 ? 2035 HOH B O   1 
HETATM 1439 O  O   . HOH K 5 .  ? 5.623   -1.864  -22.567 1.00 30.15 ? 2036 HOH B O   1 
HETATM 1440 O  O   . HOH K 5 .  ? -1.931  1.460   -20.982 1.00 26.04 ? 2037 HOH B O   1 
HETATM 1441 O  O   . HOH K 5 .  ? -4.477  11.655  -18.934 1.00 16.99 ? 2038 HOH B O   1 
HETATM 1442 O  O   . HOH K 5 .  ? 4.184   11.853  -19.688 1.00 29.34 ? 2039 HOH B O   1 
HETATM 1443 O  O   . HOH K 5 .  ? 2.462   14.975  -19.334 1.00 18.65 ? 2040 HOH B O   1 
HETATM 1444 O  O   . HOH K 5 .  ? 0.454   18.847  -18.937 1.00 26.85 ? 2041 HOH B O   1 
HETATM 1445 O  O   . HOH K 5 .  ? -2.391  23.419  -18.150 1.00 26.23 ? 2042 HOH B O   1 
HETATM 1446 O  O   . HOH K 5 .  ? 2.352   17.520  -7.713  1.00 23.21 ? 2043 HOH B O   1 
HETATM 1447 O  O   . HOH K 5 .  ? 0.051   17.018  -10.694 1.00 17.69 ? 2044 HOH B O   1 
HETATM 1448 O  O   . HOH K 5 .  ? 1.698   -4.592  -13.539 1.00 27.47 ? 2045 HOH B O   1 
HETATM 1449 O  O   . HOH K 5 .  ? -7.928  -5.081  -9.842  1.00 21.44 ? 2046 HOH B O   1 
HETATM 1450 O  O   . HOH K 5 .  ? -4.867  3.133   -6.499  1.00 6.87  ? 2047 HOH B O   1 
HETATM 1451 O  O   . HOH K 5 .  ? -6.480  3.485   -0.241  1.00 32.80 ? 2048 HOH B O   1 
HETATM 1452 O  O   . HOH K 5 .  ? 13.258  14.081  -4.814  1.00 30.19 ? 2049 HOH B O   1 
HETATM 1453 O  O   . HOH K 5 .  ? 11.428  1.136   -3.216  1.00 16.35 ? 2050 HOH B O   1 
HETATM 1454 O  O   . HOH K 5 .  ? 11.600  -0.743  -14.460 0.40 10.02 ? 2051 HOH B O   1 
HETATM 1455 O  O   . HOH K 5 .  ? 8.452   0.179   -4.349  1.00 16.00 ? 2052 HOH B O   1 
HETATM 1456 O  O   . HOH K 5 .  ? 2.983   1.618   -0.043  1.00 25.27 ? 2053 HOH B O   1 
HETATM 1457 O  O   . HOH K 5 .  ? 2.000   0.349   -2.523  1.00 19.03 ? 2054 HOH B O   1 
HETATM 1458 O  O   . HOH K 5 .  ? 10.034  -2.801  -8.921  0.40 6.03  ? 2055 HOH B O   1 
# 
